data_7H2Y
# 
_entry.id   7H2Y 
# 
_audit_conform.dict_name       mmcif_pdbx.dic 
_audit_conform.dict_version    5.397 
_audit_conform.dict_location   http://mmcif.pdb.org/dictionaries/ascii/mmcif_pdbx.dic 
# 
loop_
_database_2.database_id 
_database_2.database_code 
_database_2.pdbx_database_accession 
_database_2.pdbx_DOI 
PDB   7H2Y         pdb_00007h2y 10.2210/pdb7h2y/pdb 
WWPDB D_1001406957 ?            ?                   
# 
loop_
_pdbx_audit_revision_history.ordinal 
_pdbx_audit_revision_history.data_content_type 
_pdbx_audit_revision_history.major_revision 
_pdbx_audit_revision_history.minor_revision 
_pdbx_audit_revision_history.revision_date 
1 'Structure model' 1 0 2024-04-24 
2 'Structure model' 1 1 2024-10-16 
# 
_pdbx_audit_revision_details.ordinal             1 
_pdbx_audit_revision_details.revision_ordinal    1 
_pdbx_audit_revision_details.data_content_type   'Structure model' 
_pdbx_audit_revision_details.provider            repository 
_pdbx_audit_revision_details.type                'Initial release' 
_pdbx_audit_revision_details.description         ? 
_pdbx_audit_revision_details.details             ? 
# 
loop_
_pdbx_audit_revision_group.ordinal 
_pdbx_audit_revision_group.revision_ordinal 
_pdbx_audit_revision_group.data_content_type 
_pdbx_audit_revision_group.group 
1 2 'Structure model' 'Database references' 
2 2 'Structure model' 'Structure summary'   
# 
loop_
_pdbx_audit_revision_category.ordinal 
_pdbx_audit_revision_category.revision_ordinal 
_pdbx_audit_revision_category.data_content_type 
_pdbx_audit_revision_category.category 
1 2 'Structure model' citation           
2 2 'Structure model' citation_author    
3 2 'Structure model' pdbx_entry_details 
# 
loop_
_pdbx_audit_revision_item.ordinal 
_pdbx_audit_revision_item.revision_ordinal 
_pdbx_audit_revision_item.data_content_type 
_pdbx_audit_revision_item.item 
1 2 'Structure model' '_citation.country'                 
2 2 'Structure model' '_citation.journal_abbrev'          
3 2 'Structure model' '_citation.journal_id_CSD'          
4 2 'Structure model' '_citation.journal_id_ISSN'         
5 2 'Structure model' '_citation.pdbx_database_id_DOI'    
6 2 'Structure model' '_citation.pdbx_database_id_PubMed' 
7 2 'Structure model' '_citation.title'                   
8 2 'Structure model' '_citation.year'                    
# 
_pdbx_database_status.entry_id                        7H2Y 
_pdbx_database_status.status_code                     REL 
_pdbx_database_status.status_code_sf                  REL 
_pdbx_database_status.status_code_mr                  ? 
_pdbx_database_status.status_code_cs                  ? 
_pdbx_database_status.recvd_initial_deposition_date   2024-04-04 
_pdbx_database_status.status_code_nmr_data            ? 
_pdbx_database_status.deposit_site                    RCSB 
_pdbx_database_status.process_site                    RCSB 
_pdbx_database_status.SG_entry                        ? 
_pdbx_database_status.pdb_format_compatible           Y 
_pdbx_database_status.methods_development_category    ? 
# 
_pdbx_contact_author.id                 1 
_pdbx_contact_author.email              frank.von-delft@diamond.ac.uk 
_pdbx_contact_author.name_first         Frank 
_pdbx_contact_author.name_last          'von Delft' 
_pdbx_contact_author.role               'principal investigator/group leader' 
_pdbx_contact_author.identifier_ORCID   0000-0003-0378-0017 
_pdbx_contact_author.name_mi            ? 
# 
loop_
_audit_author.name 
_audit_author.pdbx_ordinal 
'Lithgo, R.M.'        1  
'Fairhead, M.'        2  
'Koekemoer, L.'       3  
'Balcomb, B.H.'       4  
'Capkin, E.'          5  
'Chandran, A.V.'      6  
'Golding, M.'         7  
'Godoy, A.S.'         8  
'Aschenbrenner, J.C.' 9  
'Marples, P.G.'       10 
'Ni, X.'              11 
'Thompson, W.'        12 
'Tomlinson, C.W.E.'   13 
'Wild, C.'            14 
'Winokan, M.'         15 
'Xavier, M.-A.E.'     16 
'Fearon, D.'          17 
'von Delft, F.'       18 
# 
_citation.id                        primary 
_citation.title                     
;Crystallographic Fragment Screen of Coxsackievirus A16 2A Protease identifies new opportunities for the development of broad-spectrum anti-enterovirals.
;
_citation.journal_abbrev            Biorxiv 
_citation.journal_volume            ? 
_citation.page_first                ? 
_citation.page_last                 ? 
_citation.year                      2024 
_citation.journal_id_ASTM           ? 
_citation.country                   US 
_citation.journal_id_ISSN           2692-8205 
_citation.journal_id_CSD            ? 
_citation.book_publisher            ? 
_citation.pdbx_database_id_PubMed   38746446 
_citation.pdbx_database_id_DOI      10.1101/2024.04.29.591684 
# 
loop_
_citation_author.citation_id 
_citation_author.name 
_citation_author.identifier_ORCID 
_citation_author.ordinal 
primary 'Lithgo, R.M.'        0000-0002-4706-9916 1  
primary 'Tomlinson, C.W.E.'   0000-0002-1845-6028 2  
primary 'Fairhead, M.'        0000-0001-5361-3933 3  
primary 'Winokan, M.'         ?                   4  
primary 'Thompson, W.'        0000-0003-1474-7810 5  
primary 'Wild, C.'            0000-0003-0654-8141 6  
primary 'Aschenbrenner, J.C.' 0000-0002-4318-0481 7  
primary 'Balcomb, B.H.'       0000-0001-7599-8467 8  
primary 'Marples, P.G.'       0000-0002-8787-7969 9  
primary 'Chandran, A.V.'      0000-0001-9942-2614 10 
primary 'Golding, M.'         0009-0004-7472-8333 11 
primary 'Koekemoer, L.'       0000-0001-9226-9127 12 
primary 'Williams, E.P.'      0000-0002-1331-9518 13 
primary 'Wang, S.'            ?                   14 
primary 'Ni, X.'              0000-0002-7769-8297 15 
primary 'MacLean, E.'         0000-0003-1680-4292 16 
primary 'Giroud, C.'          0000-0002-1629-1581 17 
primary 'Godoy, A.S.'         0000-0002-0613-9164 18 
primary 'Xavier, M.A.'        0000-0002-1709-9479 19 
primary 'Walsh, M.'           0000-0001-5683-1151 20 
primary 'Fearon, D.'          0000-0003-3529-7863 21 
primary 'von Delft, F.'       0000-0003-0378-0017 22 
# 
loop_
_entity.id 
_entity.type 
_entity.src_method 
_entity.pdbx_description 
_entity.formula_weight 
_entity.pdbx_number_of_molecules 
_entity.pdbx_ec 
_entity.pdbx_mutation 
_entity.pdbx_fragment 
_entity.details 
1 polymer     man 'Protease 2A'                       16493.311 1   3.4.22.29 ? ? ? 
2 non-polymer man '1-(methanesulfonyl)piperidin-4-ol' 179.237   1   ?         ? ? ? 
3 non-polymer syn 'ZINC ION'                          65.409    1   ?         ? ? ? 
4 non-polymer syn 'DIMETHYL SULFOXIDE'                78.133    4   ?         ? ? ? 
5 non-polymer syn 'SULFATE ION'                       96.063    1   ?         ? ? ? 
6 water       nat water                               18.015    236 ?         ? ? ? 
# 
_entity_name_com.entity_id   1 
_entity_name_com.name        'P2A,Picornain 2A,Protein 2A' 
# 
_entity_poly.entity_id                      1 
_entity_poly.type                           'polypeptide(L)' 
_entity_poly.nstd_linkage                   no 
_entity_poly.nstd_monomer                   no 
_entity_poly.pdbx_seq_one_letter_code       
;QEQTGGSGAIYVGNYRVVNRHLATHNDWANLVWEDSSRDLLVSSTTAQGCDTIARCDCQTGVYYCSSRRKHYPVSFSKPS
LIFVEASEYYPARYQSHLMLAVGHSEPGDCGGILRCQHGVVGIVSTGGNGLVGFADVRDLLWLDEEAMEQ
;
_entity_poly.pdbx_seq_one_letter_code_can   
;QEQTGGSGAIYVGNYRVVNRHLATHNDWANLVWEDSSRDLLVSSTTAQGCDTIARCDCQTGVYYCSSRRKHYPVSFSKPS
LIFVEASEYYPARYQSHLMLAVGHSEPGDCGGILRCQHGVVGIVSTGGNGLVGFADVRDLLWLDEEAMEQ
;
_entity_poly.pdbx_strand_id                 A 
_entity_poly.pdbx_target_identifier         ? 
# 
loop_
_pdbx_entity_nonpoly.entity_id 
_pdbx_entity_nonpoly.name 
_pdbx_entity_nonpoly.comp_id 
2 '1-(methanesulfonyl)piperidin-4-ol' LPU 
3 'ZINC ION'                          ZN  
4 'DIMETHYL SULFOXIDE'                DMS 
5 'SULFATE ION'                       SO4 
6 water                               HOH 
# 
loop_
_entity_poly_seq.entity_id 
_entity_poly_seq.num 
_entity_poly_seq.mon_id 
_entity_poly_seq.hetero 
1 1   GLN n 
1 2   GLU n 
1 3   GLN n 
1 4   THR n 
1 5   GLY n 
1 6   GLY n 
1 7   SER n 
1 8   GLY n 
1 9   ALA n 
1 10  ILE n 
1 11  TYR n 
1 12  VAL n 
1 13  GLY n 
1 14  ASN n 
1 15  TYR n 
1 16  ARG n 
1 17  VAL n 
1 18  VAL n 
1 19  ASN n 
1 20  ARG n 
1 21  HIS n 
1 22  LEU n 
1 23  ALA n 
1 24  THR n 
1 25  HIS n 
1 26  ASN n 
1 27  ASP n 
1 28  TRP n 
1 29  ALA n 
1 30  ASN n 
1 31  LEU n 
1 32  VAL n 
1 33  TRP n 
1 34  GLU n 
1 35  ASP n 
1 36  SER n 
1 37  SER n 
1 38  ARG n 
1 39  ASP n 
1 40  LEU n 
1 41  LEU n 
1 42  VAL n 
1 43  SER n 
1 44  SER n 
1 45  THR n 
1 46  THR n 
1 47  ALA n 
1 48  GLN n 
1 49  GLY n 
1 50  CYS n 
1 51  ASP n 
1 52  THR n 
1 53  ILE n 
1 54  ALA n 
1 55  ARG n 
1 56  CYS n 
1 57  ASP n 
1 58  CYS n 
1 59  GLN n 
1 60  THR n 
1 61  GLY n 
1 62  VAL n 
1 63  TYR n 
1 64  TYR n 
1 65  CYS n 
1 66  SER n 
1 67  SER n 
1 68  ARG n 
1 69  ARG n 
1 70  LYS n 
1 71  HIS n 
1 72  TYR n 
1 73  PRO n 
1 74  VAL n 
1 75  SER n 
1 76  PHE n 
1 77  SER n 
1 78  LYS n 
1 79  PRO n 
1 80  SER n 
1 81  LEU n 
1 82  ILE n 
1 83  PHE n 
1 84  VAL n 
1 85  GLU n 
1 86  ALA n 
1 87  SER n 
1 88  GLU n 
1 89  TYR n 
1 90  TYR n 
1 91  PRO n 
1 92  ALA n 
1 93  ARG n 
1 94  TYR n 
1 95  GLN n 
1 96  SER n 
1 97  HIS n 
1 98  LEU n 
1 99  MET n 
1 100 LEU n 
1 101 ALA n 
1 102 VAL n 
1 103 GLY n 
1 104 HIS n 
1 105 SER n 
1 106 GLU n 
1 107 PRO n 
1 108 GLY n 
1 109 ASP n 
1 110 CYS n 
1 111 GLY n 
1 112 GLY n 
1 113 ILE n 
1 114 LEU n 
1 115 ARG n 
1 116 CYS n 
1 117 GLN n 
1 118 HIS n 
1 119 GLY n 
1 120 VAL n 
1 121 VAL n 
1 122 GLY n 
1 123 ILE n 
1 124 VAL n 
1 125 SER n 
1 126 THR n 
1 127 GLY n 
1 128 GLY n 
1 129 ASN n 
1 130 GLY n 
1 131 LEU n 
1 132 VAL n 
1 133 GLY n 
1 134 PHE n 
1 135 ALA n 
1 136 ASP n 
1 137 VAL n 
1 138 ARG n 
1 139 ASP n 
1 140 LEU n 
1 141 LEU n 
1 142 TRP n 
1 143 LEU n 
1 144 ASP n 
1 145 GLU n 
1 146 GLU n 
1 147 ALA n 
1 148 MET n 
1 149 GLU n 
1 150 GLN n 
# 
loop_
_entity_src_gen.entity_id 
_entity_src_gen.pdbx_src_id 
_entity_src_gen.pdbx_alt_source_flag 
_entity_src_gen.pdbx_seq_type 
_entity_src_gen.pdbx_beg_seq_num 
_entity_src_gen.pdbx_end_seq_num 
_entity_src_gen.gene_src_common_name 
_entity_src_gen.gene_src_genus 
_entity_src_gen.pdbx_gene_src_gene 
_entity_src_gen.gene_src_species 
_entity_src_gen.gene_src_strain 
_entity_src_gen.gene_src_tissue 
_entity_src_gen.gene_src_tissue_fraction 
_entity_src_gen.gene_src_details 
_entity_src_gen.pdbx_gene_src_fragment 
_entity_src_gen.pdbx_gene_src_scientific_name 
_entity_src_gen.pdbx_gene_src_ncbi_taxonomy_id 
_entity_src_gen.pdbx_gene_src_variant 
_entity_src_gen.pdbx_gene_src_cell_line 
_entity_src_gen.pdbx_gene_src_atcc 
_entity_src_gen.pdbx_gene_src_organ 
_entity_src_gen.pdbx_gene_src_organelle 
_entity_src_gen.pdbx_gene_src_cell 
_entity_src_gen.pdbx_gene_src_cellular_location 
_entity_src_gen.host_org_common_name 
_entity_src_gen.pdbx_host_org_scientific_name 
_entity_src_gen.pdbx_host_org_ncbi_taxonomy_id 
_entity_src_gen.host_org_genus 
_entity_src_gen.pdbx_host_org_gene 
_entity_src_gen.pdbx_host_org_organ 
_entity_src_gen.host_org_species 
_entity_src_gen.pdbx_host_org_tissue 
_entity_src_gen.pdbx_host_org_tissue_fraction 
_entity_src_gen.pdbx_host_org_strain 
_entity_src_gen.pdbx_host_org_variant 
_entity_src_gen.pdbx_host_org_cell_line 
_entity_src_gen.pdbx_host_org_atcc 
_entity_src_gen.pdbx_host_org_culture_collection 
_entity_src_gen.pdbx_host_org_cell 
_entity_src_gen.pdbx_host_org_organelle 
_entity_src_gen.pdbx_host_org_cellular_location 
_entity_src_gen.pdbx_host_org_vector_type 
_entity_src_gen.pdbx_host_org_vector 
_entity_src_gen.host_org_details 
_entity_src_gen.expression_system_id 
_entity_src_gen.plasmid_name 
_entity_src_gen.plasmid_details 
_entity_src_gen.pdbx_description 
1 1 sample 'Biological sequence' 1 150 ? ? ? ? ? ? ? ? ? 'Coxsackievirus A16' 31704 ? ? ? ? ? ? ? ? 'Escherichia coli' 562 ? ? ? ? 
? ? ? ? ? ? ? ? ? ? ? ? ? ? ? ? ? 
2 1 sample ?                     ? ?   ? ? ? ? ? ? ? ? ? 'Coxsackievirus A16' 31704 ? ? ? ? ? ? ? ? 'Escherichia coli' 562 ? ? ? ? 
? ? ? ? ? ? ? ? ? ? ? ? ? ? ? ? ? 
# 
loop_
_chem_comp.id 
_chem_comp.type 
_chem_comp.mon_nstd_flag 
_chem_comp.name 
_chem_comp.pdbx_synonyms 
_chem_comp.formula 
_chem_comp.formula_weight 
ALA 'L-peptide linking' y ALANINE                             ? 'C3 H7 N O2'     89.093  
ARG 'L-peptide linking' y ARGININE                            ? 'C6 H15 N4 O2 1' 175.209 
ASN 'L-peptide linking' y ASPARAGINE                          ? 'C4 H8 N2 O3'    132.118 
ASP 'L-peptide linking' y 'ASPARTIC ACID'                     ? 'C4 H7 N O4'     133.103 
CYS 'L-peptide linking' y CYSTEINE                            ? 'C3 H7 N O2 S'   121.158 
DMS non-polymer         . 'DIMETHYL SULFOXIDE'                ? 'C2 H6 O S'      78.133  
GLN 'L-peptide linking' y GLUTAMINE                           ? 'C5 H10 N2 O3'   146.144 
GLU 'L-peptide linking' y 'GLUTAMIC ACID'                     ? 'C5 H9 N O4'     147.129 
GLY 'peptide linking'   y GLYCINE                             ? 'C2 H5 N O2'     75.067  
HIS 'L-peptide linking' y HISTIDINE                           ? 'C6 H10 N3 O2 1' 156.162 
HOH non-polymer         . WATER                               ? 'H2 O'           18.015  
ILE 'L-peptide linking' y ISOLEUCINE                          ? 'C6 H13 N O2'    131.173 
LEU 'L-peptide linking' y LEUCINE                             ? 'C6 H13 N O2'    131.173 
LPU non-polymer         . '1-(methanesulfonyl)piperidin-4-ol' ? 'C6 H13 N O3 S'  179.237 
LYS 'L-peptide linking' y LYSINE                              ? 'C6 H15 N2 O2 1' 147.195 
MET 'L-peptide linking' y METHIONINE                          ? 'C5 H11 N O2 S'  149.211 
PHE 'L-peptide linking' y PHENYLALANINE                       ? 'C9 H11 N O2'    165.189 
PRO 'L-peptide linking' y PROLINE                             ? 'C5 H9 N O2'     115.130 
SER 'L-peptide linking' y SERINE                              ? 'C3 H7 N O3'     105.093 
SO4 non-polymer         . 'SULFATE ION'                       ? 'O4 S -2'        96.063  
THR 'L-peptide linking' y THREONINE                           ? 'C4 H9 N O3'     119.119 
TRP 'L-peptide linking' y TRYPTOPHAN                          ? 'C11 H12 N2 O2'  204.225 
TYR 'L-peptide linking' y TYROSINE                            ? 'C9 H11 N O3'    181.189 
VAL 'L-peptide linking' y VALINE                              ? 'C5 H11 N O2'    117.146 
ZN  non-polymer         . 'ZINC ION'                          ? 'Zn 2'           65.409  
# 
loop_
_pdbx_poly_seq_scheme.asym_id 
_pdbx_poly_seq_scheme.entity_id 
_pdbx_poly_seq_scheme.seq_id 
_pdbx_poly_seq_scheme.mon_id 
_pdbx_poly_seq_scheme.ndb_seq_num 
_pdbx_poly_seq_scheme.pdb_seq_num 
_pdbx_poly_seq_scheme.auth_seq_num 
_pdbx_poly_seq_scheme.pdb_mon_id 
_pdbx_poly_seq_scheme.auth_mon_id 
_pdbx_poly_seq_scheme.pdb_strand_id 
_pdbx_poly_seq_scheme.pdb_ins_code 
_pdbx_poly_seq_scheme.hetero 
A 1 1   GLN 1   1   ?   ?   ?   A . n 
A 1 2   GLU 2   2   ?   ?   ?   A . n 
A 1 3   GLN 3   3   ?   ?   ?   A . n 
A 1 4   THR 4   4   ?   ?   ?   A . n 
A 1 5   GLY 5   5   ?   ?   ?   A . n 
A 1 6   GLY 6   6   ?   ?   ?   A . n 
A 1 7   SER 7   7   7   SER SER A . n 
A 1 8   GLY 8   8   8   GLY GLY A . n 
A 1 9   ALA 9   9   9   ALA ALA A . n 
A 1 10  ILE 10  10  10  ILE ILE A . n 
A 1 11  TYR 11  11  11  TYR TYR A . n 
A 1 12  VAL 12  12  12  VAL VAL A . n 
A 1 13  GLY 13  13  13  GLY GLY A . n 
A 1 14  ASN 14  14  14  ASN ASN A . n 
A 1 15  TYR 15  15  15  TYR TYR A . n 
A 1 16  ARG 16  16  16  ARG ARG A . n 
A 1 17  VAL 17  17  17  VAL VAL A . n 
A 1 18  VAL 18  18  18  VAL VAL A . n 
A 1 19  ASN 19  19  19  ASN ASN A . n 
A 1 20  ARG 20  20  20  ARG ARG A . n 
A 1 21  HIS 21  21  21  HIS HIS A . n 
A 1 22  LEU 22  22  22  LEU LEU A . n 
A 1 23  ALA 23  23  23  ALA ALA A . n 
A 1 24  THR 24  24  24  THR THR A . n 
A 1 25  HIS 25  25  25  HIS HIS A . n 
A 1 26  ASN 26  26  26  ASN ASN A . n 
A 1 27  ASP 27  27  27  ASP ASP A . n 
A 1 28  TRP 28  28  28  TRP TRP A . n 
A 1 29  ALA 29  29  29  ALA ALA A . n 
A 1 30  ASN 30  30  30  ASN ASN A . n 
A 1 31  LEU 31  31  31  LEU LEU A . n 
A 1 32  VAL 32  32  32  VAL VAL A . n 
A 1 33  TRP 33  33  33  TRP TRP A . n 
A 1 34  GLU 34  34  34  GLU GLU A . n 
A 1 35  ASP 35  35  35  ASP ASP A . n 
A 1 36  SER 36  36  36  SER SER A . n 
A 1 37  SER 37  37  37  SER SER A . n 
A 1 38  ARG 38  38  38  ARG ARG A . n 
A 1 39  ASP 39  39  39  ASP ASP A . n 
A 1 40  LEU 40  40  40  LEU LEU A . n 
A 1 41  LEU 41  41  41  LEU LEU A . n 
A 1 42  VAL 42  42  42  VAL VAL A . n 
A 1 43  SER 43  43  43  SER SER A . n 
A 1 44  SER 44  44  44  SER SER A . n 
A 1 45  THR 45  45  45  THR THR A . n 
A 1 46  THR 46  46  46  THR THR A . n 
A 1 47  ALA 47  47  47  ALA ALA A . n 
A 1 48  GLN 48  48  48  GLN GLN A . n 
A 1 49  GLY 49  49  49  GLY GLY A . n 
A 1 50  CYS 50  50  50  CYS CYS A . n 
A 1 51  ASP 51  51  51  ASP ASP A . n 
A 1 52  THR 52  52  52  THR THR A . n 
A 1 53  ILE 53  53  53  ILE ILE A . n 
A 1 54  ALA 54  54  54  ALA ALA A . n 
A 1 55  ARG 55  55  55  ARG ARG A . n 
A 1 56  CYS 56  56  56  CYS CYS A . n 
A 1 57  ASP 57  57  57  ASP ASP A . n 
A 1 58  CYS 58  58  58  CYS CYS A . n 
A 1 59  GLN 59  59  59  GLN GLN A . n 
A 1 60  THR 60  60  60  THR THR A . n 
A 1 61  GLY 61  61  61  GLY GLY A . n 
A 1 62  VAL 62  62  62  VAL VAL A . n 
A 1 63  TYR 63  63  63  TYR TYR A . n 
A 1 64  TYR 64  64  64  TYR TYR A . n 
A 1 65  CYS 65  65  65  CYS CYS A . n 
A 1 66  SER 66  66  66  SER SER A . n 
A 1 67  SER 67  67  67  SER SER A . n 
A 1 68  ARG 68  68  68  ARG ARG A . n 
A 1 69  ARG 69  69  69  ARG ARG A . n 
A 1 70  LYS 70  70  70  LYS LYS A . n 
A 1 71  HIS 71  71  71  HIS HIS A . n 
A 1 72  TYR 72  72  72  TYR TYR A . n 
A 1 73  PRO 73  73  73  PRO PRO A . n 
A 1 74  VAL 74  74  74  VAL VAL A . n 
A 1 75  SER 75  75  75  SER SER A . n 
A 1 76  PHE 76  76  76  PHE PHE A . n 
A 1 77  SER 77  77  77  SER SER A . n 
A 1 78  LYS 78  78  78  LYS LYS A . n 
A 1 79  PRO 79  79  79  PRO PRO A . n 
A 1 80  SER 80  80  80  SER SER A . n 
A 1 81  LEU 81  81  81  LEU LEU A . n 
A 1 82  ILE 82  82  82  ILE ILE A . n 
A 1 83  PHE 83  83  83  PHE PHE A . n 
A 1 84  VAL 84  84  84  VAL VAL A . n 
A 1 85  GLU 85  85  85  GLU GLU A . n 
A 1 86  ALA 86  86  86  ALA ALA A . n 
A 1 87  SER 87  87  87  SER SER A . n 
A 1 88  GLU 88  88  88  GLU GLU A . n 
A 1 89  TYR 89  89  89  TYR TYR A . n 
A 1 90  TYR 90  90  90  TYR TYR A . n 
A 1 91  PRO 91  91  91  PRO PRO A . n 
A 1 92  ALA 92  92  92  ALA ALA A . n 
A 1 93  ARG 93  93  93  ARG ARG A . n 
A 1 94  TYR 94  94  94  TYR TYR A . n 
A 1 95  GLN 95  95  95  GLN GLN A . n 
A 1 96  SER 96  96  96  SER SER A . n 
A 1 97  HIS 97  97  97  HIS HIS A . n 
A 1 98  LEU 98  98  98  LEU LEU A . n 
A 1 99  MET 99  99  99  MET MET A . n 
A 1 100 LEU 100 100 100 LEU LEU A . n 
A 1 101 ALA 101 101 101 ALA ALA A . n 
A 1 102 VAL 102 102 102 VAL VAL A . n 
A 1 103 GLY 103 103 103 GLY GLY A . n 
A 1 104 HIS 104 104 104 HIS HIS A . n 
A 1 105 SER 105 105 105 SER SER A . n 
A 1 106 GLU 106 106 106 GLU GLU A . n 
A 1 107 PRO 107 107 107 PRO PRO A . n 
A 1 108 GLY 108 108 108 GLY GLY A . n 
A 1 109 ASP 109 109 109 ASP ASP A . n 
A 1 110 CYS 110 110 110 CYS CYS A . n 
A 1 111 GLY 111 111 111 GLY GLY A . n 
A 1 112 GLY 112 112 112 GLY GLY A . n 
A 1 113 ILE 113 113 113 ILE ILE A . n 
A 1 114 LEU 114 114 114 LEU LEU A . n 
A 1 115 ARG 115 115 115 ARG ARG A . n 
A 1 116 CYS 116 116 116 CYS CYS A . n 
A 1 117 GLN 117 117 117 GLN GLN A . n 
A 1 118 HIS 118 118 118 HIS HIS A . n 
A 1 119 GLY 119 119 119 GLY GLY A . n 
A 1 120 VAL 120 120 120 VAL VAL A . n 
A 1 121 VAL 121 121 121 VAL VAL A . n 
A 1 122 GLY 122 122 122 GLY GLY A . n 
A 1 123 ILE 123 123 123 ILE ILE A . n 
A 1 124 VAL 124 124 124 VAL VAL A . n 
A 1 125 SER 125 125 125 SER SER A . n 
A 1 126 THR 126 126 126 THR THR A . n 
A 1 127 GLY 127 127 127 GLY GLY A . n 
A 1 128 GLY 128 128 128 GLY GLY A . n 
A 1 129 ASN 129 129 129 ASN ASN A . n 
A 1 130 GLY 130 130 130 GLY GLY A . n 
A 1 131 LEU 131 131 131 LEU LEU A . n 
A 1 132 VAL 132 132 132 VAL VAL A . n 
A 1 133 GLY 133 133 133 GLY GLY A . n 
A 1 134 PHE 134 134 134 PHE PHE A . n 
A 1 135 ALA 135 135 135 ALA ALA A . n 
A 1 136 ASP 136 136 136 ASP ASP A . n 
A 1 137 VAL 137 137 137 VAL VAL A . n 
A 1 138 ARG 138 138 138 ARG ARG A . n 
A 1 139 ASP 139 139 139 ASP ASP A . n 
A 1 140 LEU 140 140 140 LEU LEU A . n 
A 1 141 LEU 141 141 141 LEU LEU A . n 
A 1 142 TRP 142 142 142 TRP TRP A . n 
A 1 143 LEU 143 143 143 LEU LEU A . n 
A 1 144 ASP 144 144 144 ASP ASP A . n 
A 1 145 GLU 145 145 145 GLU GLU A . n 
A 1 146 GLU 146 146 146 GLU GLU A . n 
A 1 147 ALA 147 147 ?   ?   ?   A . n 
A 1 148 MET 148 148 ?   ?   ?   A . n 
A 1 149 GLU 149 149 ?   ?   ?   A . n 
A 1 150 GLN 150 150 ?   ?   ?   A . n 
# 
loop_
_pdbx_nonpoly_scheme.asym_id 
_pdbx_nonpoly_scheme.entity_id 
_pdbx_nonpoly_scheme.mon_id 
_pdbx_nonpoly_scheme.ndb_seq_num 
_pdbx_nonpoly_scheme.pdb_seq_num 
_pdbx_nonpoly_scheme.auth_seq_num 
_pdbx_nonpoly_scheme.pdb_mon_id 
_pdbx_nonpoly_scheme.auth_mon_id 
_pdbx_nonpoly_scheme.pdb_strand_id 
_pdbx_nonpoly_scheme.pdb_ins_code 
B 2 LPU 1   201 147 LPU LIG A . 
C 3 ZN  1   202 1   ZN  ZN  A . 
D 4 DMS 1   203 -1  DMS DMS A . 
E 4 DMS 1   204 0   DMS DMS A . 
F 4 DMS 1   205 1   DMS DMS A . 
G 4 DMS 1   206 3   DMS DMS A . 
H 5 SO4 1   207 1   SO4 SO4 A . 
I 6 HOH 1   301 137 HOH HOH A . 
I 6 HOH 2   302 227 HOH HOH A . 
I 6 HOH 3   303 238 HOH HOH A . 
I 6 HOH 4   304 3   HOH HOH A . 
I 6 HOH 5   305 131 HOH HOH A . 
I 6 HOH 6   306 103 HOH HOH A . 
I 6 HOH 7   307 94  HOH HOH A . 
I 6 HOH 8   308 215 HOH HOH A . 
I 6 HOH 9   309 186 HOH HOH A . 
I 6 HOH 10  310 217 HOH HOH A . 
I 6 HOH 11  311 77  HOH HOH A . 
I 6 HOH 12  312 245 HOH HOH A . 
I 6 HOH 13  313 34  HOH HOH A . 
I 6 HOH 14  314 108 HOH HOH A . 
I 6 HOH 15  315 148 HOH HOH A . 
I 6 HOH 16  316 181 HOH HOH A . 
I 6 HOH 17  317 250 HOH HOH A . 
I 6 HOH 18  318 79  HOH HOH A . 
I 6 HOH 19  319 180 HOH HOH A . 
I 6 HOH 20  320 107 HOH HOH A . 
I 6 HOH 21  321 249 HOH HOH A . 
I 6 HOH 22  322 121 HOH HOH A . 
I 6 HOH 23  323 193 HOH HOH A . 
I 6 HOH 24  324 191 HOH HOH A . 
I 6 HOH 25  325 57  HOH HOH A . 
I 6 HOH 26  326 234 HOH HOH A . 
I 6 HOH 27  327 205 HOH HOH A . 
I 6 HOH 28  328 152 HOH HOH A . 
I 6 HOH 29  329 173 HOH HOH A . 
I 6 HOH 30  330 72  HOH HOH A . 
I 6 HOH 31  331 68  HOH HOH A . 
I 6 HOH 32  332 178 HOH HOH A . 
I 6 HOH 33  333 4   HOH HOH A . 
I 6 HOH 34  334 104 HOH HOH A . 
I 6 HOH 35  335 133 HOH HOH A . 
I 6 HOH 36  336 168 HOH HOH A . 
I 6 HOH 37  337 16  HOH HOH A . 
I 6 HOH 38  338 30  HOH HOH A . 
I 6 HOH 39  339 59  HOH HOH A . 
I 6 HOH 40  340 37  HOH HOH A . 
I 6 HOH 41  341 24  HOH HOH A . 
I 6 HOH 42  342 147 HOH HOH A . 
I 6 HOH 43  343 21  HOH HOH A . 
I 6 HOH 44  344 60  HOH HOH A . 
I 6 HOH 45  345 116 HOH HOH A . 
I 6 HOH 46  346 211 HOH HOH A . 
I 6 HOH 47  347 183 HOH HOH A . 
I 6 HOH 48  348 119 HOH HOH A . 
I 6 HOH 49  349 216 HOH HOH A . 
I 6 HOH 50  350 67  HOH HOH A . 
I 6 HOH 51  351 7   HOH HOH A . 
I 6 HOH 52  352 88  HOH HOH A . 
I 6 HOH 53  353 28  HOH HOH A . 
I 6 HOH 54  354 33  HOH HOH A . 
I 6 HOH 55  355 13  HOH HOH A . 
I 6 HOH 56  356 248 HOH HOH A . 
I 6 HOH 57  357 53  HOH HOH A . 
I 6 HOH 58  358 2   HOH HOH A . 
I 6 HOH 59  359 81  HOH HOH A . 
I 6 HOH 60  360 109 HOH HOH A . 
I 6 HOH 61  361 219 HOH HOH A . 
I 6 HOH 62  362 141 HOH HOH A . 
I 6 HOH 63  363 144 HOH HOH A . 
I 6 HOH 64  364 29  HOH HOH A . 
I 6 HOH 65  365 111 HOH HOH A . 
I 6 HOH 66  366 49  HOH HOH A . 
I 6 HOH 67  367 91  HOH HOH A . 
I 6 HOH 68  368 43  HOH HOH A . 
I 6 HOH 69  369 161 HOH HOH A . 
I 6 HOH 70  370 26  HOH HOH A . 
I 6 HOH 71  371 46  HOH HOH A . 
I 6 HOH 72  372 25  HOH HOH A . 
I 6 HOH 73  373 97  HOH HOH A . 
I 6 HOH 74  374 124 HOH HOH A . 
I 6 HOH 75  375 90  HOH HOH A . 
I 6 HOH 76  376 52  HOH HOH A . 
I 6 HOH 77  377 9   HOH HOH A . 
I 6 HOH 78  378 48  HOH HOH A . 
I 6 HOH 79  379 167 HOH HOH A . 
I 6 HOH 80  380 96  HOH HOH A . 
I 6 HOH 81  381 63  HOH HOH A . 
I 6 HOH 82  382 27  HOH HOH A . 
I 6 HOH 83  383 70  HOH HOH A . 
I 6 HOH 84  384 19  HOH HOH A . 
I 6 HOH 85  385 138 HOH HOH A . 
I 6 HOH 86  386 36  HOH HOH A . 
I 6 HOH 87  387 45  HOH HOH A . 
I 6 HOH 88  388 169 HOH HOH A . 
I 6 HOH 89  389 12  HOH HOH A . 
I 6 HOH 90  390 18  HOH HOH A . 
I 6 HOH 91  391 106 HOH HOH A . 
I 6 HOH 92  392 126 HOH HOH A . 
I 6 HOH 93  393 82  HOH HOH A . 
I 6 HOH 94  394 62  HOH HOH A . 
I 6 HOH 95  395 174 HOH HOH A . 
I 6 HOH 96  396 50  HOH HOH A . 
I 6 HOH 97  397 112 HOH HOH A . 
I 6 HOH 98  398 113 HOH HOH A . 
I 6 HOH 99  399 84  HOH HOH A . 
I 6 HOH 100 400 15  HOH HOH A . 
I 6 HOH 101 401 14  HOH HOH A . 
I 6 HOH 102 402 39  HOH HOH A . 
I 6 HOH 103 403 155 HOH HOH A . 
I 6 HOH 104 404 55  HOH HOH A . 
I 6 HOH 105 405 204 HOH HOH A . 
I 6 HOH 106 406 71  HOH HOH A . 
I 6 HOH 107 407 20  HOH HOH A . 
I 6 HOH 108 408 47  HOH HOH A . 
I 6 HOH 109 409 170 HOH HOH A . 
I 6 HOH 110 410 179 HOH HOH A . 
I 6 HOH 111 411 5   HOH HOH A . 
I 6 HOH 112 412 95  HOH HOH A . 
I 6 HOH 113 413 146 HOH HOH A . 
I 6 HOH 114 414 136 HOH HOH A . 
I 6 HOH 115 415 182 HOH HOH A . 
I 6 HOH 116 416 100 HOH HOH A . 
I 6 HOH 117 417 17  HOH HOH A . 
I 6 HOH 118 418 197 HOH HOH A . 
I 6 HOH 119 419 8   HOH HOH A . 
I 6 HOH 120 420 42  HOH HOH A . 
I 6 HOH 121 421 177 HOH HOH A . 
I 6 HOH 122 422 93  HOH HOH A . 
I 6 HOH 123 423 120 HOH HOH A . 
I 6 HOH 124 424 195 HOH HOH A . 
I 6 HOH 125 425 66  HOH HOH A . 
I 6 HOH 126 426 41  HOH HOH A . 
I 6 HOH 127 427 105 HOH HOH A . 
I 6 HOH 128 428 214 HOH HOH A . 
I 6 HOH 129 429 38  HOH HOH A . 
I 6 HOH 130 430 54  HOH HOH A . 
I 6 HOH 131 431 76  HOH HOH A . 
I 6 HOH 132 432 132 HOH HOH A . 
I 6 HOH 133 433 78  HOH HOH A . 
I 6 HOH 134 434 11  HOH HOH A . 
I 6 HOH 135 435 40  HOH HOH A . 
I 6 HOH 136 436 80  HOH HOH A . 
I 6 HOH 137 437 51  HOH HOH A . 
I 6 HOH 138 438 69  HOH HOH A . 
I 6 HOH 139 439 31  HOH HOH A . 
I 6 HOH 140 440 58  HOH HOH A . 
I 6 HOH 141 441 64  HOH HOH A . 
I 6 HOH 142 442 176 HOH HOH A . 
I 6 HOH 143 443 198 HOH HOH A . 
I 6 HOH 144 444 10  HOH HOH A . 
I 6 HOH 145 445 203 HOH HOH A . 
I 6 HOH 146 446 212 HOH HOH A . 
I 6 HOH 147 447 110 HOH HOH A . 
I 6 HOH 148 448 102 HOH HOH A . 
I 6 HOH 149 449 23  HOH HOH A . 
I 6 HOH 150 450 89  HOH HOH A . 
I 6 HOH 151 451 210 HOH HOH A . 
I 6 HOH 152 452 118 HOH HOH A . 
I 6 HOH 153 453 6   HOH HOH A . 
I 6 HOH 154 454 74  HOH HOH A . 
I 6 HOH 155 455 220 HOH HOH A . 
I 6 HOH 156 456 213 HOH HOH A . 
I 6 HOH 157 457 123 HOH HOH A . 
I 6 HOH 158 458 224 HOH HOH A . 
I 6 HOH 159 459 159 HOH HOH A . 
I 6 HOH 160 460 192 HOH HOH A . 
I 6 HOH 161 461 237 HOH HOH A . 
I 6 HOH 162 462 135 HOH HOH A . 
I 6 HOH 163 463 35  HOH HOH A . 
I 6 HOH 164 464 230 HOH HOH A . 
I 6 HOH 165 465 61  HOH HOH A . 
I 6 HOH 166 466 247 HOH HOH A . 
I 6 HOH 167 467 218 HOH HOH A . 
I 6 HOH 168 468 246 HOH HOH A . 
I 6 HOH 169 469 156 HOH HOH A . 
I 6 HOH 170 470 101 HOH HOH A . 
I 6 HOH 171 471 171 HOH HOH A . 
I 6 HOH 172 472 128 HOH HOH A . 
I 6 HOH 173 473 22  HOH HOH A . 
I 6 HOH 174 474 233 HOH HOH A . 
I 6 HOH 175 475 200 HOH HOH A . 
I 6 HOH 176 476 162 HOH HOH A . 
I 6 HOH 177 477 231 HOH HOH A . 
I 6 HOH 178 478 154 HOH HOH A . 
I 6 HOH 179 479 65  HOH HOH A . 
I 6 HOH 180 480 117 HOH HOH A . 
I 6 HOH 181 481 151 HOH HOH A . 
I 6 HOH 182 482 228 HOH HOH A . 
I 6 HOH 183 483 175 HOH HOH A . 
I 6 HOH 184 484 158 HOH HOH A . 
I 6 HOH 185 485 98  HOH HOH A . 
I 6 HOH 186 486 201 HOH HOH A . 
I 6 HOH 187 487 190 HOH HOH A . 
I 6 HOH 188 488 232 HOH HOH A . 
I 6 HOH 189 489 207 HOH HOH A . 
I 6 HOH 190 490 99  HOH HOH A . 
I 6 HOH 191 491 140 HOH HOH A . 
I 6 HOH 192 492 157 HOH HOH A . 
I 6 HOH 193 493 229 HOH HOH A . 
I 6 HOH 194 494 87  HOH HOH A . 
I 6 HOH 195 495 239 HOH HOH A . 
I 6 HOH 196 496 240 HOH HOH A . 
I 6 HOH 197 497 134 HOH HOH A . 
I 6 HOH 198 498 127 HOH HOH A . 
I 6 HOH 199 499 189 HOH HOH A . 
I 6 HOH 200 500 86  HOH HOH A . 
I 6 HOH 201 501 172 HOH HOH A . 
I 6 HOH 202 502 163 HOH HOH A . 
I 6 HOH 203 503 225 HOH HOH A . 
I 6 HOH 204 504 83  HOH HOH A . 
I 6 HOH 205 505 85  HOH HOH A . 
I 6 HOH 206 506 32  HOH HOH A . 
I 6 HOH 207 507 122 HOH HOH A . 
I 6 HOH 208 508 209 HOH HOH A . 
I 6 HOH 209 509 202 HOH HOH A . 
I 6 HOH 210 510 226 HOH HOH A . 
I 6 HOH 211 511 221 HOH HOH A . 
I 6 HOH 212 512 56  HOH HOH A . 
I 6 HOH 213 513 165 HOH HOH A . 
I 6 HOH 214 514 223 HOH HOH A . 
I 6 HOH 215 515 208 HOH HOH A . 
I 6 HOH 216 516 73  HOH HOH A . 
I 6 HOH 217 517 129 HOH HOH A . 
I 6 HOH 218 518 185 HOH HOH A . 
I 6 HOH 219 519 199 HOH HOH A . 
I 6 HOH 220 520 236 HOH HOH A . 
I 6 HOH 221 521 75  HOH HOH A . 
I 6 HOH 222 522 241 HOH HOH A . 
I 6 HOH 223 523 187 HOH HOH A . 
I 6 HOH 224 524 142 HOH HOH A . 
I 6 HOH 225 525 114 HOH HOH A . 
I 6 HOH 226 526 153 HOH HOH A . 
I 6 HOH 227 527 206 HOH HOH A . 
I 6 HOH 228 528 235 HOH HOH A . 
I 6 HOH 229 529 92  HOH HOH A . 
I 6 HOH 230 530 243 HOH HOH A . 
I 6 HOH 231 531 222 HOH HOH A . 
I 6 HOH 232 532 125 HOH HOH A . 
I 6 HOH 233 533 242 HOH HOH A . 
I 6 HOH 234 534 160 HOH HOH A . 
I 6 HOH 235 535 164 HOH HOH A . 
I 6 HOH 236 536 244 HOH HOH A . 
# 
loop_
_software.classification 
_software.name 
_software.version 
_software.citation_id 
_software.pdbx_ordinal 
refinement       REFMAC  5.8.0267 ? 1 
refinement       REFMAC5 .        ? 2 
'data scaling'   Aimless .        ? 3 
phasing          PHASER  .        ? 4 
'data reduction' XDS     .        ? 5 
# 
_cell.entry_id           7H2Y 
_cell.length_a           86.267 
_cell.length_b           56.687 
_cell.length_c           32.427 
_cell.angle_alpha        90.00 
_cell.angle_beta         95.28 
_cell.angle_gamma        90.00 
_cell.Z_PDB              4 
_cell.pdbx_unique_axis   ? 
# 
_symmetry.entry_id                         7H2Y 
_symmetry.space_group_name_H-M             'C 1 2 1' 
_symmetry.pdbx_full_space_group_name_H-M   ? 
_symmetry.cell_setting                     ? 
_symmetry.Int_Tables_number                5 
# 
_exptl.entry_id          7H2Y 
_exptl.method            'X-RAY DIFFRACTION' 
_exptl.crystals_number   1 
# 
_exptl_crystal.id                    1 
_exptl_crystal.density_meas          ? 
_exptl_crystal.density_Matthews      2.39 
_exptl_crystal.density_percent_sol   48.61 
_exptl_crystal.description           ? 
# 
_exptl_crystal_grow.crystal_id      1 
_exptl_crystal_grow.method          'VAPOR DIFFUSION, SITTING DROP' 
_exptl_crystal_grow.pH              6.05 
_exptl_crystal_grow.temp            293.15 
_exptl_crystal_grow.pdbx_details    '0.1 M MES, pH 6.05, 16 % PEG 20,000' 
_exptl_crystal_grow.temp_details    ? 
_exptl_crystal_grow.pdbx_pH_range   ? 
# 
_diffrn.id                     1 
_diffrn.ambient_temp           100 
_diffrn.crystal_id             1 
_diffrn.ambient_temp_details   ? 
# 
_diffrn_detector.detector               PIXEL 
_diffrn_detector.type                   'DECTRIS EIGER2 XE 16M' 
_diffrn_detector.pdbx_collection_date   2023-10-10 
_diffrn_detector.diffrn_id              1 
_diffrn_detector.details                ? 
# 
_diffrn_radiation.diffrn_id                        1 
_diffrn_radiation.wavelength_id                    1 
_diffrn_radiation.pdbx_diffrn_protocol             'SINGLE WAVELENGTH' 
_diffrn_radiation.pdbx_monochromatic_or_laue_m_l   ? 
_diffrn_radiation.monochromator                    ? 
_diffrn_radiation.pdbx_scattering_type             x-ray 
# 
_diffrn_radiation_wavelength.id           1 
_diffrn_radiation_wavelength.wavelength   0.94056 
_diffrn_radiation_wavelength.wt           1.0 
# 
_diffrn_source.diffrn_id                   1 
_diffrn_source.source                      SYNCHROTRON 
_diffrn_source.type                        'DIAMOND BEAMLINE I03' 
_diffrn_source.pdbx_wavelength_list        0.94056 
_diffrn_source.pdbx_synchrotron_site       Diamond 
_diffrn_source.pdbx_synchrotron_beamline   I03 
_diffrn_source.pdbx_wavelength             ? 
# 
_reflns.entry_id                     7H2Y 
_reflns.pdbx_diffrn_id               1 
_reflns.pdbx_ordinal                 1 
_reflns.d_resolution_low             47.34 
_reflns.d_resolution_high            1.06 
_reflns.number_obs                   63718 
_reflns.percent_possible_obs         90.5 
_reflns.pdbx_Rmerge_I_obs            0.081 
_reflns.pdbx_netI_over_sigmaI        12.9 
_reflns.pdbx_redundancy              6.4 
_reflns.pdbx_Rrim_I_all              0.088 
_reflns.pdbx_Rpim_I_all              0.034 
_reflns.pdbx_CC_half                 0.982 
_reflns.pdbx_number_measured_all     407742 
_reflns.pdbx_chi_squared             0.68 
_reflns.observed_criterion_sigma_I   ? 
_reflns.observed_criterion_sigma_F   ? 
_reflns.number_all                   ? 
_reflns.pdbx_Rsym_value              ? 
_reflns.B_iso_Wilson_estimate        ? 
# 
_reflns_shell.pdbx_diffrn_id              1 
_reflns_shell.pdbx_ordinal                1 
_reflns_shell.d_res_high                  1.06 
_reflns_shell.d_res_low                   1.08 
_reflns_shell.number_measured_all         5990 
_reflns_shell.number_unique_obs           1594 
_reflns_shell.Rmerge_I_obs                2.575 
_reflns_shell.pdbx_chi_squared            0.34 
_reflns_shell.pdbx_redundancy             3.8 
_reflns_shell.percent_possible_obs        44.3 
_reflns_shell.pdbx_netI_over_sigmaI_obs   0.4 
_reflns_shell.pdbx_Rrim_I_all             2.969 
_reflns_shell.pdbx_Rpim_I_all             1.449 
_reflns_shell.pdbx_CC_half                0.344 
_reflns_shell.percent_possible_all        ? 
_reflns_shell.pdbx_Rsym_value             ? 
_reflns_shell.meanI_over_sigI_obs         ? 
# 
_refine.pdbx_refine_id                           'X-RAY DIFFRACTION' 
_refine.entry_id                                 7H2Y 
_refine.pdbx_diffrn_id                           1 
_refine.pdbx_TLS_residual_ADP_flag               ? 
_refine.ls_number_reflns_obs                     59708 
_refine.ls_number_reflns_all                     ? 
_refine.pdbx_ls_sigma_I                          ? 
_refine.pdbx_ls_sigma_F                          ? 
_refine.pdbx_data_cutoff_high_absF               ? 
_refine.pdbx_data_cutoff_low_absF                ? 
_refine.pdbx_data_cutoff_high_rms_absF           ? 
_refine.ls_d_res_low                             47.31 
_refine.ls_d_res_high                            1.06 
_refine.ls_percent_reflns_obs                    89.02 
_refine.ls_R_factor_obs                          0.18876 
_refine.ls_R_factor_all                          ? 
_refine.ls_R_factor_R_work                       0.18820 
_refine.ls_R_factor_R_free                       0.19920 
_refine.ls_R_factor_R_free_error                 ? 
_refine.ls_R_factor_R_free_error_details         ? 
_refine.ls_percent_reflns_R_free                 4.9 
_refine.ls_number_reflns_R_free                  3068 
_refine.ls_number_parameters                     ? 
_refine.ls_number_restraints                     ? 
_refine.occupancy_min                            ? 
_refine.occupancy_max                            ? 
_refine.correlation_coeff_Fo_to_Fc               0.922 
_refine.correlation_coeff_Fo_to_Fc_free          0.966 
_refine.B_iso_mean                               15.063 
_refine.aniso_B[1][1]                            -0.23 
_refine.aniso_B[2][2]                            0.79 
_refine.aniso_B[3][3]                            -0.50 
_refine.aniso_B[1][2]                            0.00 
_refine.aniso_B[1][3]                            -0.31 
_refine.aniso_B[2][3]                            0.00 
_refine.solvent_model_details                    MASK 
_refine.solvent_model_param_ksol                 ? 
_refine.solvent_model_param_bsol                 ? 
_refine.pdbx_solvent_vdw_probe_radii             1.20 
_refine.pdbx_solvent_ion_probe_radii             0.80 
_refine.pdbx_solvent_shrinkage_radii             0.80 
_refine.pdbx_ls_cross_valid_method               THROUGHOUT 
_refine.details                                  'HYDROGENS HAVE BEEN ADDED IN THE RIDING POSITIONS' 
_refine.pdbx_starting_model                      ? 
_refine.pdbx_method_to_determine_struct          'MOLECULAR REPLACEMENT' 
_refine.pdbx_isotropic_thermal_model             ? 
_refine.pdbx_stereochemistry_target_values       'MAXIMUM LIKELIHOOD' 
_refine.pdbx_stereochem_target_val_spec_case     ? 
_refine.pdbx_R_Free_selection_details            RANDOM 
_refine.pdbx_overall_ESU_R                       0.034 
_refine.pdbx_overall_ESU_R_Free                  0.035 
_refine.overall_SU_ML                            ? 
_refine.pdbx_overall_phase_error                 ? 
_refine.overall_SU_B                             ? 
_refine.overall_SU_R_Cruickshank_DPI             ? 
_refine.pdbx_overall_SU_R_free_Cruickshank_DPI   ? 
_refine.pdbx_overall_SU_R_Blow_DPI               ? 
_refine.pdbx_overall_SU_R_free_Blow_DPI          ? 
# 
_refine_hist.pdbx_refine_id                   'X-RAY DIFFRACTION' 
_refine_hist.cycle_id                         1 
_refine_hist.pdbx_number_atoms_protein        1083 
_refine_hist.pdbx_number_atoms_nucleic_acid   0 
_refine_hist.pdbx_number_atoms_ligand         33 
_refine_hist.number_atoms_solvent             236 
_refine_hist.number_atoms_total               1352 
_refine_hist.d_res_high                       1.06 
_refine_hist.d_res_low                        47.31 
# 
loop_
_refine_ls_restr.type 
_refine_ls_restr.dev_ideal 
_refine_ls_restr.dev_ideal_target 
_refine_ls_restr.weight 
_refine_ls_restr.number 
_refine_ls_restr.pdbx_refine_id 
_refine_ls_restr.pdbx_restraint_function 
r_bond_refined_d             0.014  0.013  ? 1279 'X-RAY DIFFRACTION' ? 
r_bond_other_d               0.036  0.014  ? 1085 'X-RAY DIFFRACTION' ? 
r_angle_refined_deg          1.879  1.615  ? 1672 'X-RAY DIFFRACTION' ? 
r_angle_other_deg            2.416  1.612  ? 2497 'X-RAY DIFFRACTION' ? 
r_dihedral_angle_1_deg       6.734  5.000  ? 157  'X-RAY DIFFRACTION' ? 
r_dihedral_angle_2_deg       33.341 21.385 ? 65   'X-RAY DIFFRACTION' ? 
r_dihedral_angle_3_deg       12.524 15.000 ? 175  'X-RAY DIFFRACTION' ? 
r_dihedral_angle_4_deg       23.781 15.000 ? 9    'X-RAY DIFFRACTION' ? 
r_chiral_restr               0.090  0.200  ? 152  'X-RAY DIFFRACTION' ? 
r_gen_planes_refined         0.013  0.020  ? 1425 'X-RAY DIFFRACTION' ? 
r_gen_planes_other           0.021  0.020  ? 293  'X-RAY DIFFRACTION' ? 
r_nbd_refined                ?      ?      ? ?    'X-RAY DIFFRACTION' ? 
r_nbd_other                  ?      ?      ? ?    'X-RAY DIFFRACTION' ? 
r_nbtor_refined              ?      ?      ? ?    'X-RAY DIFFRACTION' ? 
r_nbtor_other                ?      ?      ? ?    'X-RAY DIFFRACTION' ? 
r_xyhbond_nbd_refined        ?      ?      ? ?    'X-RAY DIFFRACTION' ? 
r_xyhbond_nbd_other          ?      ?      ? ?    'X-RAY DIFFRACTION' ? 
r_metal_ion_refined          ?      ?      ? ?    'X-RAY DIFFRACTION' ? 
r_metal_ion_other            ?      ?      ? ?    'X-RAY DIFFRACTION' ? 
r_symmetry_vdw_refined       ?      ?      ? ?    'X-RAY DIFFRACTION' ? 
r_symmetry_vdw_other         ?      ?      ? ?    'X-RAY DIFFRACTION' ? 
r_symmetry_hbond_refined     ?      ?      ? ?    'X-RAY DIFFRACTION' ? 
r_symmetry_hbond_other       ?      ?      ? ?    'X-RAY DIFFRACTION' ? 
r_symmetry_metal_ion_refined ?      ?      ? ?    'X-RAY DIFFRACTION' ? 
r_symmetry_metal_ion_other   ?      ?      ? ?    'X-RAY DIFFRACTION' ? 
r_mcbond_it                  1.417  1.321  ? 634  'X-RAY DIFFRACTION' ? 
r_mcbond_other               1.420  1.308  ? 631  'X-RAY DIFFRACTION' ? 
r_mcangle_it                 2.074  1.963  ? 775  'X-RAY DIFFRACTION' ? 
r_mcangle_other              2.090  1.965  ? 770  'X-RAY DIFFRACTION' ? 
r_scbond_it                  2.271  1.594  ? 641  'X-RAY DIFFRACTION' ? 
r_scbond_other               2.270  1.596  ? 642  'X-RAY DIFFRACTION' ? 
r_scangle_it                 ?      ?      ? ?    'X-RAY DIFFRACTION' ? 
r_scangle_other              3.018  2.289  ? 892  'X-RAY DIFFRACTION' ? 
r_long_range_B_refined       5.342  18.367 ? 1438 'X-RAY DIFFRACTION' ? 
r_long_range_B_other         5.342  18.383 ? 1439 'X-RAY DIFFRACTION' ? 
r_rigid_bond_restr           ?      ?      ? ?    'X-RAY DIFFRACTION' ? 
r_sphericity_free            ?      ?      ? ?    'X-RAY DIFFRACTION' ? 
r_sphericity_bonded          ?      ?      ? ?    'X-RAY DIFFRACTION' ? 
# 
_refine_ls_shell.pdbx_refine_id                   'X-RAY DIFFRACTION' 
_refine_ls_shell.pdbx_total_number_of_bins_used   20 
_refine_ls_shell.d_res_high                       1.060 
_refine_ls_shell.d_res_low                        1.087 
_refine_ls_shell.number_reflns_R_work             1649 
_refine_ls_shell.R_factor_R_work                  0.667 
_refine_ls_shell.percent_reflns_obs               32.97 
_refine_ls_shell.R_factor_R_free                  0.550 
_refine_ls_shell.R_factor_R_free_error            ? 
_refine_ls_shell.percent_reflns_R_free            ? 
_refine_ls_shell.number_reflns_R_free             83 
_refine_ls_shell.number_reflns_all                ? 
_refine_ls_shell.R_factor_all                     ? 
# 
_struct.entry_id                  7H2Y 
_struct.title                     
;Group deposition for crystallographic fragment screening of Coxsackievirus A16 (G-10) 2A protease -- Crystal structure of Coxsackievirus A16 (G-10) 2A protease in complex with Z425757818 (A71EV2A-x0228)
;
_struct.pdbx_model_details        ? 
_struct.pdbx_CASP_flag            ? 
_struct.pdbx_model_type_details   ? 
# 
_struct_keywords.entry_id        7H2Y 
_struct_keywords.pdbx_keywords   HYDROLASE 
_struct_keywords.text            
;Diamond Light Source, I03, ASAP, Coxsackievirus A16, crystallographic fragment screening, PanDDA, Pandda2, XChemExplorer, viral protein, HYDROLASE
;
# 
loop_
_struct_asym.id 
_struct_asym.pdbx_blank_PDB_chainid_flag 
_struct_asym.pdbx_modified 
_struct_asym.entity_id 
_struct_asym.details 
A N N 1 ? 
B N N 2 ? 
C N N 3 ? 
D N N 4 ? 
E N N 4 ? 
F N N 4 ? 
G N N 4 ? 
H N N 5 ? 
I N N 6 ? 
# 
_struct_ref.id                         1 
_struct_ref.db_name                    UNP 
_struct_ref.db_code                    POLG_CX16G 
_struct_ref.pdbx_db_accession          Q65900 
_struct_ref.pdbx_db_isoform            ? 
_struct_ref.entity_id                  1 
_struct_ref.pdbx_seq_one_letter_code   
;SGAIYVGNYRVVNRHLATHNDWANLVWEDSSRDLLVSSTTAQGCDTIARCDCQTGVYYCSSRRKHYPVSFSKPSLIFVEA
SEYYPARYQSHLMLAVGHSEPGDCGGILRCQHGVVGIVSTGGNGLVGFADVRDLLWLDEEAMEQ
;
_struct_ref.pdbx_align_begin           869 
# 
_struct_ref_seq.align_id                      1 
_struct_ref_seq.ref_id                        1 
_struct_ref_seq.pdbx_PDB_id_code              7H2Y 
_struct_ref_seq.pdbx_strand_id                A 
_struct_ref_seq.seq_align_beg                 7 
_struct_ref_seq.pdbx_seq_align_beg_ins_code   ? 
_struct_ref_seq.seq_align_end                 150 
_struct_ref_seq.pdbx_seq_align_end_ins_code   ? 
_struct_ref_seq.pdbx_db_accession             Q65900 
_struct_ref_seq.db_align_beg                  869 
_struct_ref_seq.pdbx_db_align_beg_ins_code    ? 
_struct_ref_seq.db_align_end                  1012 
_struct_ref_seq.pdbx_db_align_end_ins_code    ? 
_struct_ref_seq.pdbx_auth_seq_align_beg       7 
_struct_ref_seq.pdbx_auth_seq_align_end       150 
# 
loop_
_struct_ref_seq_dif.align_id 
_struct_ref_seq_dif.pdbx_pdb_id_code 
_struct_ref_seq_dif.mon_id 
_struct_ref_seq_dif.pdbx_pdb_strand_id 
_struct_ref_seq_dif.seq_num 
_struct_ref_seq_dif.pdbx_pdb_ins_code 
_struct_ref_seq_dif.pdbx_seq_db_name 
_struct_ref_seq_dif.pdbx_seq_db_accession_code 
_struct_ref_seq_dif.db_mon_id 
_struct_ref_seq_dif.pdbx_seq_db_seq_num 
_struct_ref_seq_dif.details 
_struct_ref_seq_dif.pdbx_auth_seq_num 
_struct_ref_seq_dif.pdbx_ordinal 
1 7H2Y GLN A 1 ? UNP Q65900 ? ? 'expression tag' 1 1 
1 7H2Y GLU A 2 ? UNP Q65900 ? ? 'expression tag' 2 2 
1 7H2Y GLN A 3 ? UNP Q65900 ? ? 'expression tag' 3 3 
1 7H2Y THR A 4 ? UNP Q65900 ? ? 'expression tag' 4 4 
1 7H2Y GLY A 5 ? UNP Q65900 ? ? 'expression tag' 5 5 
1 7H2Y GLY A 6 ? UNP Q65900 ? ? 'expression tag' 6 6 
# 
_pdbx_struct_assembly.id                   1 
_pdbx_struct_assembly.details              author_and_software_defined_assembly 
_pdbx_struct_assembly.method_details       PISA 
_pdbx_struct_assembly.oligomeric_details   monomeric 
_pdbx_struct_assembly.oligomeric_count     1 
# 
loop_
_pdbx_struct_assembly_prop.biol_id 
_pdbx_struct_assembly_prop.type 
_pdbx_struct_assembly_prop.value 
_pdbx_struct_assembly_prop.details 
1 'ABSA (A^2)' 680  ? 
1 MORE         -6   ? 
1 'SSA (A^2)'  7460 ? 
# 
_pdbx_struct_assembly_gen.assembly_id       1 
_pdbx_struct_assembly_gen.oper_expression   1 
_pdbx_struct_assembly_gen.asym_id_list      A,B,C,D,E,F,G,H,I 
# 
_pdbx_struct_oper_list.id                   1 
_pdbx_struct_oper_list.type                 'identity operation' 
_pdbx_struct_oper_list.name                 1_555 
_pdbx_struct_oper_list.symmetry_operation   x,y,z 
_pdbx_struct_oper_list.matrix[1][1]         1.0000000000 
_pdbx_struct_oper_list.matrix[1][2]         0.0000000000 
_pdbx_struct_oper_list.matrix[1][3]         0.0000000000 
_pdbx_struct_oper_list.vector[1]            0.0000000000 
_pdbx_struct_oper_list.matrix[2][1]         0.0000000000 
_pdbx_struct_oper_list.matrix[2][2]         1.0000000000 
_pdbx_struct_oper_list.matrix[2][3]         0.0000000000 
_pdbx_struct_oper_list.vector[2]            0.0000000000 
_pdbx_struct_oper_list.matrix[3][1]         0.0000000000 
_pdbx_struct_oper_list.matrix[3][2]         0.0000000000 
_pdbx_struct_oper_list.matrix[3][3]         1.0000000000 
_pdbx_struct_oper_list.vector[3]            0.0000000000 
# 
loop_
_struct_conf.conf_type_id 
_struct_conf.id 
_struct_conf.pdbx_PDB_helix_id 
_struct_conf.beg_label_comp_id 
_struct_conf.beg_label_asym_id 
_struct_conf.beg_label_seq_id 
_struct_conf.pdbx_beg_PDB_ins_code 
_struct_conf.end_label_comp_id 
_struct_conf.end_label_asym_id 
_struct_conf.end_label_seq_id 
_struct_conf.pdbx_end_PDB_ins_code 
_struct_conf.beg_auth_comp_id 
_struct_conf.beg_auth_asym_id 
_struct_conf.beg_auth_seq_id 
_struct_conf.end_auth_comp_id 
_struct_conf.end_auth_asym_id 
_struct_conf.end_auth_seq_id 
_struct_conf.pdbx_PDB_helix_class 
_struct_conf.details 
_struct_conf.pdbx_PDB_helix_length 
HELX_P HELX_P1 AA1 HIS A 21  ? ALA A 23  ? HIS A 21  ALA A 23  5 ? 3 
HELX_P HELX_P2 AA2 THR A 24  ? ASN A 30  ? THR A 24  ASN A 30  1 ? 7 
HELX_P HELX_P3 AA3 SER A 36  ? ARG A 38  ? SER A 36  ARG A 38  5 ? 3 
HELX_P HELX_P4 AA4 SER A 66  ? ARG A 69  ? SER A 66  ARG A 69  5 ? 4 
HELX_P HELX_P5 AA5 GLU A 106 ? CYS A 110 ? GLU A 106 CYS A 110 5 ? 5 
HELX_P HELX_P6 AA6 LEU A 140 ? GLU A 145 ? LEU A 140 GLU A 145 5 ? 6 
# 
_struct_conf_type.id          HELX_P 
_struct_conf_type.criteria    ? 
_struct_conf_type.reference   ? 
# 
loop_
_struct_conn.id 
_struct_conn.conn_type_id 
_struct_conn.pdbx_leaving_atom_flag 
_struct_conn.pdbx_PDB_id 
_struct_conn.ptnr1_label_asym_id 
_struct_conn.ptnr1_label_comp_id 
_struct_conn.ptnr1_label_seq_id 
_struct_conn.ptnr1_label_atom_id 
_struct_conn.pdbx_ptnr1_label_alt_id 
_struct_conn.pdbx_ptnr1_PDB_ins_code 
_struct_conn.pdbx_ptnr1_standard_comp_id 
_struct_conn.ptnr1_symmetry 
_struct_conn.ptnr2_label_asym_id 
_struct_conn.ptnr2_label_comp_id 
_struct_conn.ptnr2_label_seq_id 
_struct_conn.ptnr2_label_atom_id 
_struct_conn.pdbx_ptnr2_label_alt_id 
_struct_conn.pdbx_ptnr2_PDB_ins_code 
_struct_conn.ptnr1_auth_asym_id 
_struct_conn.ptnr1_auth_comp_id 
_struct_conn.ptnr1_auth_seq_id 
_struct_conn.ptnr2_auth_asym_id 
_struct_conn.ptnr2_auth_comp_id 
_struct_conn.ptnr2_auth_seq_id 
_struct_conn.ptnr2_symmetry 
_struct_conn.pdbx_ptnr3_label_atom_id 
_struct_conn.pdbx_ptnr3_label_seq_id 
_struct_conn.pdbx_ptnr3_label_comp_id 
_struct_conn.pdbx_ptnr3_label_asym_id 
_struct_conn.pdbx_ptnr3_label_alt_id 
_struct_conn.pdbx_ptnr3_PDB_ins_code 
_struct_conn.details 
_struct_conn.pdbx_dist_value 
_struct_conn.pdbx_value_order 
_struct_conn.pdbx_role 
metalc1 metalc ? ? A CYS 56  SG  ? ? ? 1_555 C ZN . ZN ? ? A CYS 56  A ZN 202 1_555 ? ? ? ? ? ? ? 2.333 ? ? 
metalc2 metalc ? ? A CYS 58  SG  ? ? ? 1_555 C ZN . ZN ? ? A CYS 58  A ZN 202 1_555 ? ? ? ? ? ? ? 2.323 ? ? 
metalc3 metalc ? ? A CYS 116 SG  ? ? ? 1_555 C ZN . ZN ? ? A CYS 116 A ZN 202 1_555 ? ? ? ? ? ? ? 2.280 ? ? 
metalc4 metalc ? ? A HIS 118 ND1 ? ? ? 1_555 C ZN . ZN ? ? A HIS 118 A ZN 202 1_555 ? ? ? ? ? ? ? 2.047 ? ? 
# 
_struct_conn_type.id          metalc 
_struct_conn_type.criteria    ? 
_struct_conn_type.reference   ? 
# 
loop_
_pdbx_struct_conn_angle.id 
_pdbx_struct_conn_angle.ptnr1_label_atom_id 
_pdbx_struct_conn_angle.ptnr1_label_alt_id 
_pdbx_struct_conn_angle.ptnr1_label_asym_id 
_pdbx_struct_conn_angle.ptnr1_label_comp_id 
_pdbx_struct_conn_angle.ptnr1_label_seq_id 
_pdbx_struct_conn_angle.ptnr1_auth_atom_id 
_pdbx_struct_conn_angle.ptnr1_auth_asym_id 
_pdbx_struct_conn_angle.ptnr1_auth_comp_id 
_pdbx_struct_conn_angle.ptnr1_auth_seq_id 
_pdbx_struct_conn_angle.ptnr1_PDB_ins_code 
_pdbx_struct_conn_angle.ptnr1_symmetry 
_pdbx_struct_conn_angle.ptnr2_label_atom_id 
_pdbx_struct_conn_angle.ptnr2_label_alt_id 
_pdbx_struct_conn_angle.ptnr2_label_asym_id 
_pdbx_struct_conn_angle.ptnr2_label_comp_id 
_pdbx_struct_conn_angle.ptnr2_label_seq_id 
_pdbx_struct_conn_angle.ptnr2_auth_atom_id 
_pdbx_struct_conn_angle.ptnr2_auth_asym_id 
_pdbx_struct_conn_angle.ptnr2_auth_comp_id 
_pdbx_struct_conn_angle.ptnr2_auth_seq_id 
_pdbx_struct_conn_angle.ptnr2_PDB_ins_code 
_pdbx_struct_conn_angle.ptnr2_symmetry 
_pdbx_struct_conn_angle.ptnr3_label_atom_id 
_pdbx_struct_conn_angle.ptnr3_label_alt_id 
_pdbx_struct_conn_angle.ptnr3_label_asym_id 
_pdbx_struct_conn_angle.ptnr3_label_comp_id 
_pdbx_struct_conn_angle.ptnr3_label_seq_id 
_pdbx_struct_conn_angle.ptnr3_auth_atom_id 
_pdbx_struct_conn_angle.ptnr3_auth_asym_id 
_pdbx_struct_conn_angle.ptnr3_auth_comp_id 
_pdbx_struct_conn_angle.ptnr3_auth_seq_id 
_pdbx_struct_conn_angle.ptnr3_PDB_ins_code 
_pdbx_struct_conn_angle.ptnr3_symmetry 
_pdbx_struct_conn_angle.value 
_pdbx_struct_conn_angle.value_esd 
1 SG ? A CYS 56  ? A CYS 56  ? 1_555 ZN ? C ZN . ? A ZN 202 ? 1_555 SG  ? A CYS 58  ? A CYS 58  ? 1_555 109.8 ? 
2 SG ? A CYS 56  ? A CYS 56  ? 1_555 ZN ? C ZN . ? A ZN 202 ? 1_555 SG  ? A CYS 116 ? A CYS 116 ? 1_555 106.7 ? 
3 SG ? A CYS 58  ? A CYS 58  ? 1_555 ZN ? C ZN . ? A ZN 202 ? 1_555 SG  ? A CYS 116 ? A CYS 116 ? 1_555 117.6 ? 
4 SG ? A CYS 56  ? A CYS 56  ? 1_555 ZN ? C ZN . ? A ZN 202 ? 1_555 ND1 ? A HIS 118 ? A HIS 118 ? 1_555 104.8 ? 
5 SG ? A CYS 58  ? A CYS 58  ? 1_555 ZN ? C ZN . ? A ZN 202 ? 1_555 ND1 ? A HIS 118 ? A HIS 118 ? 1_555 102.2 ? 
6 SG ? A CYS 116 ? A CYS 116 ? 1_555 ZN ? C ZN . ? A ZN 202 ? 1_555 ND1 ? A HIS 118 ? A HIS 118 ? 1_555 115.0 ? 
# 
loop_
_struct_sheet.id 
_struct_sheet.type 
_struct_sheet.number_strands 
_struct_sheet.details 
AA1 ? 4 ? 
AA2 ? 7 ? 
# 
loop_
_struct_sheet_order.sheet_id 
_struct_sheet_order.range_id_1 
_struct_sheet_order.range_id_2 
_struct_sheet_order.offset 
_struct_sheet_order.sense 
AA1 1 2 ? anti-parallel 
AA1 2 3 ? anti-parallel 
AA1 3 4 ? anti-parallel 
AA2 1 2 ? anti-parallel 
AA2 2 3 ? anti-parallel 
AA2 3 4 ? anti-parallel 
AA2 4 5 ? anti-parallel 
AA2 5 6 ? anti-parallel 
AA2 6 7 ? anti-parallel 
# 
loop_
_struct_sheet_range.sheet_id 
_struct_sheet_range.id 
_struct_sheet_range.beg_label_comp_id 
_struct_sheet_range.beg_label_asym_id 
_struct_sheet_range.beg_label_seq_id 
_struct_sheet_range.pdbx_beg_PDB_ins_code 
_struct_sheet_range.end_label_comp_id 
_struct_sheet_range.end_label_asym_id 
_struct_sheet_range.end_label_seq_id 
_struct_sheet_range.pdbx_end_PDB_ins_code 
_struct_sheet_range.beg_auth_comp_id 
_struct_sheet_range.beg_auth_asym_id 
_struct_sheet_range.beg_auth_seq_id 
_struct_sheet_range.end_auth_comp_id 
_struct_sheet_range.end_auth_asym_id 
_struct_sheet_range.end_auth_seq_id 
AA1 1 ILE A 10  ? VAL A 12  ? ILE A 10  VAL A 12  
AA1 2 TYR A 15  ? ASN A 19  ? TYR A 15  ASN A 19  
AA1 3 LEU A 40  ? SER A 44  ? LEU A 40  SER A 44  
AA1 4 LEU A 31  ? ASP A 35  ? LEU A 31  ASP A 35  
AA2 1 LYS A 70  ? SER A 75  ? LYS A 70  SER A 75  
AA2 2 THR A 60  ? CYS A 65  ? THR A 60  CYS A 65  
AA2 3 ILE A 113 ? CYS A 116 ? ILE A 113 CYS A 116 
AA2 4 GLY A 119 ? THR A 126 ? GLY A 119 THR A 126 
AA2 5 LEU A 131 ? ASP A 136 ? LEU A 131 ASP A 136 
AA2 6 ARG A 93  ? VAL A 102 ? ARG A 93  VAL A 102 
AA2 7 SER A 80  ? VAL A 84  ? SER A 80  VAL A 84  
# 
loop_
_pdbx_struct_sheet_hbond.sheet_id 
_pdbx_struct_sheet_hbond.range_id_1 
_pdbx_struct_sheet_hbond.range_id_2 
_pdbx_struct_sheet_hbond.range_1_label_atom_id 
_pdbx_struct_sheet_hbond.range_1_label_comp_id 
_pdbx_struct_sheet_hbond.range_1_label_asym_id 
_pdbx_struct_sheet_hbond.range_1_label_seq_id 
_pdbx_struct_sheet_hbond.range_1_PDB_ins_code 
_pdbx_struct_sheet_hbond.range_1_auth_atom_id 
_pdbx_struct_sheet_hbond.range_1_auth_comp_id 
_pdbx_struct_sheet_hbond.range_1_auth_asym_id 
_pdbx_struct_sheet_hbond.range_1_auth_seq_id 
_pdbx_struct_sheet_hbond.range_2_label_atom_id 
_pdbx_struct_sheet_hbond.range_2_label_comp_id 
_pdbx_struct_sheet_hbond.range_2_label_asym_id 
_pdbx_struct_sheet_hbond.range_2_label_seq_id 
_pdbx_struct_sheet_hbond.range_2_PDB_ins_code 
_pdbx_struct_sheet_hbond.range_2_auth_atom_id 
_pdbx_struct_sheet_hbond.range_2_auth_comp_id 
_pdbx_struct_sheet_hbond.range_2_auth_asym_id 
_pdbx_struct_sheet_hbond.range_2_auth_seq_id 
AA1 1 2 N ILE A 10  ? N ILE A 10  O VAL A 17  ? O VAL A 17  
AA1 2 3 N ARG A 16  ? N ARG A 16  O SER A 43  ? O SER A 43  
AA1 3 4 O VAL A 42  ? O VAL A 42  N TRP A 33  ? N TRP A 33  
AA2 1 2 O LYS A 70  ? O LYS A 70  N CYS A 65  ? N CYS A 65  
AA2 2 3 N VAL A 62  ? N VAL A 62  O ARG A 115 ? O ARG A 115 
AA2 3 4 N LEU A 114 ? N LEU A 114 O VAL A 121 ? O VAL A 121 
AA2 4 5 N SER A 125 ? N SER A 125 O GLY A 133 ? O GLY A 133 
AA2 5 6 O PHE A 134 ? O PHE A 134 N MET A 99  ? N MET A 99  
AA2 6 7 O ARG A 93  ? O ARG A 93  N VAL A 84  ? N VAL A 84  
# 
_pdbx_entry_details.entry_id                   7H2Y 
_pdbx_entry_details.compound_details           ? 
_pdbx_entry_details.source_details             ? 
_pdbx_entry_details.nonpolymer_details         ? 
_pdbx_entry_details.sequence_details           ? 
_pdbx_entry_details.has_ligand_of_interest     ? 
_pdbx_entry_details.has_protein_modification   N 
# 
loop_
_pdbx_validate_close_contact.id 
_pdbx_validate_close_contact.PDB_model_num 
_pdbx_validate_close_contact.auth_atom_id_1 
_pdbx_validate_close_contact.auth_asym_id_1 
_pdbx_validate_close_contact.auth_comp_id_1 
_pdbx_validate_close_contact.auth_seq_id_1 
_pdbx_validate_close_contact.PDB_ins_code_1 
_pdbx_validate_close_contact.label_alt_id_1 
_pdbx_validate_close_contact.auth_atom_id_2 
_pdbx_validate_close_contact.auth_asym_id_2 
_pdbx_validate_close_contact.auth_comp_id_2 
_pdbx_validate_close_contact.auth_seq_id_2 
_pdbx_validate_close_contact.PDB_ins_code_2 
_pdbx_validate_close_contact.label_alt_id_2 
_pdbx_validate_close_contact.dist 
1 1 CB  A CYS 50  ? ? O A HOH 356 ? ? 1.98 
2 1 OE1 A GLU 106 ? ? O A HOH 301 ? ? 2.01 
3 1 O   A HOH 356 ? ? O A HOH 469 ? ? 2.07 
4 1 OH  A TYR 94  ? ? O A HOH 302 ? ? 2.08 
5 1 O   A HOH 321 ? ? O A HOH 324 ? ? 2.13 
6 1 O   A HOH 321 ? ? O A HOH 454 ? ? 2.16 
# 
loop_
_pdbx_validate_symm_contact.id 
_pdbx_validate_symm_contact.PDB_model_num 
_pdbx_validate_symm_contact.auth_atom_id_1 
_pdbx_validate_symm_contact.auth_asym_id_1 
_pdbx_validate_symm_contact.auth_comp_id_1 
_pdbx_validate_symm_contact.auth_seq_id_1 
_pdbx_validate_symm_contact.PDB_ins_code_1 
_pdbx_validate_symm_contact.label_alt_id_1 
_pdbx_validate_symm_contact.site_symmetry_1 
_pdbx_validate_symm_contact.auth_atom_id_2 
_pdbx_validate_symm_contact.auth_asym_id_2 
_pdbx_validate_symm_contact.auth_comp_id_2 
_pdbx_validate_symm_contact.auth_seq_id_2 
_pdbx_validate_symm_contact.PDB_ins_code_2 
_pdbx_validate_symm_contact.label_alt_id_2 
_pdbx_validate_symm_contact.site_symmetry_2 
_pdbx_validate_symm_contact.dist 
1 1 O2 A SO4 207 ? ? 1_555 O4 A SO4 207 ? ? 2_556 1.37 
2 1 S  A SO4 207 ? ? 1_555 O3 A SO4 207 ? ? 2_556 1.47 
3 1 S  A SO4 207 ? ? 1_555 S  A SO4 207 ? ? 2_556 1.82 
4 1 S  A SO4 207 ? ? 1_555 O2 A SO4 207 ? ? 2_556 1.97 
5 1 C6 A LPU 201 ? ? 1_555 O  A HOH 305 ? ? 4_556 2.15 
# 
loop_
_pdbx_validate_rmsd_angle.id 
_pdbx_validate_rmsd_angle.PDB_model_num 
_pdbx_validate_rmsd_angle.auth_atom_id_1 
_pdbx_validate_rmsd_angle.auth_asym_id_1 
_pdbx_validate_rmsd_angle.auth_comp_id_1 
_pdbx_validate_rmsd_angle.auth_seq_id_1 
_pdbx_validate_rmsd_angle.PDB_ins_code_1 
_pdbx_validate_rmsd_angle.label_alt_id_1 
_pdbx_validate_rmsd_angle.auth_atom_id_2 
_pdbx_validate_rmsd_angle.auth_asym_id_2 
_pdbx_validate_rmsd_angle.auth_comp_id_2 
_pdbx_validate_rmsd_angle.auth_seq_id_2 
_pdbx_validate_rmsd_angle.PDB_ins_code_2 
_pdbx_validate_rmsd_angle.label_alt_id_2 
_pdbx_validate_rmsd_angle.auth_atom_id_3 
_pdbx_validate_rmsd_angle.auth_asym_id_3 
_pdbx_validate_rmsd_angle.auth_comp_id_3 
_pdbx_validate_rmsd_angle.auth_seq_id_3 
_pdbx_validate_rmsd_angle.PDB_ins_code_3 
_pdbx_validate_rmsd_angle.label_alt_id_3 
_pdbx_validate_rmsd_angle.angle_value 
_pdbx_validate_rmsd_angle.angle_target_value 
_pdbx_validate_rmsd_angle.angle_deviation 
_pdbx_validate_rmsd_angle.angle_standard_deviation 
_pdbx_validate_rmsd_angle.linker_flag 
1 1 NE A ARG 16 ? ? CZ A ARG 16 ? ? NH1 A ARG 16 ? ? 123.40 120.30 3.10 0.50 N 
2 1 CA A CYS 50 ? ? CB A CYS 50 ? ? SG  A CYS 50 ? ? 121.55 114.20 7.35 1.10 N 
# 
_pdbx_struct_special_symmetry.id              1 
_pdbx_struct_special_symmetry.PDB_model_num   1 
_pdbx_struct_special_symmetry.auth_asym_id    A 
_pdbx_struct_special_symmetry.auth_comp_id    SO4 
_pdbx_struct_special_symmetry.auth_seq_id     207 
_pdbx_struct_special_symmetry.PDB_ins_code    ? 
_pdbx_struct_special_symmetry.label_asym_id   H 
_pdbx_struct_special_symmetry.label_comp_id   SO4 
_pdbx_struct_special_symmetry.label_seq_id    . 
# 
_pdbx_distant_solvent_atoms.id                                1 
_pdbx_distant_solvent_atoms.PDB_model_num                     1 
_pdbx_distant_solvent_atoms.auth_atom_id                      O 
_pdbx_distant_solvent_atoms.label_alt_id                      ? 
_pdbx_distant_solvent_atoms.auth_asym_id                      A 
_pdbx_distant_solvent_atoms.auth_comp_id                      HOH 
_pdbx_distant_solvent_atoms.auth_seq_id                       536 
_pdbx_distant_solvent_atoms.PDB_ins_code                      ? 
_pdbx_distant_solvent_atoms.neighbor_macromolecule_distance   7.84 
_pdbx_distant_solvent_atoms.neighbor_ligand_distance          . 
# 
loop_
_pdbx_unobs_or_zero_occ_residues.id 
_pdbx_unobs_or_zero_occ_residues.PDB_model_num 
_pdbx_unobs_or_zero_occ_residues.polymer_flag 
_pdbx_unobs_or_zero_occ_residues.occupancy_flag 
_pdbx_unobs_or_zero_occ_residues.auth_asym_id 
_pdbx_unobs_or_zero_occ_residues.auth_comp_id 
_pdbx_unobs_or_zero_occ_residues.auth_seq_id 
_pdbx_unobs_or_zero_occ_residues.PDB_ins_code 
_pdbx_unobs_or_zero_occ_residues.label_asym_id 
_pdbx_unobs_or_zero_occ_residues.label_comp_id 
_pdbx_unobs_or_zero_occ_residues.label_seq_id 
1  1 Y 1 A GLN 1   ? A GLN 1   
2  1 Y 1 A GLU 2   ? A GLU 2   
3  1 Y 1 A GLN 3   ? A GLN 3   
4  1 Y 1 A THR 4   ? A THR 4   
5  1 Y 1 A GLY 5   ? A GLY 5   
6  1 Y 1 A GLY 6   ? A GLY 6   
7  1 Y 1 A ALA 147 ? A ALA 147 
8  1 Y 1 A MET 148 ? A MET 148 
9  1 Y 1 A GLU 149 ? A GLU 149 
10 1 Y 1 A GLN 150 ? A GLN 150 
# 
loop_
_chem_comp_atom.comp_id 
_chem_comp_atom.atom_id 
_chem_comp_atom.type_symbol 
_chem_comp_atom.pdbx_aromatic_flag 
_chem_comp_atom.pdbx_stereo_config 
_chem_comp_atom.pdbx_ordinal 
ALA N    N  N N 1   
ALA CA   C  N S 2   
ALA C    C  N N 3   
ALA O    O  N N 4   
ALA CB   C  N N 5   
ALA OXT  O  N N 6   
ALA H    H  N N 7   
ALA H2   H  N N 8   
ALA HA   H  N N 9   
ALA HB1  H  N N 10  
ALA HB2  H  N N 11  
ALA HB3  H  N N 12  
ALA HXT  H  N N 13  
ARG N    N  N N 14  
ARG CA   C  N S 15  
ARG C    C  N N 16  
ARG O    O  N N 17  
ARG CB   C  N N 18  
ARG CG   C  N N 19  
ARG CD   C  N N 20  
ARG NE   N  N N 21  
ARG CZ   C  N N 22  
ARG NH1  N  N N 23  
ARG NH2  N  N N 24  
ARG OXT  O  N N 25  
ARG H    H  N N 26  
ARG H2   H  N N 27  
ARG HA   H  N N 28  
ARG HB2  H  N N 29  
ARG HB3  H  N N 30  
ARG HG2  H  N N 31  
ARG HG3  H  N N 32  
ARG HD2  H  N N 33  
ARG HD3  H  N N 34  
ARG HE   H  N N 35  
ARG HH11 H  N N 36  
ARG HH12 H  N N 37  
ARG HH21 H  N N 38  
ARG HH22 H  N N 39  
ARG HXT  H  N N 40  
ASN N    N  N N 41  
ASN CA   C  N S 42  
ASN C    C  N N 43  
ASN O    O  N N 44  
ASN CB   C  N N 45  
ASN CG   C  N N 46  
ASN OD1  O  N N 47  
ASN ND2  N  N N 48  
ASN OXT  O  N N 49  
ASN H    H  N N 50  
ASN H2   H  N N 51  
ASN HA   H  N N 52  
ASN HB2  H  N N 53  
ASN HB3  H  N N 54  
ASN HD21 H  N N 55  
ASN HD22 H  N N 56  
ASN HXT  H  N N 57  
ASP N    N  N N 58  
ASP CA   C  N S 59  
ASP C    C  N N 60  
ASP O    O  N N 61  
ASP CB   C  N N 62  
ASP CG   C  N N 63  
ASP OD1  O  N N 64  
ASP OD2  O  N N 65  
ASP OXT  O  N N 66  
ASP H    H  N N 67  
ASP H2   H  N N 68  
ASP HA   H  N N 69  
ASP HB2  H  N N 70  
ASP HB3  H  N N 71  
ASP HD2  H  N N 72  
ASP HXT  H  N N 73  
CYS N    N  N N 74  
CYS CA   C  N R 75  
CYS C    C  N N 76  
CYS O    O  N N 77  
CYS CB   C  N N 78  
CYS SG   S  N N 79  
CYS OXT  O  N N 80  
CYS H    H  N N 81  
CYS H2   H  N N 82  
CYS HA   H  N N 83  
CYS HB2  H  N N 84  
CYS HB3  H  N N 85  
CYS HG   H  N N 86  
CYS HXT  H  N N 87  
DMS S    S  N N 88  
DMS O    O  N N 89  
DMS C1   C  N N 90  
DMS C2   C  N N 91  
DMS H11  H  N N 92  
DMS H12  H  N N 93  
DMS H13  H  N N 94  
DMS H21  H  N N 95  
DMS H22  H  N N 96  
DMS H23  H  N N 97  
GLN N    N  N N 98  
GLN CA   C  N S 99  
GLN C    C  N N 100 
GLN O    O  N N 101 
GLN CB   C  N N 102 
GLN CG   C  N N 103 
GLN CD   C  N N 104 
GLN OE1  O  N N 105 
GLN NE2  N  N N 106 
GLN OXT  O  N N 107 
GLN H    H  N N 108 
GLN H2   H  N N 109 
GLN HA   H  N N 110 
GLN HB2  H  N N 111 
GLN HB3  H  N N 112 
GLN HG2  H  N N 113 
GLN HG3  H  N N 114 
GLN HE21 H  N N 115 
GLN HE22 H  N N 116 
GLN HXT  H  N N 117 
GLU N    N  N N 118 
GLU CA   C  N S 119 
GLU C    C  N N 120 
GLU O    O  N N 121 
GLU CB   C  N N 122 
GLU CG   C  N N 123 
GLU CD   C  N N 124 
GLU OE1  O  N N 125 
GLU OE2  O  N N 126 
GLU OXT  O  N N 127 
GLU H    H  N N 128 
GLU H2   H  N N 129 
GLU HA   H  N N 130 
GLU HB2  H  N N 131 
GLU HB3  H  N N 132 
GLU HG2  H  N N 133 
GLU HG3  H  N N 134 
GLU HE2  H  N N 135 
GLU HXT  H  N N 136 
GLY N    N  N N 137 
GLY CA   C  N N 138 
GLY C    C  N N 139 
GLY O    O  N N 140 
GLY OXT  O  N N 141 
GLY H    H  N N 142 
GLY H2   H  N N 143 
GLY HA2  H  N N 144 
GLY HA3  H  N N 145 
GLY HXT  H  N N 146 
HIS N    N  N N 147 
HIS CA   C  N S 148 
HIS C    C  N N 149 
HIS O    O  N N 150 
HIS CB   C  N N 151 
HIS CG   C  Y N 152 
HIS ND1  N  Y N 153 
HIS CD2  C  Y N 154 
HIS CE1  C  Y N 155 
HIS NE2  N  Y N 156 
HIS OXT  O  N N 157 
HIS H    H  N N 158 
HIS H2   H  N N 159 
HIS HA   H  N N 160 
HIS HB2  H  N N 161 
HIS HB3  H  N N 162 
HIS HD1  H  N N 163 
HIS HD2  H  N N 164 
HIS HE1  H  N N 165 
HIS HE2  H  N N 166 
HIS HXT  H  N N 167 
HOH O    O  N N 168 
HOH H1   H  N N 169 
HOH H2   H  N N 170 
ILE N    N  N N 171 
ILE CA   C  N S 172 
ILE C    C  N N 173 
ILE O    O  N N 174 
ILE CB   C  N S 175 
ILE CG1  C  N N 176 
ILE CG2  C  N N 177 
ILE CD1  C  N N 178 
ILE OXT  O  N N 179 
ILE H    H  N N 180 
ILE H2   H  N N 181 
ILE HA   H  N N 182 
ILE HB   H  N N 183 
ILE HG12 H  N N 184 
ILE HG13 H  N N 185 
ILE HG21 H  N N 186 
ILE HG22 H  N N 187 
ILE HG23 H  N N 188 
ILE HD11 H  N N 189 
ILE HD12 H  N N 190 
ILE HD13 H  N N 191 
ILE HXT  H  N N 192 
LEU N    N  N N 193 
LEU CA   C  N S 194 
LEU C    C  N N 195 
LEU O    O  N N 196 
LEU CB   C  N N 197 
LEU CG   C  N N 198 
LEU CD1  C  N N 199 
LEU CD2  C  N N 200 
LEU OXT  O  N N 201 
LEU H    H  N N 202 
LEU H2   H  N N 203 
LEU HA   H  N N 204 
LEU HB2  H  N N 205 
LEU HB3  H  N N 206 
LEU HG   H  N N 207 
LEU HD11 H  N N 208 
LEU HD12 H  N N 209 
LEU HD13 H  N N 210 
LEU HD21 H  N N 211 
LEU HD22 H  N N 212 
LEU HD23 H  N N 213 
LEU HXT  H  N N 214 
LPU N1   N  N N 215 
LPU C4   C  N N 216 
LPU C5   C  N N 217 
LPU C6   C  N N 218 
LPU C1   C  N N 219 
LPU S1   S  N N 220 
LPU O1   O  N N 221 
LPU O2   O  N N 222 
LPU C2   C  N N 223 
LPU C3   C  N N 224 
LPU O3   O  N N 225 
LPU H1   H  N N 226 
LPU H2   H  N N 227 
LPU H3   H  N N 228 
LPU H4   H  N N 229 
LPU H5   H  N N 230 
LPU H6   H  N N 231 
LPU H7   H  N N 232 
LPU H8   H  N N 233 
LPU H9   H  N N 234 
LPU H10  H  N N 235 
LPU H11  H  N N 236 
LPU H12  H  N N 237 
LPU H13  H  N N 238 
LYS N    N  N N 239 
LYS CA   C  N S 240 
LYS C    C  N N 241 
LYS O    O  N N 242 
LYS CB   C  N N 243 
LYS CG   C  N N 244 
LYS CD   C  N N 245 
LYS CE   C  N N 246 
LYS NZ   N  N N 247 
LYS OXT  O  N N 248 
LYS H    H  N N 249 
LYS H2   H  N N 250 
LYS HA   H  N N 251 
LYS HB2  H  N N 252 
LYS HB3  H  N N 253 
LYS HG2  H  N N 254 
LYS HG3  H  N N 255 
LYS HD2  H  N N 256 
LYS HD3  H  N N 257 
LYS HE2  H  N N 258 
LYS HE3  H  N N 259 
LYS HZ1  H  N N 260 
LYS HZ2  H  N N 261 
LYS HZ3  H  N N 262 
LYS HXT  H  N N 263 
MET N    N  N N 264 
MET CA   C  N S 265 
MET C    C  N N 266 
MET O    O  N N 267 
MET CB   C  N N 268 
MET CG   C  N N 269 
MET SD   S  N N 270 
MET CE   C  N N 271 
MET OXT  O  N N 272 
MET H    H  N N 273 
MET H2   H  N N 274 
MET HA   H  N N 275 
MET HB2  H  N N 276 
MET HB3  H  N N 277 
MET HG2  H  N N 278 
MET HG3  H  N N 279 
MET HE1  H  N N 280 
MET HE2  H  N N 281 
MET HE3  H  N N 282 
MET HXT  H  N N 283 
PHE N    N  N N 284 
PHE CA   C  N S 285 
PHE C    C  N N 286 
PHE O    O  N N 287 
PHE CB   C  N N 288 
PHE CG   C  Y N 289 
PHE CD1  C  Y N 290 
PHE CD2  C  Y N 291 
PHE CE1  C  Y N 292 
PHE CE2  C  Y N 293 
PHE CZ   C  Y N 294 
PHE OXT  O  N N 295 
PHE H    H  N N 296 
PHE H2   H  N N 297 
PHE HA   H  N N 298 
PHE HB2  H  N N 299 
PHE HB3  H  N N 300 
PHE HD1  H  N N 301 
PHE HD2  H  N N 302 
PHE HE1  H  N N 303 
PHE HE2  H  N N 304 
PHE HZ   H  N N 305 
PHE HXT  H  N N 306 
PRO N    N  N N 307 
PRO CA   C  N S 308 
PRO C    C  N N 309 
PRO O    O  N N 310 
PRO CB   C  N N 311 
PRO CG   C  N N 312 
PRO CD   C  N N 313 
PRO OXT  O  N N 314 
PRO H    H  N N 315 
PRO HA   H  N N 316 
PRO HB2  H  N N 317 
PRO HB3  H  N N 318 
PRO HG2  H  N N 319 
PRO HG3  H  N N 320 
PRO HD2  H  N N 321 
PRO HD3  H  N N 322 
PRO HXT  H  N N 323 
SER N    N  N N 324 
SER CA   C  N S 325 
SER C    C  N N 326 
SER O    O  N N 327 
SER CB   C  N N 328 
SER OG   O  N N 329 
SER OXT  O  N N 330 
SER H    H  N N 331 
SER H2   H  N N 332 
SER HA   H  N N 333 
SER HB2  H  N N 334 
SER HB3  H  N N 335 
SER HG   H  N N 336 
SER HXT  H  N N 337 
SO4 S    S  N N 338 
SO4 O1   O  N N 339 
SO4 O2   O  N N 340 
SO4 O3   O  N N 341 
SO4 O4   O  N N 342 
THR N    N  N N 343 
THR CA   C  N S 344 
THR C    C  N N 345 
THR O    O  N N 346 
THR CB   C  N R 347 
THR OG1  O  N N 348 
THR CG2  C  N N 349 
THR OXT  O  N N 350 
THR H    H  N N 351 
THR H2   H  N N 352 
THR HA   H  N N 353 
THR HB   H  N N 354 
THR HG1  H  N N 355 
THR HG21 H  N N 356 
THR HG22 H  N N 357 
THR HG23 H  N N 358 
THR HXT  H  N N 359 
TRP N    N  N N 360 
TRP CA   C  N S 361 
TRP C    C  N N 362 
TRP O    O  N N 363 
TRP CB   C  N N 364 
TRP CG   C  Y N 365 
TRP CD1  C  Y N 366 
TRP CD2  C  Y N 367 
TRP NE1  N  Y N 368 
TRP CE2  C  Y N 369 
TRP CE3  C  Y N 370 
TRP CZ2  C  Y N 371 
TRP CZ3  C  Y N 372 
TRP CH2  C  Y N 373 
TRP OXT  O  N N 374 
TRP H    H  N N 375 
TRP H2   H  N N 376 
TRP HA   H  N N 377 
TRP HB2  H  N N 378 
TRP HB3  H  N N 379 
TRP HD1  H  N N 380 
TRP HE1  H  N N 381 
TRP HE3  H  N N 382 
TRP HZ2  H  N N 383 
TRP HZ3  H  N N 384 
TRP HH2  H  N N 385 
TRP HXT  H  N N 386 
TYR N    N  N N 387 
TYR CA   C  N S 388 
TYR C    C  N N 389 
TYR O    O  N N 390 
TYR CB   C  N N 391 
TYR CG   C  Y N 392 
TYR CD1  C  Y N 393 
TYR CD2  C  Y N 394 
TYR CE1  C  Y N 395 
TYR CE2  C  Y N 396 
TYR CZ   C  Y N 397 
TYR OH   O  N N 398 
TYR OXT  O  N N 399 
TYR H    H  N N 400 
TYR H2   H  N N 401 
TYR HA   H  N N 402 
TYR HB2  H  N N 403 
TYR HB3  H  N N 404 
TYR HD1  H  N N 405 
TYR HD2  H  N N 406 
TYR HE1  H  N N 407 
TYR HE2  H  N N 408 
TYR HH   H  N N 409 
TYR HXT  H  N N 410 
VAL N    N  N N 411 
VAL CA   C  N S 412 
VAL C    C  N N 413 
VAL O    O  N N 414 
VAL CB   C  N N 415 
VAL CG1  C  N N 416 
VAL CG2  C  N N 417 
VAL OXT  O  N N 418 
VAL H    H  N N 419 
VAL H2   H  N N 420 
VAL HA   H  N N 421 
VAL HB   H  N N 422 
VAL HG11 H  N N 423 
VAL HG12 H  N N 424 
VAL HG13 H  N N 425 
VAL HG21 H  N N 426 
VAL HG22 H  N N 427 
VAL HG23 H  N N 428 
VAL HXT  H  N N 429 
ZN  ZN   ZN N N 430 
# 
loop_
_chem_comp_bond.comp_id 
_chem_comp_bond.atom_id_1 
_chem_comp_bond.atom_id_2 
_chem_comp_bond.value_order 
_chem_comp_bond.pdbx_aromatic_flag 
_chem_comp_bond.pdbx_stereo_config 
_chem_comp_bond.pdbx_ordinal 
ALA N   CA   sing N N 1   
ALA N   H    sing N N 2   
ALA N   H2   sing N N 3   
ALA CA  C    sing N N 4   
ALA CA  CB   sing N N 5   
ALA CA  HA   sing N N 6   
ALA C   O    doub N N 7   
ALA C   OXT  sing N N 8   
ALA CB  HB1  sing N N 9   
ALA CB  HB2  sing N N 10  
ALA CB  HB3  sing N N 11  
ALA OXT HXT  sing N N 12  
ARG N   CA   sing N N 13  
ARG N   H    sing N N 14  
ARG N   H2   sing N N 15  
ARG CA  C    sing N N 16  
ARG CA  CB   sing N N 17  
ARG CA  HA   sing N N 18  
ARG C   O    doub N N 19  
ARG C   OXT  sing N N 20  
ARG CB  CG   sing N N 21  
ARG CB  HB2  sing N N 22  
ARG CB  HB3  sing N N 23  
ARG CG  CD   sing N N 24  
ARG CG  HG2  sing N N 25  
ARG CG  HG3  sing N N 26  
ARG CD  NE   sing N N 27  
ARG CD  HD2  sing N N 28  
ARG CD  HD3  sing N N 29  
ARG NE  CZ   sing N N 30  
ARG NE  HE   sing N N 31  
ARG CZ  NH1  sing N N 32  
ARG CZ  NH2  doub N N 33  
ARG NH1 HH11 sing N N 34  
ARG NH1 HH12 sing N N 35  
ARG NH2 HH21 sing N N 36  
ARG NH2 HH22 sing N N 37  
ARG OXT HXT  sing N N 38  
ASN N   CA   sing N N 39  
ASN N   H    sing N N 40  
ASN N   H2   sing N N 41  
ASN CA  C    sing N N 42  
ASN CA  CB   sing N N 43  
ASN CA  HA   sing N N 44  
ASN C   O    doub N N 45  
ASN C   OXT  sing N N 46  
ASN CB  CG   sing N N 47  
ASN CB  HB2  sing N N 48  
ASN CB  HB3  sing N N 49  
ASN CG  OD1  doub N N 50  
ASN CG  ND2  sing N N 51  
ASN ND2 HD21 sing N N 52  
ASN ND2 HD22 sing N N 53  
ASN OXT HXT  sing N N 54  
ASP N   CA   sing N N 55  
ASP N   H    sing N N 56  
ASP N   H2   sing N N 57  
ASP CA  C    sing N N 58  
ASP CA  CB   sing N N 59  
ASP CA  HA   sing N N 60  
ASP C   O    doub N N 61  
ASP C   OXT  sing N N 62  
ASP CB  CG   sing N N 63  
ASP CB  HB2  sing N N 64  
ASP CB  HB3  sing N N 65  
ASP CG  OD1  doub N N 66  
ASP CG  OD2  sing N N 67  
ASP OD2 HD2  sing N N 68  
ASP OXT HXT  sing N N 69  
CYS N   CA   sing N N 70  
CYS N   H    sing N N 71  
CYS N   H2   sing N N 72  
CYS CA  C    sing N N 73  
CYS CA  CB   sing N N 74  
CYS CA  HA   sing N N 75  
CYS C   O    doub N N 76  
CYS C   OXT  sing N N 77  
CYS CB  SG   sing N N 78  
CYS CB  HB2  sing N N 79  
CYS CB  HB3  sing N N 80  
CYS SG  HG   sing N N 81  
CYS OXT HXT  sing N N 82  
DMS S   O    doub N N 83  
DMS S   C1   sing N N 84  
DMS S   C2   sing N N 85  
DMS C1  H11  sing N N 86  
DMS C1  H12  sing N N 87  
DMS C1  H13  sing N N 88  
DMS C2  H21  sing N N 89  
DMS C2  H22  sing N N 90  
DMS C2  H23  sing N N 91  
GLN N   CA   sing N N 92  
GLN N   H    sing N N 93  
GLN N   H2   sing N N 94  
GLN CA  C    sing N N 95  
GLN CA  CB   sing N N 96  
GLN CA  HA   sing N N 97  
GLN C   O    doub N N 98  
GLN C   OXT  sing N N 99  
GLN CB  CG   sing N N 100 
GLN CB  HB2  sing N N 101 
GLN CB  HB3  sing N N 102 
GLN CG  CD   sing N N 103 
GLN CG  HG2  sing N N 104 
GLN CG  HG3  sing N N 105 
GLN CD  OE1  doub N N 106 
GLN CD  NE2  sing N N 107 
GLN NE2 HE21 sing N N 108 
GLN NE2 HE22 sing N N 109 
GLN OXT HXT  sing N N 110 
GLU N   CA   sing N N 111 
GLU N   H    sing N N 112 
GLU N   H2   sing N N 113 
GLU CA  C    sing N N 114 
GLU CA  CB   sing N N 115 
GLU CA  HA   sing N N 116 
GLU C   O    doub N N 117 
GLU C   OXT  sing N N 118 
GLU CB  CG   sing N N 119 
GLU CB  HB2  sing N N 120 
GLU CB  HB3  sing N N 121 
GLU CG  CD   sing N N 122 
GLU CG  HG2  sing N N 123 
GLU CG  HG3  sing N N 124 
GLU CD  OE1  doub N N 125 
GLU CD  OE2  sing N N 126 
GLU OE2 HE2  sing N N 127 
GLU OXT HXT  sing N N 128 
GLY N   CA   sing N N 129 
GLY N   H    sing N N 130 
GLY N   H2   sing N N 131 
GLY CA  C    sing N N 132 
GLY CA  HA2  sing N N 133 
GLY CA  HA3  sing N N 134 
GLY C   O    doub N N 135 
GLY C   OXT  sing N N 136 
GLY OXT HXT  sing N N 137 
HIS N   CA   sing N N 138 
HIS N   H    sing N N 139 
HIS N   H2   sing N N 140 
HIS CA  C    sing N N 141 
HIS CA  CB   sing N N 142 
HIS CA  HA   sing N N 143 
HIS C   O    doub N N 144 
HIS C   OXT  sing N N 145 
HIS CB  CG   sing N N 146 
HIS CB  HB2  sing N N 147 
HIS CB  HB3  sing N N 148 
HIS CG  ND1  sing Y N 149 
HIS CG  CD2  doub Y N 150 
HIS ND1 CE1  doub Y N 151 
HIS ND1 HD1  sing N N 152 
HIS CD2 NE2  sing Y N 153 
HIS CD2 HD2  sing N N 154 
HIS CE1 NE2  sing Y N 155 
HIS CE1 HE1  sing N N 156 
HIS NE2 HE2  sing N N 157 
HIS OXT HXT  sing N N 158 
HOH O   H1   sing N N 159 
HOH O   H2   sing N N 160 
ILE N   CA   sing N N 161 
ILE N   H    sing N N 162 
ILE N   H2   sing N N 163 
ILE CA  C    sing N N 164 
ILE CA  CB   sing N N 165 
ILE CA  HA   sing N N 166 
ILE C   O    doub N N 167 
ILE C   OXT  sing N N 168 
ILE CB  CG1  sing N N 169 
ILE CB  CG2  sing N N 170 
ILE CB  HB   sing N N 171 
ILE CG1 CD1  sing N N 172 
ILE CG1 HG12 sing N N 173 
ILE CG1 HG13 sing N N 174 
ILE CG2 HG21 sing N N 175 
ILE CG2 HG22 sing N N 176 
ILE CG2 HG23 sing N N 177 
ILE CD1 HD11 sing N N 178 
ILE CD1 HD12 sing N N 179 
ILE CD1 HD13 sing N N 180 
ILE OXT HXT  sing N N 181 
LEU N   CA   sing N N 182 
LEU N   H    sing N N 183 
LEU N   H2   sing N N 184 
LEU CA  C    sing N N 185 
LEU CA  CB   sing N N 186 
LEU CA  HA   sing N N 187 
LEU C   O    doub N N 188 
LEU C   OXT  sing N N 189 
LEU CB  CG   sing N N 190 
LEU CB  HB2  sing N N 191 
LEU CB  HB3  sing N N 192 
LEU CG  CD1  sing N N 193 
LEU CG  CD2  sing N N 194 
LEU CG  HG   sing N N 195 
LEU CD1 HD11 sing N N 196 
LEU CD1 HD12 sing N N 197 
LEU CD1 HD13 sing N N 198 
LEU CD2 HD21 sing N N 199 
LEU CD2 HD22 sing N N 200 
LEU CD2 HD23 sing N N 201 
LEU OXT HXT  sing N N 202 
LPU O2  S1   doub N N 203 
LPU C6  N1   sing N N 204 
LPU C6  C5   sing N N 205 
LPU S1  N1   sing N N 206 
LPU S1  O1   doub N N 207 
LPU S1  C1   sing N N 208 
LPU N1  C2   sing N N 209 
LPU C5  C4   sing N N 210 
LPU O3  C4   sing N N 211 
LPU C4  C3   sing N N 212 
LPU C2  C3   sing N N 213 
LPU C4  H1   sing N N 214 
LPU C5  H2   sing N N 215 
LPU C5  H3   sing N N 216 
LPU C6  H4   sing N N 217 
LPU C6  H5   sing N N 218 
LPU C1  H6   sing N N 219 
LPU C1  H7   sing N N 220 
LPU C1  H8   sing N N 221 
LPU C2  H9   sing N N 222 
LPU C2  H10  sing N N 223 
LPU C3  H11  sing N N 224 
LPU C3  H12  sing N N 225 
LPU O3  H13  sing N N 226 
LYS N   CA   sing N N 227 
LYS N   H    sing N N 228 
LYS N   H2   sing N N 229 
LYS CA  C    sing N N 230 
LYS CA  CB   sing N N 231 
LYS CA  HA   sing N N 232 
LYS C   O    doub N N 233 
LYS C   OXT  sing N N 234 
LYS CB  CG   sing N N 235 
LYS CB  HB2  sing N N 236 
LYS CB  HB3  sing N N 237 
LYS CG  CD   sing N N 238 
LYS CG  HG2  sing N N 239 
LYS CG  HG3  sing N N 240 
LYS CD  CE   sing N N 241 
LYS CD  HD2  sing N N 242 
LYS CD  HD3  sing N N 243 
LYS CE  NZ   sing N N 244 
LYS CE  HE2  sing N N 245 
LYS CE  HE3  sing N N 246 
LYS NZ  HZ1  sing N N 247 
LYS NZ  HZ2  sing N N 248 
LYS NZ  HZ3  sing N N 249 
LYS OXT HXT  sing N N 250 
MET N   CA   sing N N 251 
MET N   H    sing N N 252 
MET N   H2   sing N N 253 
MET CA  C    sing N N 254 
MET CA  CB   sing N N 255 
MET CA  HA   sing N N 256 
MET C   O    doub N N 257 
MET C   OXT  sing N N 258 
MET CB  CG   sing N N 259 
MET CB  HB2  sing N N 260 
MET CB  HB3  sing N N 261 
MET CG  SD   sing N N 262 
MET CG  HG2  sing N N 263 
MET CG  HG3  sing N N 264 
MET SD  CE   sing N N 265 
MET CE  HE1  sing N N 266 
MET CE  HE2  sing N N 267 
MET CE  HE3  sing N N 268 
MET OXT HXT  sing N N 269 
PHE N   CA   sing N N 270 
PHE N   H    sing N N 271 
PHE N   H2   sing N N 272 
PHE CA  C    sing N N 273 
PHE CA  CB   sing N N 274 
PHE CA  HA   sing N N 275 
PHE C   O    doub N N 276 
PHE C   OXT  sing N N 277 
PHE CB  CG   sing N N 278 
PHE CB  HB2  sing N N 279 
PHE CB  HB3  sing N N 280 
PHE CG  CD1  doub Y N 281 
PHE CG  CD2  sing Y N 282 
PHE CD1 CE1  sing Y N 283 
PHE CD1 HD1  sing N N 284 
PHE CD2 CE2  doub Y N 285 
PHE CD2 HD2  sing N N 286 
PHE CE1 CZ   doub Y N 287 
PHE CE1 HE1  sing N N 288 
PHE CE2 CZ   sing Y N 289 
PHE CE2 HE2  sing N N 290 
PHE CZ  HZ   sing N N 291 
PHE OXT HXT  sing N N 292 
PRO N   CA   sing N N 293 
PRO N   CD   sing N N 294 
PRO N   H    sing N N 295 
PRO CA  C    sing N N 296 
PRO CA  CB   sing N N 297 
PRO CA  HA   sing N N 298 
PRO C   O    doub N N 299 
PRO C   OXT  sing N N 300 
PRO CB  CG   sing N N 301 
PRO CB  HB2  sing N N 302 
PRO CB  HB3  sing N N 303 
PRO CG  CD   sing N N 304 
PRO CG  HG2  sing N N 305 
PRO CG  HG3  sing N N 306 
PRO CD  HD2  sing N N 307 
PRO CD  HD3  sing N N 308 
PRO OXT HXT  sing N N 309 
SER N   CA   sing N N 310 
SER N   H    sing N N 311 
SER N   H2   sing N N 312 
SER CA  C    sing N N 313 
SER CA  CB   sing N N 314 
SER CA  HA   sing N N 315 
SER C   O    doub N N 316 
SER C   OXT  sing N N 317 
SER CB  OG   sing N N 318 
SER CB  HB2  sing N N 319 
SER CB  HB3  sing N N 320 
SER OG  HG   sing N N 321 
SER OXT HXT  sing N N 322 
SO4 S   O1   doub N N 323 
SO4 S   O2   doub N N 324 
SO4 S   O3   sing N N 325 
SO4 S   O4   sing N N 326 
THR N   CA   sing N N 327 
THR N   H    sing N N 328 
THR N   H2   sing N N 329 
THR CA  C    sing N N 330 
THR CA  CB   sing N N 331 
THR CA  HA   sing N N 332 
THR C   O    doub N N 333 
THR C   OXT  sing N N 334 
THR CB  OG1  sing N N 335 
THR CB  CG2  sing N N 336 
THR CB  HB   sing N N 337 
THR OG1 HG1  sing N N 338 
THR CG2 HG21 sing N N 339 
THR CG2 HG22 sing N N 340 
THR CG2 HG23 sing N N 341 
THR OXT HXT  sing N N 342 
TRP N   CA   sing N N 343 
TRP N   H    sing N N 344 
TRP N   H2   sing N N 345 
TRP CA  C    sing N N 346 
TRP CA  CB   sing N N 347 
TRP CA  HA   sing N N 348 
TRP C   O    doub N N 349 
TRP C   OXT  sing N N 350 
TRP CB  CG   sing N N 351 
TRP CB  HB2  sing N N 352 
TRP CB  HB3  sing N N 353 
TRP CG  CD1  doub Y N 354 
TRP CG  CD2  sing Y N 355 
TRP CD1 NE1  sing Y N 356 
TRP CD1 HD1  sing N N 357 
TRP CD2 CE2  doub Y N 358 
TRP CD2 CE3  sing Y N 359 
TRP NE1 CE2  sing Y N 360 
TRP NE1 HE1  sing N N 361 
TRP CE2 CZ2  sing Y N 362 
TRP CE3 CZ3  doub Y N 363 
TRP CE3 HE3  sing N N 364 
TRP CZ2 CH2  doub Y N 365 
TRP CZ2 HZ2  sing N N 366 
TRP CZ3 CH2  sing Y N 367 
TRP CZ3 HZ3  sing N N 368 
TRP CH2 HH2  sing N N 369 
TRP OXT HXT  sing N N 370 
TYR N   CA   sing N N 371 
TYR N   H    sing N N 372 
TYR N   H2   sing N N 373 
TYR CA  C    sing N N 374 
TYR CA  CB   sing N N 375 
TYR CA  HA   sing N N 376 
TYR C   O    doub N N 377 
TYR C   OXT  sing N N 378 
TYR CB  CG   sing N N 379 
TYR CB  HB2  sing N N 380 
TYR CB  HB3  sing N N 381 
TYR CG  CD1  doub Y N 382 
TYR CG  CD2  sing Y N 383 
TYR CD1 CE1  sing Y N 384 
TYR CD1 HD1  sing N N 385 
TYR CD2 CE2  doub Y N 386 
TYR CD2 HD2  sing N N 387 
TYR CE1 CZ   doub Y N 388 
TYR CE1 HE1  sing N N 389 
TYR CE2 CZ   sing Y N 390 
TYR CE2 HE2  sing N N 391 
TYR CZ  OH   sing N N 392 
TYR OH  HH   sing N N 393 
TYR OXT HXT  sing N N 394 
VAL N   CA   sing N N 395 
VAL N   H    sing N N 396 
VAL N   H2   sing N N 397 
VAL CA  C    sing N N 398 
VAL CA  CB   sing N N 399 
VAL CA  HA   sing N N 400 
VAL C   O    doub N N 401 
VAL C   OXT  sing N N 402 
VAL CB  CG1  sing N N 403 
VAL CB  CG2  sing N N 404 
VAL CB  HB   sing N N 405 
VAL CG1 HG11 sing N N 406 
VAL CG1 HG12 sing N N 407 
VAL CG1 HG13 sing N N 408 
VAL CG2 HG21 sing N N 409 
VAL CG2 HG22 sing N N 410 
VAL CG2 HG23 sing N N 411 
VAL OXT HXT  sing N N 412 
# 
_pdbx_audit_support.funding_organization   
'National Institutes of Health/National Institute Of Allergy and Infectious Diseases (NIH/NIAID)' 
_pdbx_audit_support.country                'United States' 
_pdbx_audit_support.grant_number           U19AI171399 
_pdbx_audit_support.ordinal                1 
# 
_pdbx_deposit_group.group_id            G_1002288 
_pdbx_deposit_group.group_description   'Crystallographic fragment screening of Coxsackievirus A16 (G-10) 2A protease' 
_pdbx_deposit_group.group_title         
'Group deposition for crystallographic fragment screening of Coxsackievirus A16 (G-10) 2A protease' 
_pdbx_deposit_group.group_type          'changed state' 
# 
_atom_sites.entry_id                    7H2Y 
_atom_sites.fract_transf_matrix[1][1]   -0.01079110 
_atom_sites.fract_transf_matrix[1][2]   -0.00372182 
_atom_sites.fract_transf_matrix[1][3]   -0.00228512 
_atom_sites.fract_transf_matrix[2][1]   0.00593927 
_atom_sites.fract_transf_matrix[2][2]   -0.01657817 
_atom_sites.fract_transf_matrix[2][3]   -0.00104604 
_atom_sites.fract_transf_matrix[3][1]   -0.00774520 
_atom_sites.fract_transf_matrix[3][2]   -0.00464399 
_atom_sites.fract_transf_matrix[3][3]   0.02962408 
_atom_sites.fract_transf_vector[1]      0.184915 
_atom_sites.fract_transf_vector[2]      0.125029 
_atom_sites.fract_transf_vector[3]      0.445647 
# 
loop_
_atom_type.symbol 
C  
N  
O  
S  
ZN 
# 
loop_
_atom_site.group_PDB 
_atom_site.id 
_atom_site.type_symbol 
_atom_site.label_atom_id 
_atom_site.label_alt_id 
_atom_site.label_comp_id 
_atom_site.label_asym_id 
_atom_site.label_entity_id 
_atom_site.label_seq_id 
_atom_site.pdbx_PDB_ins_code 
_atom_site.Cartn_x 
_atom_site.Cartn_y 
_atom_site.Cartn_z 
_atom_site.occupancy 
_atom_site.B_iso_or_equiv 
_atom_site.pdbx_formal_charge 
_atom_site.auth_seq_id 
_atom_site.auth_comp_id 
_atom_site.auth_asym_id 
_atom_site.auth_atom_id 
_atom_site.pdbx_PDB_model_num 
ATOM   1    N  N   . SER A 1 7   ? -5.916  -2.102  8.849   1.00 14.49 ? 7   SER A N   1 
ATOM   2    C  CA  . SER A 1 7   ? -6.749  -2.466  7.711   1.00 13.87 ? 7   SER A CA  1 
ATOM   3    C  C   . SER A 1 7   ? -6.946  -1.273  6.787   1.00 13.56 ? 7   SER A C   1 
ATOM   4    O  O   . SER A 1 7   ? -6.667  -0.137  7.181   1.00 14.68 ? 7   SER A O   1 
ATOM   5    C  CB  . SER A 1 7   ? -8.096  -2.998  8.152   1.00 16.88 ? 7   SER A CB  1 
ATOM   6    O  OG  . SER A 1 7   ? -8.732  -1.969  8.879   1.00 21.51 ? 7   SER A OG  1 
ATOM   7    N  N   . GLY A 1 8   ? -7.375  -1.540  5.586   1.00 12.25 ? 8   GLY A N   1 
ATOM   8    C  CA  . GLY A 1 8   ? -7.687  -0.476  4.638   1.00 12.84 ? 8   GLY A CA  1 
ATOM   9    C  C   . GLY A 1 8   ? -7.503  -0.954  3.217   1.00 11.94 ? 8   GLY A C   1 
ATOM   10   O  O   . GLY A 1 8   ? -6.711  -1.865  2.984   1.00 14.73 ? 8   GLY A O   1 
ATOM   11   N  N   . ALA A 1 9   ? -8.141  -0.304  2.269   1.00 12.18 ? 9   ALA A N   1 
ATOM   12   C  CA  . ALA A 1 9   ? -8.044  -0.641  0.850   1.00 12.11 ? 9   ALA A CA  1 
ATOM   13   C  C   . ALA A 1 9   ? -8.048  0.632   0.011   1.00 11.22 ? 9   ALA A C   1 
ATOM   14   O  O   . ALA A 1 9   ? -8.513  1.681   0.484   1.00 13.04 ? 9   ALA A O   1 
ATOM   15   C  CB  . ALA A 1 9   ? -9.156  -1.585  0.458   1.00 12.89 ? 9   ALA A CB  1 
ATOM   16   N  N   . ILE A 1 10  ? -7.682  0.480   -1.240  1.00 11.71 ? 10  ILE A N   1 
ATOM   17   C  CA  . ILE A 1 10  ? -7.881  1.474   -2.307  1.00 12.68 ? 10  ILE A CA  1 
ATOM   18   C  C   . ILE A 1 10  ? -8.999  0.943   -3.179  1.00 12.92 ? 10  ILE A C   1 
ATOM   19   O  O   . ILE A 1 10  ? -8.949  -0.220  -3.591  1.00 13.42 ? 10  ILE A O   1 
ATOM   20   C  CB  . ILE A 1 10  ? -6.590  1.731   -3.128  1.00 11.88 ? 10  ILE A CB  1 
ATOM   21   C  CG1 . ILE A 1 10  ? -5.360  2.011   -2.259  1.00 12.14 ? 10  ILE A CG1 1 
ATOM   22   C  CG2 . ILE A 1 10  ? -6.824  2.873   -4.095  1.00 13.63 ? 10  ILE A CG2 1 
ATOM   23   C  CD1 . ILE A 1 10  ? -4.059  1.877   -2.991  1.00 12.56 ? 10  ILE A CD1 1 
ATOM   24   N  N   . TYR A 1 11  ? -9.898  1.828   -3.594  1.00 15.50 ? 11  TYR A N   1 
ATOM   25   C  CA  . TYR A 1 11  ? -11.011 1.500   -4.522  1.00 17.49 ? 11  TYR A CA  1 
ATOM   26   C  C   . TYR A 1 11  ? -10.885 2.396   -5.746  1.00 14.16 ? 11  TYR A C   1 
ATOM   27   O  O   . TYR A 1 11  ? -11.170 3.611   -5.585  1.00 17.06 ? 11  TYR A O   1 
ATOM   28   C  CB  . TYR A 1 11  ? -12.370 1.667   -3.825  1.00 18.01 ? 11  TYR A CB  1 
ATOM   29   C  CG  . TYR A 1 11  ? -12.547 0.698   -2.677  1.00 15.89 ? 11  TYR A CG  1 
ATOM   30   C  CD1 . TYR A 1 11  ? -12.960 -0.601  -2.886  1.00 16.27 ? 11  TYR A CD1 1 
ATOM   31   C  CD2 . TYR A 1 11  ? -12.267 1.057   -1.388  1.00 16.34 ? 11  TYR A CD2 1 
ATOM   32   C  CE1 . TYR A 1 11  ? -13.074 -1.519  -1.854  1.00 15.46 ? 11  TYR A CE1 1 
ATOM   33   C  CE2 . TYR A 1 11  ? -12.375 0.156   -0.325  1.00 17.19 ? 11  TYR A CE2 1 
ATOM   34   C  CZ  . TYR A 1 11  ? -12.798 -1.144  -0.559  1.00 15.74 ? 11  TYR A CZ  1 
ATOM   35   O  OH  . TYR A 1 11  ? -12.876 -1.984  0.545   1.00 17.62 ? 11  TYR A OH  1 
ATOM   36   N  N   . VAL A 1 12  ? -10.456 1.838   -6.837  1.00 15.46 ? 12  VAL A N   1 
ATOM   37   C  CA  . VAL A 1 12  ? -10.290 2.578   -8.108  1.00 16.10 ? 12  VAL A CA  1 
ATOM   38   C  C   . VAL A 1 12  ? -11.006 1.760   -9.187  1.00 15.90 ? 12  VAL A C   1 
ATOM   39   O  O   . VAL A 1 12  ? -10.705 0.551   -9.399  1.00 16.13 ? 12  VAL A O   1 
ATOM   40   C  CB  . VAL A 1 12  ? -8.789  2.852   -8.390  1.00 16.18 ? 12  VAL A CB  1 
ATOM   41   C  CG1 . VAL A 1 12  ? -7.911  1.641   -8.364  1.00 15.42 ? 12  VAL A CG1 1 
ATOM   42   C  CG2 . VAL A 1 12  ? -8.655  3.544   -9.725  1.00 16.93 ? 12  VAL A CG2 1 
ATOM   43   N  N   . GLY A 1 13  ? -11.830 2.434   -10.018 1.00 19.11 ? 13  GLY A N   1 
ATOM   44   C  CA  . GLY A 1 13  ? -12.709 1.751   -10.974 1.00 20.75 ? 13  GLY A CA  1 
ATOM   45   C  C   . GLY A 1 13  ? -13.453 0.591   -10.293 1.00 15.39 ? 13  GLY A C   1 
ATOM   46   O  O   . GLY A 1 13  ? -14.001 0.822   -9.263  1.00 21.06 ? 13  GLY A O   1 
ATOM   47   N  N   . ASN A 1 14  ? -13.256 -0.567  -10.903 1.00 21.50 ? 14  ASN A N   1 
ATOM   48   C  CA  . ASN A 1 14  ? -13.900 -1.827  -10.451 1.00 21.38 ? 14  ASN A CA  1 
ATOM   49   C  C   . ASN A 1 14  ? -12.791 -2.723  -9.871  1.00 20.25 ? 14  ASN A C   1 
ATOM   50   O  O   . ASN A 1 14  ? -12.828 -3.965  -10.002 1.00 18.57 ? 14  ASN A O   1 
ATOM   51   C  CB  . ASN A 1 14  ? -14.875 -2.352  -11.511 1.00 27.02 ? 14  ASN A CB  1 
ATOM   52   C  CG  . ASN A 1 14  ? -16.156 -1.520  -11.534 1.00 29.67 ? 14  ASN A CG  1 
ATOM   53   O  OD1 . ASN A 1 14  ? -17.128 -1.816  -10.849 1.00 35.03 ? 14  ASN A OD1 1 
ATOM   54   N  ND2 . ASN A 1 14  ? -16.150 -0.393  -12.221 1.00 28.39 ? 14  ASN A ND2 1 
ATOM   55   N  N   . TYR A 1 15  ? -11.820 -2.089  -9.212  1.00 17.44 ? 15  TYR A N   1 
ATOM   56   C  CA  . TYR A 1 15  ? -10.758 -2.801  -8.493  1.00 14.36 ? 15  TYR A CA  1 
ATOM   57   C  C   . TYR A 1 15  ? -10.785 -2.402  -7.020  1.00 13.13 ? 15  TYR A C   1 
ATOM   58   O  O   . TYR A 1 15  ? -11.009 -1.243  -6.578  1.00 14.35 ? 15  TYR A O   1 
ATOM   59   C  CB  . TYR A 1 15  ? -9.408  -2.448  -9.114  1.00 14.79 ? 15  TYR A CB  1 
ATOM   60   C  CG  . TYR A 1 15  ? -9.264  -2.835  -10.549 1.00 15.72 ? 15  TYR A CG  1 
ATOM   61   C  CD1 . TYR A 1 15  ? -9.425  -4.140  -10.969 1.00 18.31 ? 15  TYR A CD1 1 
ATOM   62   C  CD2 . TYR A 1 15  ? -8.975  -1.867  -11.509 1.00 18.39 ? 15  TYR A CD2 1 
ATOM   63   C  CE1 . TYR A 1 15  ? -9.321  -4.489  -12.308 1.00 20.46 ? 15  TYR A CE1 1 
ATOM   64   C  CE2 . TYR A 1 15  ? -8.875  -2.212  -12.843 1.00 20.21 ? 15  TYR A CE2 1 
ATOM   65   C  CZ  . TYR A 1 15  ? -9.004  -3.532  -13.245 1.00 20.87 ? 15  TYR A CZ  1 
ATOM   66   O  OH  . TYR A 1 15  ? -8.886  -3.905  -14.564 1.00 26.64 ? 15  TYR A OH  1 
ATOM   67   N  N   . ARG A 1 16  ? -10.360 -3.359  -6.168  1.00 13.68 ? 16  ARG A N   1 
ATOM   68   C  CA  . ARG A 1 16  ? -10.113 -3.183  -4.729  1.00 13.40 ? 16  ARG A CA  1 
ATOM   69   C  C   . ARG A 1 16  ? -8.666  -3.611  -4.482  1.00 12.62 ? 16  ARG A C   1 
ATOM   70   O  O   . ARG A 1 16  ? -8.325  -4.759  -4.825  1.00 13.99 ? 16  ARG A O   1 
ATOM   71   C  CB  . ARG A 1 16  ? -11.074 -4.030  -3.888  1.00 13.05 ? 16  ARG A CB  1 
ATOM   72   C  CG  . ARG A 1 16  ? -10.652 -4.267  -2.444  1.00 13.85 ? 16  ARG A CG  1 
ATOM   73   C  CD  . ARG A 1 16  ? -11.766 -5.013  -1.685  1.00 13.19 ? 16  ARG A CD  1 
ATOM   74   N  NE  . ARG A 1 16  ? -11.289 -5.935  -0.663  1.00 14.00 ? 16  ARG A NE  1 
ATOM   75   C  CZ  . ARG A 1 16  ? -11.064 -5.677  0.596   1.00 13.22 ? 16  ARG A CZ  1 
ATOM   76   N  NH1 . ARG A 1 16  ? -11.208 -4.476  1.130   1.00 15.79 ? 16  ARG A NH1 1 
ATOM   77   N  NH2 . ARG A 1 16  ? -10.604 -6.646  1.369   1.00 14.58 ? 16  ARG A NH2 1 
ATOM   78   N  N   . VAL A 1 17  ? -7.844  -2.709  -3.932  1.00 11.91 ? 17  VAL A N   1 
ATOM   79   C  CA  . VAL A 1 17  ? -6.406  -2.994  -3.753  1.00 10.72 ? 17  VAL A CA  1 
ATOM   80   C  C   . VAL A 1 17  ? -6.191  -3.106  -2.258  1.00 11.34 ? 17  VAL A C   1 
ATOM   81   O  O   . VAL A 1 17  ? -6.500  -2.161  -1.514  1.00 12.02 ? 17  VAL A O   1 
ATOM   82   C  CB  . VAL A 1 17  ? -5.509  -1.872  -4.299  1.00 10.94 ? 17  VAL A CB  1 
ATOM   83   C  CG1 . VAL A 1 17  ? -4.047  -2.303  -4.147  1.00 12.08 ? 17  VAL A CG1 1 
ATOM   84   C  CG2 . VAL A 1 17  ? -5.907  -1.463  -5.702  1.00 12.01 ? 17  VAL A CG2 1 
ATOM   85   N  N   . VAL A 1 18  ? -5.727  -4.255  -1.822  1.00 10.37 ? 18  VAL A N   1 
ATOM   86   C  CA  . VAL A 1 18  ? -5.498  -4.556  -0.396  1.00 10.95 ? 18  VAL A CA  1 
ATOM   87   C  C   . VAL A 1 18  ? -4.100  -5.094  -0.204  1.00 9.94  ? 18  VAL A C   1 
ATOM   88   O  O   . VAL A 1 18  ? -3.472  -5.606  -1.121  1.00 11.20 ? 18  VAL A O   1 
ATOM   89   C  CB  . VAL A 1 18  ? -6.533  -5.558  0.175   1.00 11.68 ? 18  VAL A CB  1 
ATOM   90   C  CG1 . VAL A 1 18  ? -7.845  -4.830  0.334   1.00 15.28 ? 18  VAL A CG1 1 
ATOM   91   C  CG2 . VAL A 1 18  ? -6.622  -6.888  -0.586  1.00 12.37 ? 18  VAL A CG2 1 
ATOM   92   N  N   . ASN A 1 19  ? -3.663  -5.043  1.058   1.00 10.09 ? 19  ASN A N   1 
ATOM   93   C  CA  . ASN A 1 19  ? -2.454  -5.818  1.398   1.00 9.84  ? 19  ASN A CA  1 
ATOM   94   C  C   . ASN A 1 19  ? -2.730  -7.285  1.139   1.00 9.91  ? 19  ASN A C   1 
ATOM   95   O  O   . ASN A 1 19  ? -3.765  -7.804  1.618   1.00 10.61 ? 19  ASN A O   1 
ATOM   96   C  CB  . ASN A 1 19  ? -2.077  -5.672  2.868   1.00 10.13 ? 19  ASN A CB  1 
ATOM   97   C  CG  . ASN A 1 19  ? -1.722  -4.264  3.266   1.00 10.00 ? 19  ASN A CG  1 
ATOM   98   O  OD1 . ASN A 1 19  ? -2.570  -3.487  3.730   1.00 11.43 ? 19  ASN A OD1 1 
ATOM   99   N  ND2 . ASN A 1 19  ? -0.483  -3.884  3.060   1.00 10.89 ? 19  ASN A ND2 1 
ATOM   100  N  N   . ARG A 1 20  ? -1.829  -7.964  0.453   1.00 9.96  ? 20  ARG A N   1 
ATOM   101  C  CA  . ARG A 1 20  ? -2.039  -9.398  0.141   1.00 10.81 ? 20  ARG A CA  1 
ATOM   102  C  C   . ARG A 1 20  ? -2.297  -10.197 1.415   1.00 11.11 ? 20  ARG A C   1 
ATOM   103  O  O   . ARG A 1 20  ? -3.186  -11.086 1.431   1.00 11.19 ? 20  ARG A O   1 
ATOM   104  C  CB  . ARG A 1 20  ? -0.844  -9.973  -0.629  1.00 10.73 ? 20  ARG A CB  1 
ATOM   105  C  CG  . ARG A 1 20  ? -1.073  -11.369 -1.193  1.00 11.49 ? 20  ARG A CG  1 
ATOM   106  C  CD  . ARG A 1 20  ? 0.169   -11.831 -1.875  1.00 11.95 ? 20  ARG A CD  1 
ATOM   107  N  NE  . ARG A 1 20  ? 0.028   -13.144 -2.498  1.00 12.83 ? 20  ARG A NE  1 
ATOM   108  C  CZ  . ARG A 1 20  ? 0.179   -14.287 -1.876  1.00 12.30 ? 20  ARG A CZ  1 
ATOM   109  N  NH1 . ARG A 1 20  ? 0.370   -14.364 -0.579  1.00 15.27 ? 20  ARG A NH1 1 
ATOM   110  N  NH2 . ARG A 1 20  ? 0.135   -15.411 -2.588  1.00 16.16 ? 20  ARG A NH2 1 
ATOM   111  N  N   . HIS A 1 21  ? -1.609  -9.873  2.502   1.00 10.77 ? 21  HIS A N   1 
ATOM   112  C  CA  . HIS A 1 21  ? -1.696  -10.671 3.742   1.00 11.31 ? 21  HIS A CA  1 
ATOM   113  C  C   . HIS A 1 21  ? -3.029  -10.420 4.421   1.00 10.51 ? 21  HIS A C   1 
ATOM   114  O  O   . HIS A 1 21  ? -3.349  -11.195 5.345   1.00 12.97 ? 21  HIS A O   1 
ATOM   115  C  CB  . HIS A 1 21  ? -0.504  -10.447 4.696   1.00 11.75 ? 21  HIS A CB  1 
ATOM   116  C  CG  . HIS A 1 21  ? -0.500  -9.108  5.353   1.00 10.42 ? 21  HIS A CG  1 
ATOM   117  N  ND1 . HIS A 1 21  ? 0.065   -7.983  4.773   1.00 10.69 ? 21  HIS A ND1 1 
ATOM   118  C  CD2 . HIS A 1 21  ? -0.926  -8.734  6.580   1.00 11.22 ? 21  HIS A CD2 1 
ATOM   119  C  CE1 . HIS A 1 21  ? -0.048  -6.975  5.624   1.00 11.45 ? 21  HIS A CE1 1 
ATOM   120  N  NE2 . HIS A 1 21  ? -0.624  -7.386  6.733   1.00 11.88 ? 21  HIS A NE2 1 
ATOM   121  N  N   . LEU A 1 22  ? -3.812  -9.425  4.055   1.00 9.60  ? 22  LEU A N   1 
ATOM   122  C  CA  . LEU A 1 22  ? -5.122  -9.126  4.648   1.00 10.30 ? 22  LEU A CA  1 
ATOM   123  C  C   . LEU A 1 22  ? -6.237  -9.454  3.645   1.00 10.77 ? 22  LEU A C   1 
ATOM   124  O  O   . LEU A 1 22  ? -7.431  -9.235  3.967   1.00 11.95 ? 22  LEU A O   1 
ATOM   125  C  CB  . LEU A 1 22  ? -5.183  -7.661  5.048   1.00 11.02 ? 22  LEU A CB  1 
ATOM   126  C  CG  . LEU A 1 22  ? -4.217  -7.262  6.153   1.00 10.77 ? 22  LEU A CG  1 
ATOM   127  C  CD1 . LEU A 1 22  ? -4.406  -5.798  6.492   1.00 11.19 ? 22  LEU A CD1 1 
ATOM   128  C  CD2 . LEU A 1 22  ? -4.437  -8.120  7.407   1.00 11.90 ? 22  LEU A CD2 1 
ATOM   129  N  N   . ALA A 1 23  ? -5.925  -10.007 2.492   1.00 10.86 ? 23  ALA A N   1 
ATOM   130  C  CA  . ALA A 1 23  ? -6.960  -10.354 1.498   1.00 12.19 ? 23  ALA A CA  1 
ATOM   131  C  C   . ALA A 1 23  ? -7.911  -11.412 2.060   1.00 12.31 ? 23  ALA A C   1 
ATOM   132  O  O   . ALA A 1 23  ? -7.465  -12.331 2.776   1.00 13.10 ? 23  ALA A O   1 
ATOM   133  C  CB  . ALA A 1 23  ? -6.347  -10.841 0.202   1.00 12.14 ? 23  ALA A CB  1 
ATOM   134  N  N   . THR A 1 24  ? -9.174  -11.269 1.790   1.00 12.49 ? 24  THR A N   1 
ATOM   135  C  CA  . THR A 1 24  ? -10.205 -12.208 2.286   1.00 13.59 ? 24  THR A CA  1 
ATOM   136  C  C   . THR A 1 24  ? -10.406 -13.347 1.299   1.00 12.67 ? 24  THR A C   1 
ATOM   137  O  O   . THR A 1 24  ? -9.950  -13.325 0.169   1.00 11.97 ? 24  THR A O   1 
ATOM   138  C  CB  . THR A 1 24  ? -11.508 -11.443 2.498   1.00 12.82 ? 24  THR A CB  1 
ATOM   139  O  OG1 . THR A 1 24  ? -12.006 -11.032 1.227   1.00 14.02 ? 24  THR A OG1 1 
ATOM   140  C  CG2 . THR A 1 24  ? -11.388 -10.286 3.476   1.00 15.13 ? 24  THR A CG2 1 
ATOM   141  N  N   . HIS A 1 25  ? -11.233 -14.336 1.701   1.00 13.27 ? 25  HIS A N   1 
ATOM   142  C  CA  . HIS A 1 25  ? -11.644 -15.375 0.735   1.00 13.95 ? 25  HIS A CA  1 
ATOM   143  C  C   . HIS A 1 25  ? -12.361 -14.736 -0.459  1.00 13.62 ? 25  HIS A C   1 
ATOM   144  O  O   . HIS A 1 25  ? -12.092 -15.123 -1.575  1.00 13.51 ? 25  HIS A O   1 
ATOM   145  C  CB  . HIS A 1 25  ? -12.528 -16.445 1.423   1.00 15.46 ? 25  HIS A CB  1 
ATOM   146  C  CG  . HIS A 1 25  ? -13.307 -17.267 0.432   1.00 17.09 ? 25  HIS A CG  1 
ATOM   147  N  ND1 . HIS A 1 25  ? -12.748 -18.305 -0.279  1.00 18.04 ? 25  HIS A ND1 1 
ATOM   148  C  CD2 . HIS A 1 25  ? -14.568 -17.123 -0.068  1.00 20.20 ? 25  HIS A CD2 1 
ATOM   149  C  CE1 . HIS A 1 25  ? -13.649 -18.845 -1.084  1.00 19.08 ? 25  HIS A CE1 1 
ATOM   150  N  NE2 . HIS A 1 25  ? -14.741 -18.085 -1.031  1.00 20.66 ? 25  HIS A NE2 1 
ATOM   151  N  N   . ASN A 1 26  ? -13.232 -13.762 -0.218  1.00 13.49 ? 26  ASN A N   1 
ATOM   152  C  CA  . ASN A 1 26  ? -13.966 -13.113 -1.321  1.00 14.13 ? 26  ASN A CA  1 
ATOM   153  C  C   . ASN A 1 26  ? -12.962 -12.431 -2.270  1.00 12.75 ? 26  ASN A C   1 
ATOM   154  O  O   . ASN A 1 26  ? -13.092 -12.493 -3.478  1.00 13.96 ? 26  ASN A O   1 
ATOM   155  C  CB  . ASN A 1 26  ? -14.974 -12.081 -0.836  1.00 16.23 ? 26  ASN A CB  1 
ATOM   156  C  CG  . ASN A 1 26  ? -15.773 -11.507 -1.981  1.00 21.76 ? 26  ASN A CG  1 
ATOM   157  O  OD1 . ASN A 1 26  ? -16.651 -12.182 -2.530  1.00 25.63 ? 26  ASN A OD1 1 
ATOM   158  N  ND2 . ASN A 1 26  ? -15.415 -10.315 -2.421  1.00 23.33 ? 26  ASN A ND2 1 
ATOM   159  N  N   . ASP A 1 27  ? -11.914 -11.798 -1.736  1.00 13.34 ? 27  ASP A N   1 
ATOM   160  C  CA  . ASP A 1 27  ? -10.844 -11.217 -2.605  1.00 12.48 ? 27  ASP A CA  1 
ATOM   161  C  C   . ASP A 1 27  ? -10.249 -12.298 -3.493  1.00 11.58 ? 27  ASP A C   1 
ATOM   162  O  O   . ASP A 1 27  ? -10.075 -12.117 -4.685  1.00 11.61 ? 27  ASP A O   1 
ATOM   163  C  CB  . ASP A 1 27  ? -9.713  -10.535 -1.815  1.00 12.25 ? 27  ASP A CB  1 
ATOM   164  C  CG  . ASP A 1 27  ? -10.151 -9.263  -1.135  1.00 12.16 ? 27  ASP A CG  1 
ATOM   165  O  OD1 . ASP A 1 27  ? -10.895 -8.470  -1.806  1.00 14.67 ? 27  ASP A OD1 1 
ATOM   166  O  OD2 . ASP A 1 27  ? -9.793  -9.025  0.050   1.00 12.18 ? 27  ASP A OD2 1 
ATOM   167  N  N   . TRP A 1 28  ? -9.813  -13.425 -2.931  1.00 11.24 ? 28  TRP A N   1 
ATOM   168  C  CA  . TRP A 1 28  ? -9.150  -14.510 -3.665  1.00 11.68 ? 28  TRP A CA  1 
ATOM   169  C  C   . TRP A 1 28  ? -10.129 -15.116 -4.671  1.00 10.76 ? 28  TRP A C   1 
ATOM   170  O  O   . TRP A 1 28  ? -9.691  -15.516 -5.709  1.00 13.02 ? 28  TRP A O   1 
ATOM   171  C  CB  . TRP A 1 28  ? -8.656  -15.569 -2.681  1.00 12.22 ? 28  TRP A CB  1 
ATOM   172  C  CG  . TRP A 1 28  ? -7.345  -15.178 -2.058  1.00 11.71 ? 28  TRP A CG  1 
ATOM   173  C  CD1 . TRP A 1 28  ? -7.114  -14.742 -0.793  1.00 11.95 ? 28  TRP A CD1 1 
ATOM   174  C  CD2 . TRP A 1 28  ? -6.060  -15.293 -2.688  1.00 11.77 ? 28  TRP A CD2 1 
ATOM   175  N  NE1 . TRP A 1 28  ? -5.761  -14.528 -0.635  1.00 11.39 ? 28  TRP A NE1 1 
ATOM   176  C  CE2 . TRP A 1 28  ? -5.092  -14.844 -1.778  1.00 11.26 ? 28  TRP A CE2 1 
ATOM   177  C  CE3 . TRP A 1 28  ? -5.653  -15.652 -3.974  1.00 12.36 ? 28  TRP A CE3 1 
ATOM   178  C  CZ2 . TRP A 1 28  ? -3.731  -14.866 -2.081  1.00 12.20 ? 28  TRP A CZ2 1 
ATOM   179  C  CZ3 . TRP A 1 28  ? -4.326  -15.661 -4.274  1.00 12.35 ? 28  TRP A CZ3 1 
ATOM   180  C  CH2 . TRP A 1 28  ? -3.380  -15.212 -3.369  1.00 11.94 ? 28  TRP A CH2 1 
ATOM   181  N  N   . ALA A 1 29  ? -11.428 -15.154 -4.350  1.00 12.39 ? 29  ALA A N   1 
ATOM   182  C  CA  . ALA A 1 29  ? -12.466 -15.721 -5.261  1.00 13.95 ? 29  ALA A CA  1 
ATOM   183  C  C   . ALA A 1 29  ? -12.808 -14.779 -6.404  1.00 14.39 ? 29  ALA A C   1 
ATOM   184  O  O   . ALA A 1 29  ? -13.491 -15.193 -7.329  1.00 15.86 ? 29  ALA A O   1 
ATOM   185  C  CB  . ALA A 1 29  ? -13.707 -16.073 -4.469  1.00 14.64 ? 29  ALA A CB  1 
ATOM   186  N  N   . ASN A 1 30  ? -12.326 -13.534 -6.341  1.00 14.83 ? 30  ASN A N   1 
ATOM   187  C  CA  . ASN A 1 30  ? -12.594 -12.489 -7.360  1.00 14.81 ? 30  ASN A CA  1 
ATOM   188  C  C   . ASN A 1 30  ? -11.251 -11.878 -7.754  1.00 13.52 ? 30  ASN A C   1 
ATOM   189  O  O   . ASN A 1 30  ? -11.145 -10.639 -7.946  1.00 15.17 ? 30  ASN A O   1 
ATOM   190  C  CB  . ASN A 1 30  ? -13.596 -11.482 -6.831  1.00 15.10 ? 30  ASN A CB  1 
ATOM   191  C  CG  . ASN A 1 30  ? -14.983 -12.076 -6.642  1.00 18.36 ? 30  ASN A CG  1 
ATOM   192  O  OD1 . ASN A 1 30  ? -15.743 -12.185 -7.593  1.00 21.69 ? 30  ASN A OD1 1 
ATOM   193  N  ND2 . ASN A 1 30  ? -15.291 -12.482 -5.451  1.00 18.42 ? 30  ASN A ND2 1 
ATOM   194  N  N   . LEU A 1 31  ? -10.213 -12.686 -7.829  1.00 14.51 ? 31  LEU A N   1 
ATOM   195  C  CA  . LEU A 1 31  ? -8.830  -12.190 -7.956  1.00 14.59 ? 31  LEU A CA  1 
ATOM   196  C  C   . LEU A 1 31  ? -8.656  -11.559 -9.327  1.00 15.12 ? 31  LEU A C   1 
ATOM   197  O  O   . LEU A 1 31  ? -9.047  -12.155 -10.361 1.00 16.58 ? 31  LEU A O   1 
ATOM   198  C  CB  . LEU A 1 31  ? -7.894  -13.362 -7.835  1.00 14.13 ? 31  LEU A CB  1 
ATOM   199  C  CG  . LEU A 1 31  ? -6.413  -12.997 -7.882  1.00 13.72 ? 31  LEU A CG  1 
ATOM   200  C  CD1 . LEU A 1 31  ? -6.021  -12.102 -6.717  1.00 15.11 ? 31  LEU A CD1 1 
ATOM   201  C  CD2 . LEU A 1 31  ? -5.579  -14.253 -7.878  1.00 14.35 ? 31  LEU A CD2 1 
ATOM   202  N  N   . VAL A 1 32  ? -7.997  -10.405 -9.351  1.00 14.65 ? 32  VAL A N   1 
ATOM   203  C  CA  . VAL A 1 32  ? -7.445  -9.833  -10.606 1.00 14.30 ? 32  VAL A CA  1 
ATOM   204  C  C   . VAL A 1 32  ? -5.947  -10.045 -10.721 1.00 14.38 ? 32  VAL A C   1 
ATOM   205  O  O   . VAL A 1 32  ? -5.447  -10.450 -11.787 1.00 16.98 ? 32  VAL A O   1 
ATOM   206  C  CB  . VAL A 1 32  ? -7.786  -8.351  -10.688 1.00 15.42 ? 32  VAL A CB  1 
ATOM   207  C  CG1 . VAL A 1 32  ? -7.135  -7.711  -11.909 1.00 16.14 ? 32  VAL A CG1 1 
ATOM   208  C  CG2 . VAL A 1 32  ? -9.273  -8.138  -10.718 1.00 15.51 ? 32  VAL A CG2 1 
ATOM   209  N  N   . TRP A 1 33  ? -5.211  -9.778  -9.650  1.00 13.31 ? 33  TRP A N   1 
ATOM   210  C  CA  . TRP A 1 33  ? -3.739  -9.822  -9.683  1.00 13.82 ? 33  TRP A CA  1 
ATOM   211  C  C   . TRP A 1 33  ? -3.243  -9.874  -8.246  1.00 12.56 ? 33  TRP A C   1 
ATOM   212  O  O   . TRP A 1 33  ? -3.847  -9.258  -7.378  1.00 12.90 ? 33  TRP A O   1 
ATOM   213  C  CB  . TRP A 1 33  ? -3.233  -8.567  -10.416 1.00 15.20 ? 33  TRP A CB  1 
ATOM   214  C  CG  . TRP A 1 33  ? -1.768  -8.326  -10.335 1.00 15.65 ? 33  TRP A CG  1 
ATOM   215  C  CD1 . TRP A 1 33  ? -0.809  -8.875  -11.113 1.00 16.76 ? 33  TRP A CD1 1 
ATOM   216  C  CD2 . TRP A 1 33  ? -1.085  -7.453  -9.411  1.00 14.51 ? 33  TRP A CD2 1 
ATOM   217  N  NE1 . TRP A 1 33  ? 0.429   -8.406  -10.738 1.00 17.86 ? 33  TRP A NE1 1 
ATOM   218  C  CE2 . TRP A 1 33  ? 0.284   -7.520  -9.706  1.00 15.30 ? 33  TRP A CE2 1 
ATOM   219  C  CE3 . TRP A 1 33  ? -1.507  -6.611  -8.402  1.00 13.84 ? 33  TRP A CE3 1 
ATOM   220  C  CZ2 . TRP A 1 33  ? 1.226   -6.730  -9.057  1.00 15.11 ? 33  TRP A CZ2 1 
ATOM   221  C  CZ3 . TRP A 1 33  ? -0.575  -5.836  -7.734  1.00 14.51 ? 33  TRP A CZ3 1 
ATOM   222  C  CH2 . TRP A 1 33  ? 0.770   -5.950  -8.034  1.00 14.31 ? 33  TRP A CH2 1 
ATOM   223  N  N   . GLU A 1 34  ? -2.182  -10.583 -8.026  1.00 12.37 ? 34  GLU A N   1 
ATOM   224  C  CA  . GLU A 1 34  ? -1.532  -10.588 -6.700  1.00 12.91 ? 34  GLU A CA  1 
ATOM   225  C  C   . GLU A 1 34  ? -0.038  -10.770 -6.820  1.00 12.62 ? 34  GLU A C   1 
ATOM   226  O  O   . GLU A 1 34  ? 0.422   -11.393 -7.804  1.00 14.51 ? 34  GLU A O   1 
ATOM   227  C  CB  . GLU A 1 34  ? -2.151  -11.636 -5.795  1.00 14.02 ? 34  GLU A CB  1 
ATOM   228  C  CG  . GLU A 1 34  ? -2.105  -13.049 -6.342  1.00 13.40 ? 34  GLU A CG  1 
ATOM   229  C  CD  . GLU A 1 34  ? -0.822  -13.833 -6.140  1.00 15.05 ? 34  GLU A CD  1 
ATOM   230  O  OE1 . GLU A 1 34  ? -0.635  -14.821 -6.881  1.00 16.58 ? 34  GLU A OE1 1 
ATOM   231  O  OE2 . GLU A 1 34  ? -0.050  -13.523 -5.230  1.00 15.72 ? 34  GLU A OE2 1 
ATOM   232  N  N   . ASP A 1 35  ? 0.698   -10.195 -5.886  1.00 13.33 ? 35  ASP A N   1 
ATOM   233  C  CA  . ASP A 1 35  ? 2.166   -10.286 -5.924  1.00 13.14 ? 35  ASP A CA  1 
ATOM   234  C  C   . ASP A 1 35  ? 2.646   -10.317 -4.481  1.00 13.90 ? 35  ASP A C   1 
ATOM   235  O  O   . ASP A 1 35  ? 2.588   -9.287  -3.782  1.00 12.94 ? 35  ASP A O   1 
ATOM   236  C  CB  . ASP A 1 35  ? 2.735   -9.126  -6.754  1.00 14.51 ? 35  ASP A CB  1 
ATOM   237  C  CG  . ASP A 1 35  ? 4.232   -9.114  -6.869  1.00 14.93 ? 35  ASP A CG  1 
ATOM   238  O  OD1 . ASP A 1 35  ? 4.910   -9.403  -5.885  1.00 17.14 ? 35  ASP A OD1 1 
ATOM   239  O  OD2 . ASP A 1 35  ? 4.697   -8.704  -7.978  1.00 21.09 ? 35  ASP A OD2 1 
ATOM   240  N  N   A SER A 1 36  ? 3.096   -11.466 -4.009  0.25 13.40 ? 36  SER A N   1 
ATOM   241  N  N   B SER A 1 36  ? 3.096   -11.466 -4.009  0.25 13.40 ? 36  SER A N   1 
ATOM   242  C  CA  A SER A 1 36  ? 3.578   -11.648 -2.624  0.25 13.47 ? 36  SER A CA  1 
ATOM   243  C  CA  B SER A 1 36  ? 3.571   -11.645 -2.619  0.25 14.67 ? 36  SER A CA  1 
ATOM   244  C  C   A SER A 1 36  ? 4.773   -10.729 -2.349  0.25 12.89 ? 36  SER A C   1 
ATOM   245  C  C   B SER A 1 36  ? 4.773   -10.729 -2.349  0.25 12.89 ? 36  SER A C   1 
ATOM   246  O  O   A SER A 1 36  ? 4.848   -10.132 -1.254  0.25 14.37 ? 36  SER A O   1 
ATOM   247  O  O   B SER A 1 36  ? 4.848   -10.132 -1.254  0.25 14.37 ? 36  SER A O   1 
ATOM   248  C  CB  A SER A 1 36  ? 3.987   -13.063 -2.360  0.25 13.62 ? 36  SER A CB  1 
ATOM   249  C  CB  B SER A 1 36  ? 3.938   -13.074 -2.337  0.25 16.25 ? 36  SER A CB  1 
ATOM   250  O  OG  A SER A 1 36  ? 4.568   -13.168 -1.069  0.25 13.94 ? 36  SER A OG  1 
ATOM   251  O  OG  B SER A 1 36  ? 4.556   -13.675 -3.459  0.25 20.91 ? 36  SER A OG  1 
ATOM   252  N  N   . SER A 1 37  ? 5.673   -10.624 -3.307  1.00 14.34 ? 37  SER A N   1 
ATOM   253  C  CA  . SER A 1 37  ? 6.890   -9.809  -3.099  1.00 13.74 ? 37  SER A CA  1 
ATOM   254  C  C   . SER A 1 37  ? 6.524   -8.350  -2.808  1.00 13.71 ? 37  SER A C   1 
ATOM   255  O  O   . SER A 1 37  ? 7.283   -7.666  -2.148  1.00 14.71 ? 37  SER A O   1 
ATOM   256  C  CB  . SER A 1 37  ? 7.853   -9.911  -4.248  1.00 15.69 ? 37  SER A CB  1 
ATOM   257  O  OG  . SER A 1 37  ? 7.428   -9.144  -5.327  1.00 19.74 ? 37  SER A OG  1 
ATOM   258  N  N   . ARG A 1 38  ? 5.396   -7.872  -3.303  1.00 11.16 ? 38  ARG A N   1 
ATOM   259  C  CA  . ARG A 1 38  ? 4.921   -6.469  -3.107  1.00 11.89 ? 38  ARG A CA  1 
ATOM   260  C  C   . ARG A 1 38  ? 3.925   -6.365  -1.950  1.00 11.10 ? 38  ARG A C   1 
ATOM   261  O  O   . ARG A 1 38  ? 3.532   -5.226  -1.618  1.00 11.01 ? 38  ARG A O   1 
ATOM   262  C  CB  . ARG A 1 38  ? 4.251   -5.977  -4.398  1.00 12.97 ? 38  ARG A CB  1 
ATOM   263  C  CG  . ARG A 1 38  ? 5.195   -5.902  -5.577  1.00 13.16 ? 38  ARG A CG  1 
ATOM   264  C  CD  . ARG A 1 38  ? 4.520   -5.344  -6.775  1.00 12.81 ? 38  ARG A CD  1 
ATOM   265  N  NE  . ARG A 1 38  ? 4.082   -3.966  -6.639  1.00 11.48 ? 38  ARG A NE  1 
ATOM   266  C  CZ  . ARG A 1 38  ? 4.081   -3.074  -7.627  1.00 11.58 ? 38  ARG A CZ  1 
ATOM   267  N  NH1 . ARG A 1 38  ? 4.384   -3.438  -8.868  1.00 13.05 ? 38  ARG A NH1 1 
ATOM   268  N  NH2 . ARG A 1 38  ? 3.733   -1.813  -7.385  1.00 12.12 ? 38  ARG A NH2 1 
ATOM   269  N  N   . ASP A 1 39  ? 3.447   -7.489  -1.438  1.00 11.29 ? 39  ASP A N   1 
ATOM   270  C  CA  . ASP A 1 39  ? 2.366   -7.482  -0.427  1.00 10.82 ? 39  ASP A CA  1 
ATOM   271  C  C   . ASP A 1 39  ? 1.094   -6.849  -0.986  1.00 10.35 ? 39  ASP A C   1 
ATOM   272  O  O   . ASP A 1 39  ? 0.412   -6.167  -0.251  1.00 10.99 ? 39  ASP A O   1 
ATOM   273  C  CB  . ASP A 1 39  ? 2.751   -6.824  0.918   1.00 10.67 ? 39  ASP A CB  1 
ATOM   274  C  CG  . ASP A 1 39  ? 1.703   -6.922  2.011   1.00 11.54 ? 39  ASP A CG  1 
ATOM   275  O  OD1 . ASP A 1 39  ? 1.038   -7.999  2.080   1.00 11.56 ? 39  ASP A OD1 1 
ATOM   276  O  OD2 . ASP A 1 39  ? 1.527   -5.964  2.787   1.00 10.99 ? 39  ASP A OD2 1 
ATOM   277  N  N   . LEU A 1 40  ? 0.783   -7.085  -2.265  1.00 10.50 ? 40  LEU A N   1 
ATOM   278  C  CA  . LEU A 1 40  ? -0.430  -6.512  -2.874  1.00 10.78 ? 40  LEU A CA  1 
ATOM   279  C  C   . LEU A 1 40  ? -1.318  -7.607  -3.453  1.00 9.70  ? 40  LEU A C   1 
ATOM   280  O  O   . LEU A 1 40  ? -0.831  -8.590  -4.043  1.00 10.70 ? 40  LEU A O   1 
ATOM   281  C  CB  . LEU A 1 40  ? -0.093  -5.504  -3.972  1.00 10.72 ? 40  LEU A CB  1 
ATOM   282  C  CG  . LEU A 1 40  ? 0.507   -4.177  -3.519  1.00 10.53 ? 40  LEU A CG  1 
ATOM   283  C  CD1 . LEU A 1 40  ? 0.752   -3.293  -4.744  1.00 11.52 ? 40  LEU A CD1 1 
ATOM   284  C  CD2 . LEU A 1 40  ? -0.406  -3.440  -2.575  1.00 10.71 ? 40  LEU A CD2 1 
ATOM   285  N  N   . LEU A 1 41  ? -2.602  -7.331  -3.362  1.00 10.60 ? 41  LEU A N   1 
ATOM   286  C  CA  . LEU A 1 41  ? -3.609  -8.139  -4.051  1.00 10.30 ? 41  LEU A CA  1 
ATOM   287  C  C   . LEU A 1 41  ? -4.730  -7.214  -4.526  1.00 10.39 ? 41  LEU A C   1 
ATOM   288  O  O   . LEU A 1 41  ? -5.109  -6.289  -3.808  1.00 10.91 ? 41  LEU A O   1 
ATOM   289  C  CB  . LEU A 1 41  ? -4.120  -9.243  -3.121  1.00 11.08 ? 41  LEU A CB  1 
ATOM   290  C  CG  . LEU A 1 41  ? -5.165  -10.198 -3.738  1.00 11.31 ? 41  LEU A CG  1 
ATOM   291  C  CD1 . LEU A 1 41  ? -5.057  -11.607 -3.187  1.00 11.21 ? 41  LEU A CD1 1 
ATOM   292  C  CD2 . LEU A 1 41  ? -6.586  -9.673  -3.591  1.00 11.64 ? 41  LEU A CD2 1 
ATOM   293  N  N   . VAL A 1 42  ? -5.184  -7.484  -5.745  1.00 10.88 ? 42  VAL A N   1 
ATOM   294  C  CA  . VAL A 1 42  ? -6.264  -6.674  -6.345  1.00 12.07 ? 42  VAL A CA  1 
ATOM   295  C  C   . VAL A 1 42  ? -7.399  -7.644  -6.695  1.00 12.09 ? 42  VAL A C   1 
ATOM   296  O  O   . VAL A 1 42  ? -7.136  -8.677  -7.349  1.00 13.30 ? 42  VAL A O   1 
ATOM   297  C  CB  . VAL A 1 42  ? -5.801  -5.910  -7.581  1.00 12.76 ? 42  VAL A CB  1 
ATOM   298  C  CG1 . VAL A 1 42  ? -6.957  -5.136  -8.157  1.00 13.43 ? 42  VAL A CG1 1 
ATOM   299  C  CG2 . VAL A 1 42  ? -4.676  -4.958  -7.223  1.00 12.15 ? 42  VAL A CG2 1 
ATOM   300  N  N   . SER A 1 43  ? -8.593  -7.304  -6.258  1.00 12.85 ? 43  SER A N   1 
ATOM   301  C  CA  . SER A 1 43  ? -9.825  -8.086  -6.561  1.00 12.82 ? 43  SER A CA  1 
ATOM   302  C  C   . SER A 1 43  ? -10.784 -7.192  -7.338  1.00 15.30 ? 43  SER A C   1 
ATOM   303  O  O   . SER A 1 43  ? -10.647 -5.921  -7.285  1.00 15.03 ? 43  SER A O   1 
ATOM   304  C  CB  . SER A 1 43  ? -10.429 -8.678  -5.320  1.00 13.77 ? 43  SER A CB  1 
ATOM   305  O  OG  . SER A 1 43  ? -10.823 -7.671  -4.429  1.00 13.75 ? 43  SER A OG  1 
ATOM   306  N  N   . SER A 1 44  ? -11.796 -7.790  -7.966  1.00 15.60 ? 44  SER A N   1 
ATOM   307  C  CA  . SER A 1 44  ? -12.811 -7.080  -8.782  1.00 17.21 ? 44  SER A CA  1 
ATOM   308  C  C   . SER A 1 44  ? -13.965 -6.654  -7.888  1.00 18.42 ? 44  SER A C   1 
ATOM   309  O  O   . SER A 1 44  ? -14.313 -7.407  -6.951  1.00 19.51 ? 44  SER A O   1 
ATOM   310  C  CB  . SER A 1 44  ? -13.262 -7.953  -9.888  1.00 19.82 ? 44  SER A CB  1 
ATOM   311  O  OG  . SER A 1 44  ? -13.964 -9.063  -9.336  1.00 23.08 ? 44  SER A OG  1 
ATOM   312  N  N   . THR A 1 45  ? -14.558 -5.487  -8.133  1.00 19.87 ? 45  THR A N   1 
ATOM   313  C  CA  . THR A 1 45  ? -15.695 -4.943  -7.351  1.00 21.45 ? 45  THR A CA  1 
ATOM   314  C  C   . THR A 1 45  ? -16.948 -4.787  -8.239  1.00 26.50 ? 45  THR A C   1 
ATOM   315  O  O   . THR A 1 45  ? -16.797 -4.677  -9.452  1.00 25.47 ? 45  THR A O   1 
ATOM   316  C  CB  . THR A 1 45  ? -15.389 -3.570  -6.765  1.00 22.46 ? 45  THR A CB  1 
ATOM   317  O  OG1 . THR A 1 45  ? -15.234 -2.746  -7.930  1.00 22.29 ? 45  THR A OG1 1 
ATOM   318  C  CG2 . THR A 1 45  ? -14.134 -3.575  -5.916  1.00 21.36 ? 45  THR A CG2 1 
ATOM   319  N  N   . THR A 1 46  ? -18.115 -4.664  -7.611  1.00 28.97 ? 46  THR A N   1 
ATOM   320  C  CA  . THR A 1 46  ? -19.396 -4.372  -8.306  1.00 31.17 ? 46  THR A CA  1 
ATOM   321  C  C   . THR A 1 46  ? -19.533 -2.847  -8.453  1.00 30.31 ? 46  THR A C   1 
ATOM   322  O  O   . THR A 1 46  ? -19.828 -2.413  -9.572  1.00 34.83 ? 46  THR A O   1 
ATOM   323  C  CB  . THR A 1 46  ? -20.568 -5.100  -7.626  1.00 31.00 ? 46  THR A CB  1 
ATOM   324  O  OG1 . THR A 1 46  ? -20.630 -4.801  -6.235  1.00 35.38 ? 46  THR A OG1 1 
ATOM   325  C  CG2 . THR A 1 46  ? -20.457 -6.606  -7.727  1.00 36.50 ? 46  THR A CG2 1 
ATOM   326  N  N   . ALA A 1 47  ? -19.312 -2.071  -7.383  1.00 32.86 ? 47  ALA A N   1 
ATOM   327  C  CA  . ALA A 1 47  ? -19.460 -0.591  -7.377  1.00 28.99 ? 47  ALA A CA  1 
ATOM   328  C  C   . ALA A 1 47  ? -18.143 0.070   -7.808  1.00 29.84 ? 47  ALA A C   1 
ATOM   329  O  O   . ALA A 1 47  ? -17.051 -0.504  -7.530  1.00 28.37 ? 47  ALA A O   1 
ATOM   330  C  CB  . ALA A 1 47  ? -19.915 -0.127  -6.024  1.00 30.85 ? 47  ALA A CB  1 
ATOM   331  N  N   . GLN A 1 48  ? -18.235 1.222   -8.487  1.00 24.09 ? 48  GLN A N   1 
ATOM   332  C  CA  . GLN A 1 48  ? -17.068 2.072   -8.839  1.00 24.61 ? 48  GLN A CA  1 
ATOM   333  C  C   . GLN A 1 48  ? -16.435 2.713   -7.600  1.00 23.95 ? 48  GLN A C   1 
ATOM   334  O  O   . GLN A 1 48  ? -17.135 3.142   -6.710  1.00 21.85 ? 48  GLN A O   1 
ATOM   335  C  CB  . GLN A 1 48  ? -17.478 3.174   -9.803  1.00 25.44 ? 48  GLN A CB  1 
ATOM   336  C  CG  . GLN A 1 48  ? -17.817 2.608   -11.162 1.00 30.78 ? 48  GLN A CG  1 
ATOM   337  C  CD  . GLN A 1 48  ? -17.178 3.465   -12.213 1.00 41.43 ? 48  GLN A CD  1 
ATOM   338  O  OE1 . GLN A 1 48  ? -17.741 4.479   -12.620 1.00 48.51 ? 48  GLN A OE1 1 
ATOM   339  N  NE2 . GLN A 1 48  ? -15.970 3.081   -12.612 1.00 45.18 ? 48  GLN A NE2 1 
ATOM   340  N  N   . GLY A 1 49  ? -15.091 2.811   -7.610  1.00 24.83 ? 49  GLY A N   1 
ATOM   341  C  CA  . GLY A 1 49  ? -14.325 3.289   -6.448  1.00 24.63 ? 49  GLY A CA  1 
ATOM   342  C  C   . GLY A 1 49  ? -14.160 4.811   -6.393  1.00 20.22 ? 49  GLY A C   1 
ATOM   343  O  O   . GLY A 1 49  ? -14.179 5.434   -7.486  1.00 23.27 ? 49  GLY A O   1 
ATOM   344  N  N   . CYS A 1 50  ? -13.964 5.381   -5.209  1.00 21.72 ? 50  CYS A N   1 
ATOM   345  C  CA  . CYS A 1 50  ? -13.858 6.843   -4.965  1.00 18.45 ? 50  CYS A CA  1 
ATOM   346  C  C   . CYS A 1 50  ? -12.397 7.301   -5.202  1.00 16.76 ? 50  CYS A C   1 
ATOM   347  O  O   . CYS A 1 50  ? -12.204 8.517   -5.269  1.00 17.11 ? 50  CYS A O   1 
ATOM   348  C  CB  . CYS A 1 50  ? -14.262 7.340   -3.558  1.00 22.93 ? 50  CYS A CB  1 
ATOM   349  S  SG  . CYS A 1 50  ? -16.015 7.670   -3.121  1.00 32.10 ? 50  CYS A SG  1 
ATOM   350  N  N   . ASP A 1 51  ? -11.417 6.406   -5.350  1.00 14.96 ? 51  ASP A N   1 
ATOM   351  C  CA  . ASP A 1 51  ? -10.000 6.868   -5.255  1.00 13.52 ? 51  ASP A CA  1 
ATOM   352  C  C   . ASP A 1 51  ? -9.415  7.136   -6.626  1.00 13.99 ? 51  ASP A C   1 
ATOM   353  O  O   . ASP A 1 51  ? -9.729  6.429   -7.588  1.00 15.14 ? 51  ASP A O   1 
ATOM   354  C  CB  . ASP A 1 51  ? -9.145  5.881   -4.464  1.00 14.13 ? 51  ASP A CB  1 
ATOM   355  C  CG  . ASP A 1 51  ? -9.567  5.692   -3.047  1.00 15.76 ? 51  ASP A CG  1 
ATOM   356  O  OD1 . ASP A 1 51  ? -9.911  6.647   -2.401  1.00 17.42 ? 51  ASP A OD1 1 
ATOM   357  O  OD2 . ASP A 1 51  ? -9.538  4.507   -2.573  1.00 16.24 ? 51  ASP A OD2 1 
ATOM   358  N  N   . THR A 1 52  ? -8.493  8.109   -6.660  1.00 13.19 ? 52  THR A N   1 
ATOM   359  C  CA  . THR A 1 52  ? -7.671  8.458   -7.839  1.00 13.82 ? 52  THR A CA  1 
ATOM   360  C  C   . THR A 1 52  ? -6.238  8.056   -7.527  1.00 11.80 ? 52  THR A C   1 
ATOM   361  O  O   . THR A 1 52  ? -5.750  8.378   -6.429  1.00 13.07 ? 52  THR A O   1 
ATOM   362  C  CB  . THR A 1 52  ? -7.734  9.952   -8.118  1.00 13.87 ? 52  THR A CB  1 
ATOM   363  O  OG1 . THR A 1 52  ? -9.100  10.261  -8.415  1.00 16.34 ? 52  THR A OG1 1 
ATOM   364  C  CG2 . THR A 1 52  ? -6.895  10.352  -9.312  1.00 15.41 ? 52  THR A CG2 1 
ATOM   365  N  N   . ILE A 1 53  ? -5.631  7.284   -8.406  1.00 11.84 ? 53  ILE A N   1 
ATOM   366  C  CA  . ILE A 1 53  ? -4.218  6.878   -8.233  1.00 10.81 ? 53  ILE A CA  1 
ATOM   367  C  C   . ILE A 1 53  ? -3.319  7.991   -8.712  1.00 11.25 ? 53  ILE A C   1 
ATOM   368  O  O   . ILE A 1 53  ? -3.469  8.504   -9.825  1.00 11.25 ? 53  ILE A O   1 
ATOM   369  C  CB  . ILE A 1 53  ? -3.931  5.539   -8.921  1.00 11.74 ? 53  ILE A CB  1 
ATOM   370  C  CG1 . ILE A 1 53  ? -4.970  4.467   -8.559  1.00 12.53 ? 53  ILE A CG1 1 
ATOM   371  C  CG2 . ILE A 1 53  ? -2.517  5.087   -8.619  1.00 11.40 ? 53  ILE A CG2 1 
ATOM   372  C  CD1 . ILE A 1 53  ? -5.044  4.131   -7.111  1.00 12.81 ? 53  ILE A CD1 1 
ATOM   373  N  N   . ALA A 1 54  ? -2.313  8.314   -7.914  1.00 11.17 ? 54  ALA A N   1 
ATOM   374  C  CA  . ALA A 1 54  ? -1.237  9.248   -8.278  1.00 10.41 ? 54  ALA A CA  1 
ATOM   375  C  C   . ALA A 1 54  ? -0.425  8.655   -9.428  1.00 9.38  ? 54  ALA A C   1 
ATOM   376  O  O   . ALA A 1 54  ? -0.132  7.437   -9.414  1.00 9.75  ? 54  ALA A O   1 
ATOM   377  C  CB  . ALA A 1 54  ? -0.371  9.515   -7.072  1.00 10.53 ? 54  ALA A CB  1 
ATOM   378  N  N   . ARG A 1 55  ? -0.049  9.506   -10.392 1.00 10.55 ? 55  ARG A N   1 
ATOM   379  C  CA  . ARG A 1 55  ? 0.872   9.102   -11.472 1.00 10.02 ? 55  ARG A CA  1 
ATOM   380  C  C   . ARG A 1 55  ? 1.980   10.147  -11.485 1.00 9.83  ? 55  ARG A C   1 
ATOM   381  O  O   . ARG A 1 55  ? 1.789   11.225  -12.039 1.00 11.55 ? 55  ARG A O   1 
ATOM   382  C  CB  . ARG A 1 55  ? 0.168   8.965   -12.823 1.00 11.01 ? 55  ARG A CB  1 
ATOM   383  C  CG  . ARG A 1 55  ? -0.994  7.982   -12.795 1.00 11.20 ? 55  ARG A CG  1 
ATOM   384  C  CD  . ARG A 1 55  ? -0.622  6.524   -12.571 1.00 11.73 ? 55  ARG A CD  1 
ATOM   385  N  NE  . ARG A 1 55  ? -1.851  5.690   -12.549 1.00 13.27 ? 55  ARG A NE  1 
ATOM   386  C  CZ  . ARG A 1 55  ? -1.906  4.459   -12.054 1.00 14.12 ? 55  ARG A CZ  1 
ATOM   387  N  NH1 . ARG A 1 55  ? -0.853  3.867   -11.581 1.00 12.88 ? 55  ARG A NH1 1 
ATOM   388  N  NH2 . ARG A 1 55  ? -3.057  3.795   -11.973 1.00 15.62 ? 55  ARG A NH2 1 
ATOM   389  N  N   . CYS A 1 56  ? 3.061   9.854   -10.815 1.00 9.97  ? 56  CYS A N   1 
ATOM   390  C  CA  . CYS A 1 56  ? 4.039   10.885  -10.448 1.00 10.02 ? 56  CYS A CA  1 
ATOM   391  C  C   . CYS A 1 56  ? 5.234   10.206  -9.764  1.00 9.83  ? 56  CYS A C   1 
ATOM   392  O  O   . CYS A 1 56  ? 5.239   8.973   -9.493  1.00 10.80 ? 56  CYS A O   1 
ATOM   393  C  CB  . CYS A 1 56  ? 3.423   11.864  -9.441  1.00 9.05  ? 56  CYS A CB  1 
ATOM   394  S  SG  . CYS A 1 56  ? 3.122   11.082  -7.829  1.00 10.26 ? 56  CYS A SG  1 
ATOM   395  N  N   A ASP A 1 57  ? 6.302   10.979  -9.511  0.25 11.08 ? 57  ASP A N   1 
ATOM   396  N  N   B ASP A 1 57  ? 6.207   11.086  -9.486  0.25 11.40 ? 57  ASP A N   1 
ATOM   397  C  CA  A ASP A 1 57  ? 7.424   10.519  -8.657  0.25 11.20 ? 57  ASP A CA  1 
ATOM   398  C  CA  B ASP A 1 57  ? 7.514   10.811  -8.859  0.25 11.54 ? 57  ASP A CA  1 
ATOM   399  C  C   A ASP A 1 57  ? 7.575   11.437  -7.441  0.25 11.79 ? 57  ASP A C   1 
ATOM   400  C  C   B ASP A 1 57  ? 7.590   11.462  -7.464  0.25 11.94 ? 57  ASP A C   1 
ATOM   401  O  O   A ASP A 1 57  ? 8.695   11.676  -7.015  0.25 12.63 ? 57  ASP A O   1 
ATOM   402  O  O   B ASP A 1 57  ? 8.698   11.523  -6.927  0.25 12.60 ? 57  ASP A O   1 
ATOM   403  C  CB  A ASP A 1 57  ? 8.739   10.412  -9.433  0.25 11.94 ? 57  ASP A CB  1 
ATOM   404  C  CB  B ASP A 1 57  ? 8.614   11.313  -9.816  0.25 12.52 ? 57  ASP A CB  1 
ATOM   405  C  CG  A ASP A 1 57  ? 9.274   11.739  -9.923  0.25 13.73 ? 57  ASP A CG  1 
ATOM   406  C  CG  B ASP A 1 57  ? 10.000  10.768  -9.550  0.25 15.18 ? 57  ASP A CG  1 
ATOM   407  O  OD1 A ASP A 1 57  ? 8.600   12.764  -9.769  0.25 13.36 ? 57  ASP A OD1 1 
ATOM   408  O  OD1 B ASP A 1 57  ? 10.108  9.588   -9.188  0.25 17.25 ? 57  ASP A OD1 1 
ATOM   409  O  OD2 A ASP A 1 57  ? 10.402  11.707  -10.491 0.25 17.49 ? 57  ASP A OD2 1 
ATOM   410  O  OD2 B ASP A 1 57  ? 10.971  11.562  -9.688  0.25 17.98 ? 57  ASP A OD2 1 
ATOM   411  N  N   . CYS A 1 58  ? 6.473   11.866  -6.852  1.00 10.64 ? 58  CYS A N   1 
ATOM   412  C  CA  . CYS A 1 58  ? 6.521   12.559  -5.550  1.00 10.07 ? 58  CYS A CA  1 
ATOM   413  C  C   . CYS A 1 58  ? 7.267   11.698  -4.528  1.00 9.96  ? 58  CYS A C   1 
ATOM   414  O  O   . CYS A 1 58  ? 7.129   10.467  -4.515  1.00 10.72 ? 58  CYS A O   1 
ATOM   415  C  CB  . CYS A 1 58  ? 5.142   12.859  -5.011  1.00 11.48 ? 58  CYS A CB  1 
ATOM   416  S  SG  . CYS A 1 58  ? 4.261   14.163  -5.901  1.00 11.22 ? 58  CYS A SG  1 
ATOM   417  N  N   . GLN A 1 59  ? 7.940   12.405  -3.621  1.00 10.55 ? 59  GLN A N   1 
ATOM   418  C  CA  . GLN A 1 59  ? 8.558   11.826  -2.422  1.00 10.70 ? 59  GLN A CA  1 
ATOM   419  C  C   . GLN A 1 59  ? 8.101   12.569  -1.199  1.00 9.74  ? 59  GLN A C   1 
ATOM   420  O  O   . GLN A 1 59  ? 8.712   12.371  -0.129  1.00 10.83 ? 59  GLN A O   1 
ATOM   421  C  CB  . GLN A 1 59  ? 10.099  11.865  -2.502  1.00 11.81 ? 59  GLN A CB  1 
ATOM   422  C  CG  . GLN A 1 59  ? 10.678  10.849  -3.468  1.00 13.77 ? 59  GLN A CG  1 
ATOM   423  C  CD  . GLN A 1 59  ? 12.186  10.785  -3.345  1.00 14.14 ? 59  GLN A CD  1 
ATOM   424  O  OE1 . GLN A 1 59  ? 12.904  11.359  -4.176  1.00 16.19 ? 59  GLN A OE1 1 
ATOM   425  N  NE2 . GLN A 1 59  ? 12.701  10.188  -2.278  1.00 14.63 ? 59  GLN A NE2 1 
ATOM   426  N  N   . THR A 1 60  ? 7.004   13.291  -1.265  1.00 10.13 ? 60  THR A N   1 
ATOM   427  C  CA  . THR A 1 60  ? 6.342   13.837  -0.074  1.00 11.05 ? 60  THR A CA  1 
ATOM   428  C  C   . THR A 1 60  ? 4.837   13.590  -0.151  1.00 11.13 ? 60  THR A C   1 
ATOM   429  O  O   . THR A 1 60  ? 4.252   13.616  -1.259  1.00 11.98 ? 60  THR A O   1 
ATOM   430  C  CB  . THR A 1 60  ? 6.658   15.301  0.152   1.00 13.17 ? 60  THR A CB  1 
ATOM   431  O  OG1 . THR A 1 60  ? 6.030   16.042  -0.861  1.00 18.07 ? 60  THR A OG1 1 
ATOM   432  C  CG2 . THR A 1 60  ? 8.135   15.567  0.235   1.00 14.72 ? 60  THR A CG2 1 
ATOM   433  N  N   . GLY A 1 61  ? 4.252   13.321  0.988   1.00 10.48 ? 61  GLY A N   1 
ATOM   434  C  CA  . GLY A 1 61  ? 2.814   13.051  1.053   1.00 10.18 ? 61  GLY A CA  1 
ATOM   435  C  C   . GLY A 1 61  ? 2.378   12.954  2.483   1.00 10.11 ? 61  GLY A C   1 
ATOM   436  O  O   . GLY A 1 61  ? 3.029   13.485  3.370   1.00 11.05 ? 61  GLY A O   1 
ATOM   437  N  N   . VAL A 1 62  ? 1.188   12.415  2.649   1.00 8.68  ? 62  VAL A N   1 
ATOM   438  C  CA  . VAL A 1 62  ? 0.546   12.314  3.983   1.00 9.25  ? 62  VAL A CA  1 
ATOM   439  C  C   . VAL A 1 62  ? 0.010   10.906  4.091   1.00 9.31  ? 62  VAL A C   1 
ATOM   440  O  O   . VAL A 1 62  ? -0.620  10.441  3.153   1.00 10.09 ? 62  VAL A O   1 
ATOM   441  C  CB  . VAL A 1 62  ? -0.607  13.318  4.087   1.00 9.36  ? 62  VAL A CB  1 
ATOM   442  C  CG1 . VAL A 1 62  ? -1.380  13.087  5.373   1.00 11.19 ? 62  VAL A CG1 1 
ATOM   443  C  CG2 . VAL A 1 62  ? -0.077  14.742  4.083   1.00 10.48 ? 62  VAL A CG2 1 
ATOM   444  N  N   . TYR A 1 63  ? 0.189   10.254  5.253   1.00 9.55  ? 63  TYR A N   1 
ATOM   445  C  CA  . TYR A 1 63  ? -0.350  8.883   5.403   1.00 9.00  ? 63  TYR A CA  1 
ATOM   446  C  C   . TYR A 1 63  ? -1.215  8.790   6.652   1.00 9.73  ? 63  TYR A C   1 
ATOM   447  O  O   . TYR A 1 63  ? -1.013  9.566   7.603   1.00 9.98  ? 63  TYR A O   1 
ATOM   448  C  CB  . TYR A 1 63  ? 0.745   7.811   5.453   1.00 9.97  ? 63  TYR A CB  1 
ATOM   449  C  CG  . TYR A 1 63  ? 1.392   7.562   6.807   1.00 10.29 ? 63  TYR A CG  1 
ATOM   450  C  CD1 . TYR A 1 63  ? 2.357   8.433   7.281   1.00 10.26 ? 63  TYR A CD1 1 
ATOM   451  C  CD2 . TYR A 1 63  ? 1.083   6.458   7.590   1.00 10.35 ? 63  TYR A CD2 1 
ATOM   452  C  CE1 . TYR A 1 63  ? 2.974   8.219   8.498   1.00 11.21 ? 63  TYR A CE1 1 
ATOM   453  C  CE2 . TYR A 1 63  ? 1.671   6.257   8.822   1.00 10.35 ? 63  TYR A CE2 1 
ATOM   454  C  CZ  . TYR A 1 63  ? 2.635   7.134   9.266   1.00 10.80 ? 63  TYR A CZ  1 
ATOM   455  O  OH  . TYR A 1 63  ? 3.225   6.932   10.489  1.00 11.71 ? 63  TYR A OH  1 
ATOM   456  N  N   . TYR A 1 64  ? -2.161  7.885   6.620   1.00 10.04 ? 64  TYR A N   1 
ATOM   457  C  CA  . TYR A 1 64  ? -3.013  7.610   7.781   1.00 10.49 ? 64  TYR A CA  1 
ATOM   458  C  C   . TYR A 1 64  ? -2.402  6.506   8.629   1.00 8.92  ? 64  TYR A C   1 
ATOM   459  O  O   . TYR A 1 64  ? -2.140  5.372   8.165   1.00 10.34 ? 64  TYR A O   1 
ATOM   460  C  CB  . TYR A 1 64  ? -4.412  7.197   7.357   1.00 11.03 ? 64  TYR A CB  1 
ATOM   461  C  CG  . TYR A 1 64  ? -5.275  6.962   8.557   1.00 12.26 ? 64  TYR A CG  1 
ATOM   462  C  CD1 . TYR A 1 64  ? -5.527  8.013   9.421   1.00 13.30 ? 64  TYR A CD1 1 
ATOM   463  C  CD2 . TYR A 1 64  ? -5.815  5.731   8.806   1.00 11.84 ? 64  TYR A CD2 1 
ATOM   464  C  CE1 . TYR A 1 64  ? -6.273  7.806   10.571  1.00 13.97 ? 64  TYR A CE1 1 
ATOM   465  C  CE2 . TYR A 1 64  ? -6.590  5.511   9.942   1.00 13.73 ? 64  TYR A CE2 1 
ATOM   466  C  CZ  . TYR A 1 64  ? -6.796  6.550   10.801  1.00 13.48 ? 64  TYR A CZ  1 
ATOM   467  O  OH  . TYR A 1 64  ? -7.569  6.364   11.939  1.00 15.70 ? 64  TYR A OH  1 
ATOM   468  N  N   . CYS A 1 65  ? -2.299  6.779   9.911   1.00 9.92  ? 65  CYS A N   1 
ATOM   469  C  CA  . CYS A 1 65  ? -1.794  5.887   10.964  1.00 10.36 ? 65  CYS A CA  1 
ATOM   470  C  C   . CYS A 1 65  ? -2.926  5.521   11.925  1.00 10.36 ? 65  CYS A C   1 
ATOM   471  O  O   . CYS A 1 65  ? -3.233  6.321   12.853  1.00 10.22 ? 65  CYS A O   1 
ATOM   472  C  CB  . CYS A 1 65  ? -0.644  6.524   11.692  1.00 10.13 ? 65  CYS A CB  1 
ATOM   473  S  SG  . CYS A 1 65  ? -0.001  5.523   13.044  1.00 11.16 ? 65  CYS A SG  1 
ATOM   474  N  N   . SER A 1 66  ? -3.512  4.354   11.765  1.00 10.23 ? 66  SER A N   1 
ATOM   475  C  CA  . SER A 1 66  ? -4.675  3.952   12.599  1.00 11.44 ? 66  SER A CA  1 
ATOM   476  C  C   . SER A 1 66  ? -4.309  3.826   14.079  1.00 10.97 ? 66  SER A C   1 
ATOM   477  O  O   . SER A 1 66  ? -5.156  4.182   14.932  1.00 11.97 ? 66  SER A O   1 
ATOM   478  C  CB  . SER A 1 66  ? -5.291  2.708   12.075  1.00 12.06 ? 66  SER A CB  1 
ATOM   479  O  OG  . SER A 1 66  ? -4.545  1.549   12.279  1.00 17.02 ? 66  SER A OG  1 
ATOM   480  N  N   . SER A 1 67  ? -3.082  3.461   14.387  1.00 9.35  ? 67  SER A N   1 
ATOM   481  C  CA  . SER A 1 67  ? -2.631  3.248   15.779  1.00 10.17 ? 67  SER A CA  1 
ATOM   482  C  C   . SER A 1 67  ? -2.389  4.590   16.470  1.00 10.14 ? 67  SER A C   1 
ATOM   483  O  O   . SER A 1 67  ? -2.087  4.570   17.687  1.00 10.65 ? 67  SER A O   1 
ATOM   484  C  CB  . SER A 1 67  ? -1.488  2.349   15.842  1.00 9.82  ? 67  SER A CB  1 
ATOM   485  O  OG  . SER A 1 67  ? -0.313  2.928   15.245  1.00 11.05 ? 67  SER A OG  1 
ATOM   486  N  N   . ARG A 1 68  ? -2.604  5.715   15.781  1.00 10.68 ? 68  ARG A N   1 
ATOM   487  C  CA  . ARG A 1 68  ? -2.536  7.069   16.349  1.00 10.28 ? 68  ARG A CA  1 
ATOM   488  C  C   . ARG A 1 68  ? -3.809  7.834   16.038  1.00 11.29 ? 68  ARG A C   1 
ATOM   489  O  O   . ARG A 1 68  ? -3.924  8.978   16.466  1.00 12.10 ? 68  ARG A O   1 
ATOM   490  C  CB  . ARG A 1 68  ? -1.310  7.803   15.823  1.00 11.03 ? 68  ARG A CB  1 
ATOM   491  C  CG  . ARG A 1 68  ? 0.004   7.169   16.222  1.00 11.21 ? 68  ARG A CG  1 
ATOM   492  C  CD  . ARG A 1 68  ? 0.316   7.445   17.702  1.00 12.46 ? 68  ARG A CD  1 
ATOM   493  N  NE  . ARG A 1 68  ? 1.551   6.881   18.159  1.00 13.20 ? 68  ARG A NE  1 
ATOM   494  C  CZ  . ARG A 1 68  ? 1.711   5.681   18.675  1.00 12.48 ? 68  ARG A CZ  1 
ATOM   495  N  NH1 . ARG A 1 68  ? 0.655   4.896   18.836  1.00 12.74 ? 68  ARG A NH1 1 
ATOM   496  N  NH2 . ARG A 1 68  ? 2.912   5.266   19.026  1.00 13.73 ? 68  ARG A NH2 1 
ATOM   497  N  N   . ARG A 1 69  ? -4.702  7.285   15.255  1.00 11.35 ? 69  ARG A N   1 
ATOM   498  C  CA  . ARG A 1 69  ? -5.876  8.021   14.756  1.00 12.07 ? 69  ARG A CA  1 
ATOM   499  C  C   . ARG A 1 69  ? -5.419  9.344   14.154  1.00 12.29 ? 69  ARG A C   1 
ATOM   500  O  O   . ARG A 1 69  ? -6.055  10.393  14.419  1.00 14.61 ? 69  ARG A O   1 
ATOM   501  C  CB  . ARG A 1 69  ? -6.940  8.226   15.839  1.00 13.26 ? 69  ARG A CB  1 
ATOM   502  C  CG  . ARG A 1 69  ? -7.633  6.934   16.209  1.00 14.74 ? 69  ARG A CG  1 
ATOM   503  C  CD  . ARG A 1 69  ? -8.768  7.256   17.179  1.00 16.35 ? 69  ARG A CD  1 
ATOM   504  N  NE  . ARG A 1 69  ? -9.413  6.045   17.736  1.00 18.38 ? 69  ARG A NE  1 
ATOM   505  C  CZ  . ARG A 1 69  ? -9.435  5.691   19.034  1.00 17.81 ? 69  ARG A CZ  1 
ATOM   506  N  NH1 . ARG A 1 69  ? -8.795  6.417   19.952  1.00 18.01 ? 69  ARG A NH1 1 
ATOM   507  N  NH2 . ARG A 1 69  ? -10.014 4.542   19.380  1.00 19.70 ? 69  ARG A NH2 1 
ATOM   508  N  N   . LYS A 1 70  ? -4.350  9.339   13.344  1.00 12.90 ? 70  LYS A N   1 
ATOM   509  C  CA  . LYS A 1 70  ? -3.746  10.602  12.869  1.00 13.25 ? 70  LYS A CA  1 
ATOM   510  C  C   . LYS A 1 70  ? -3.214  10.413  11.458  1.00 12.14 ? 70  LYS A C   1 
ATOM   511  O  O   . LYS A 1 70  ? -2.743  9.316   11.158  1.00 12.41 ? 70  LYS A O   1 
ATOM   512  C  CB  . LYS A 1 70  ? -2.642  11.120  13.781  1.00 16.52 ? 70  LYS A CB  1 
ATOM   513  C  CG  . LYS A 1 70  ? -3.156  11.837  15.027  1.00 22.58 ? 70  LYS A CG  1 
ATOM   514  C  CD  . LYS A 1 70  ? -2.080  12.628  15.719  1.00 29.01 ? 70  LYS A CD  1 
ATOM   515  C  CE  . LYS A 1 70  ? -2.527  13.253  17.026  1.00 34.25 ? 70  LYS A CE  1 
ATOM   516  N  NZ  . LYS A 1 70  ? -3.048  12.226  17.963  1.00 39.80 ? 70  LYS A NZ  1 
ATOM   517  N  N   . HIS A 1 71  ? -3.263  11.481  10.709  1.00 12.40 ? 71  HIS A N   1 
ATOM   518  C  CA  . HIS A 1 71  ? -2.569  11.606  9.416   1.00 12.03 ? 71  HIS A CA  1 
ATOM   519  C  C   . HIS A 1 71  ? -1.277  12.347  9.656   1.00 12.35 ? 71  HIS A C   1 
ATOM   520  O  O   . HIS A 1 71  ? -1.292  13.394  10.340  1.00 14.56 ? 71  HIS A O   1 
ATOM   521  C  CB  . HIS A 1 71  ? -3.436  12.301  8.389   1.00 12.26 ? 71  HIS A CB  1 
ATOM   522  C  CG  . HIS A 1 71  ? -4.650  11.557  7.991   1.00 12.35 ? 71  HIS A CG  1 
ATOM   523  N  ND1 . HIS A 1 71  ? -4.831  10.845  6.804   1.00 13.85 ? 71  HIS A ND1 1 
ATOM   524  C  CD2 . HIS A 1 71  ? -5.788  11.427  8.676   1.00 14.03 ? 71  HIS A CD2 1 
ATOM   525  C  CE1 . HIS A 1 71  ? -6.052  10.334  6.791   1.00 12.47 ? 71  HIS A CE1 1 
ATOM   526  N  NE2 . HIS A 1 71  ? -6.660  10.722  7.904   1.00 17.14 ? 71  HIS A NE2 1 
ATOM   527  N  N   . TYR A 1 72  ? -0.165  11.889  9.108   1.00 10.93 ? 72  TYR A N   1 
ATOM   528  C  CA  . TYR A 1 72  ? 1.151   12.522  9.251   1.00 11.18 ? 72  TYR A CA  1 
ATOM   529  C  C   . TYR A 1 72  ? 1.714   12.873  7.886   1.00 10.18 ? 72  TYR A C   1 
ATOM   530  O  O   . TYR A 1 72  ? 1.773   12.025  6.980   1.00 10.96 ? 72  TYR A O   1 
ATOM   531  C  CB  . TYR A 1 72  ? 2.109   11.545  9.916   1.00 11.33 ? 72  TYR A CB  1 
ATOM   532  C  CG  . TYR A 1 72  ? 1.771   11.199  11.340  1.00 12.71 ? 72  TYR A CG  1 
ATOM   533  C  CD1 . TYR A 1 72  ? 2.104   12.073  12.379  1.00 14.81 ? 72  TYR A CD1 1 
ATOM   534  C  CD2 . TYR A 1 72  ? 1.166   9.997   11.678  1.00 13.09 ? 72  TYR A CD2 1 
ATOM   535  C  CE1 . TYR A 1 72  ? 1.800   11.780  13.703  1.00 14.82 ? 72  TYR A CE1 1 
ATOM   536  C  CE2 . TYR A 1 72  ? 0.879   9.675   12.999  1.00 12.96 ? 72  TYR A CE2 1 
ATOM   537  C  CZ  . TYR A 1 72  ? 1.205   10.571  13.995  1.00 13.45 ? 72  TYR A CZ  1 
ATOM   538  O  OH  . TYR A 1 72  ? 0.934   10.244  15.311  1.00 15.08 ? 72  TYR A OH  1 
ATOM   539  N  N   . PRO A 1 73  ? 2.286   14.069  7.754   1.00 10.63 ? 73  PRO A N   1 
ATOM   540  C  CA  . PRO A 1 73  ? 3.062   14.408  6.564   1.00 10.23 ? 73  PRO A CA  1 
ATOM   541  C  C   . PRO A 1 73  ? 4.437   13.746  6.669   1.00 10.69 ? 73  PRO A C   1 
ATOM   542  O  O   . PRO A 1 73  ? 5.124   13.813  7.698   1.00 13.69 ? 73  PRO A O   1 
ATOM   543  C  CB  . PRO A 1 73  ? 3.202   15.943  6.639   1.00 10.78 ? 73  PRO A CB  1 
ATOM   544  C  CG  . PRO A 1 73  ? 3.081   16.273  8.103   1.00 13.22 ? 73  PRO A CG  1 
ATOM   545  C  CD  . PRO A 1 73  ? 2.197   15.206  8.712   1.00 11.85 ? 73  PRO A CD  1 
ATOM   546  N  N   . VAL A 1 74  ? 4.881   13.146  5.592   1.00 10.25 ? 74  VAL A N   1 
ATOM   547  C  CA  . VAL A 1 74  ? 6.158   12.412  5.524   1.00 10.38 ? 74  VAL A CA  1 
ATOM   548  C  C   . VAL A 1 74  ? 6.843   12.645  4.203   1.00 10.63 ? 74  VAL A C   1 
ATOM   549  O  O   . VAL A 1 74  ? 6.230   12.856  3.132   1.00 10.80 ? 74  VAL A O   1 
ATOM   550  C  CB  . VAL A 1 74  ? 5.957   10.904  5.671   1.00 12.22 ? 74  VAL A CB  1 
ATOM   551  C  CG1 . VAL A 1 74  ? 5.622   10.555  7.106   1.00 12.41 ? 74  VAL A CG1 1 
ATOM   552  C  CG2 . VAL A 1 74  ? 4.931   10.315  4.722   1.00 13.13 ? 74  VAL A CG2 1 
ATOM   553  N  N   . SER A 1 75  ? 8.153   12.535  4.273   1.00 9.94  ? 75  SER A N   1 
ATOM   554  C  CA  . SER A 1 75  ? 9.034   12.328  3.111   1.00 10.36 ? 75  SER A CA  1 
ATOM   555  C  C   . SER A 1 75  ? 9.301   10.830  3.019   1.00 9.85  ? 75  SER A C   1 
ATOM   556  O  O   . SER A 1 75  ? 9.443   10.179  4.036   1.00 10.38 ? 75  SER A O   1 
ATOM   557  C  CB  . SER A 1 75  ? 10.300  13.086  3.243   1.00 13.02 ? 75  SER A CB  1 
ATOM   558  O  OG  . SER A 1 75  ? 10.103  14.468  3.279   1.00 21.23 ? 75  SER A OG  1 
ATOM   559  N  N   . PHE A 1 76  ? 9.366   10.285  1.819   1.00 9.23  ? 76  PHE A N   1 
ATOM   560  C  CA  . PHE A 1 76  ? 9.551   8.844   1.617   1.00 9.22  ? 76  PHE A CA  1 
ATOM   561  C  C   . PHE A 1 76  ? 10.477  8.563   0.467   1.00 9.62  ? 76  PHE A C   1 
ATOM   562  O  O   . PHE A 1 76  ? 10.585  9.365   -0.468  1.00 10.50 ? 76  PHE A O   1 
ATOM   563  C  CB  . PHE A 1 76  ? 8.190   8.132   1.449   1.00 9.32  ? 76  PHE A CB  1 
ATOM   564  C  CG  . PHE A 1 76  ? 7.267   8.672   0.385   1.00 9.00  ? 76  PHE A CG  1 
ATOM   565  C  CD1 . PHE A 1 76  ? 6.360   9.670   0.656   1.00 9.69  ? 76  PHE A CD1 1 
ATOM   566  C  CD2 . PHE A 1 76  ? 7.326   8.210   -0.931  1.00 10.04 ? 76  PHE A CD2 1 
ATOM   567  C  CE1 . PHE A 1 76  ? 5.530   10.188  -0.316  1.00 10.95 ? 76  PHE A CE1 1 
ATOM   568  C  CE2 . PHE A 1 76  ? 6.470   8.716   -1.879  1.00 10.59 ? 76  PHE A CE2 1 
ATOM   569  C  CZ  . PHE A 1 76  ? 5.583   9.714   -1.577  1.00 11.30 ? 76  PHE A CZ  1 
ATOM   570  N  N   . SER A 1 77  ? 11.160  7.450   0.597   1.00 10.09 ? 77  SER A N   1 
ATOM   571  C  CA  . SER A 1 77  ? 12.090  6.975   -0.442  1.00 10.40 ? 77  SER A CA  1 
ATOM   572  C  C   . SER A 1 77  ? 11.298  6.501   -1.657  1.00 10.50 ? 77  SER A C   1 
ATOM   573  O  O   . SER A 1 77  ? 10.158  6.053   -1.561  1.00 11.35 ? 77  SER A O   1 
ATOM   574  C  CB  . SER A 1 77  ? 12.974  5.911   0.080   1.00 10.73 ? 77  SER A CB  1 
ATOM   575  O  OG  . SER A 1 77  ? 12.246  4.792   0.568   1.00 12.79 ? 77  SER A OG  1 
ATOM   576  N  N   . LYS A 1 78  ? 11.936  6.491   -2.821  1.00 10.57 ? 78  LYS A N   1 
ATOM   577  C  CA  . LYS A 1 78  ? 11.367  5.942   -4.072  1.00 10.75 ? 78  LYS A CA  1 
ATOM   578  C  C   . LYS A 1 78  ? 11.206  4.435   -3.939  1.00 11.49 ? 78  LYS A C   1 
ATOM   579  O  O   . LYS A 1 78  ? 11.958  3.743   -3.255  1.00 12.30 ? 78  LYS A O   1 
ATOM   580  C  CB  . LYS A 1 78  ? 12.212  6.319   -5.283  1.00 12.42 ? 78  LYS A CB  1 
ATOM   581  C  CG  . LYS A 1 78  ? 12.225  7.811   -5.544  1.00 13.52 ? 78  LYS A CG  1 
ATOM   582  C  CD  . LYS A 1 78  ? 12.955  8.171   -6.844  1.00 15.49 ? 78  LYS A CD  1 
ATOM   583  C  CE  . LYS A 1 78  ? 12.857  9.644   -7.147  1.00 20.10 ? 78  LYS A CE  1 
ATOM   584  N  NZ  . LYS A 1 78  ? 13.479  10.021  -8.441  1.00 23.60 ? 78  LYS A NZ  1 
ATOM   585  N  N   . PRO A 1 79  ? 10.212  3.837   -4.622  1.00 10.95 ? 79  PRO A N   1 
ATOM   586  C  CA  . PRO A 1 79  ? 9.973   2.404   -4.491  1.00 11.46 ? 79  PRO A CA  1 
ATOM   587  C  C   . PRO A 1 79  ? 11.232  1.617   -4.826  1.00 12.32 ? 79  PRO A C   1 
ATOM   588  O  O   . PRO A 1 79  ? 11.816  1.844   -5.892  1.00 14.72 ? 79  PRO A O   1 
ATOM   589  C  CB  . PRO A 1 79  ? 8.821   2.139   -5.492  1.00 12.92 ? 79  PRO A CB  1 
ATOM   590  C  CG  . PRO A 1 79  ? 8.143   3.455   -5.688  1.00 12.44 ? 79  PRO A CG  1 
ATOM   591  C  CD  . PRO A 1 79  ? 9.232   4.507   -5.495  1.00 10.77 ? 79  PRO A CD  1 
ATOM   592  N  N   A SER A 1 80  ? 11.613  0.687   -3.956  0.25 12.96 ? 80  SER A N   1 
ATOM   593  N  N   B SER A 1 80  ? 11.564  0.635   -4.014  0.25 12.90 ? 80  SER A N   1 
ATOM   594  C  CA  A SER A 1 80  ? 12.827  -0.146  -4.133  0.25 14.48 ? 80  SER A CA  1 
ATOM   595  C  CA  B SER A 1 80  ? 12.741  -0.215  -4.280  0.25 14.03 ? 80  SER A CA  1 
ATOM   596  C  C   A SER A 1 80  ? 12.631  -1.535  -3.531  0.25 13.66 ? 80  SER A C   1 
ATOM   597  C  C   B SER A 1 80  ? 12.591  -1.569  -3.607  0.25 13.50 ? 80  SER A C   1 
ATOM   598  O  O   A SER A 1 80  ? 11.613  -1.815  -2.844  0.25 12.83 ? 80  SER A O   1 
ATOM   599  O  O   B SER A 1 80  ? 11.527  -1.872  -3.012  0.25 12.43 ? 80  SER A O   1 
ATOM   600  C  CB  A SER A 1 80  ? 14.049  0.500   -3.514  0.25 17.11 ? 80  SER A CB  1 
ATOM   601  C  CB  B SER A 1 80  ? 13.990  0.484   -3.819  0.25 16.06 ? 80  SER A CB  1 
ATOM   602  O  OG  A SER A 1 80  ? 13.846  1.862   -3.189  0.25 20.92 ? 80  SER A OG  1 
ATOM   603  O  OG  B SER A 1 80  ? 13.992  1.845   -4.204  0.25 21.73 ? 80  SER A OG  1 
ATOM   604  N  N   . LEU A 1 81  ? 13.623  -2.401  -3.758  1.00 14.15 ? 81  LEU A N   1 
ATOM   605  C  CA  . LEU A 1 81  ? 13.699  -3.748  -3.201  1.00 14.63 ? 81  LEU A CA  1 
ATOM   606  C  C   . LEU A 1 81  ? 14.416  -3.646  -1.869  1.00 15.18 ? 81  LEU A C   1 
ATOM   607  O  O   . LEU A 1 81  ? 15.630  -3.326  -1.896  1.00 16.63 ? 81  LEU A O   1 
ATOM   608  C  CB  . LEU A 1 81  ? 14.442  -4.621  -4.205  1.00 15.21 ? 81  LEU A CB  1 
ATOM   609  C  CG  . LEU A 1 81  ? 14.623  -6.059  -3.761  1.00 16.69 ? 81  LEU A CG  1 
ATOM   610  C  CD1 . LEU A 1 81  ? 13.268  -6.738  -3.609  1.00 17.30 ? 81  LEU A CD1 1 
ATOM   611  C  CD2 . LEU A 1 81  ? 15.462  -6.828  -4.787  1.00 19.37 ? 81  LEU A CD2 1 
ATOM   612  N  N   . ILE A 1 82  ? 13.763  -3.884  -0.748  1.00 12.55 ? 82  ILE A N   1 
ATOM   613  C  CA  . ILE A 1 82  ? 14.241  -3.569  0.611   1.00 13.86 ? 82  ILE A CA  1 
ATOM   614  C  C   . ILE A 1 82  ? 14.106  -4.808  1.483   1.00 12.73 ? 82  ILE A C   1 
ATOM   615  O  O   . ILE A 1 82  ? 13.049  -5.439  1.484   1.00 12.69 ? 82  ILE A O   1 
ATOM   616  C  CB  . ILE A 1 82  ? 13.414  -2.414  1.220   1.00 15.14 ? 82  ILE A CB  1 
ATOM   617  C  CG1 . ILE A 1 82  ? 13.425  -1.213  0.285   1.00 15.84 ? 82  ILE A CG1 1 
ATOM   618  C  CG2 . ILE A 1 82  ? 13.849  -2.086  2.630   1.00 19.72 ? 82  ILE A CG2 1 
ATOM   619  C  CD1 . ILE A 1 82  ? 14.763  -0.548  0.164   1.00 21.02 ? 82  ILE A CD1 1 
ATOM   620  N  N   . PHE A 1 83  ? 15.092  -5.051  2.328   1.00 12.32 ? 83  PHE A N   1 
ATOM   621  C  CA  . PHE A 1 83  ? 14.992  -6.085  3.338   1.00 12.72 ? 83  PHE A CA  1 
ATOM   622  C  C   . PHE A 1 83  ? 14.086  -5.602  4.460   1.00 11.94 ? 83  PHE A C   1 
ATOM   623  O  O   . PHE A 1 83  ? 14.246  -4.450  4.911   1.00 13.14 ? 83  PHE A O   1 
ATOM   624  C  CB  . PHE A 1 83  ? 16.370  -6.483  3.871   1.00 13.15 ? 83  PHE A CB  1 
ATOM   625  C  CG  . PHE A 1 83  ? 16.290  -7.668  4.780   1.00 14.72 ? 83  PHE A CG  1 
ATOM   626  C  CD1 . PHE A 1 83  ? 16.059  -8.920  4.260   1.00 14.51 ? 83  PHE A CD1 1 
ATOM   627  C  CD2 . PHE A 1 83  ? 16.392  -7.540  6.153   1.00 17.18 ? 83  PHE A CD2 1 
ATOM   628  C  CE1 . PHE A 1 83  ? 15.958  -10.031 5.089   1.00 16.72 ? 83  PHE A CE1 1 
ATOM   629  C  CE2 . PHE A 1 83  ? 16.312  -8.654  6.975   1.00 19.37 ? 83  PHE A CE2 1 
ATOM   630  C  CZ  . PHE A 1 83  ? 16.071  -9.879  6.441   1.00 18.77 ? 83  PHE A CZ  1 
ATOM   631  N  N   . VAL A 1 84  ? 13.138  -6.432  4.864   1.00 12.30 ? 84  VAL A N   1 
ATOM   632  C  CA  . VAL A 1 84  ? 12.159  -6.092  5.908   1.00 12.82 ? 84  VAL A CA  1 
ATOM   633  C  C   . VAL A 1 84  ? 12.331  -7.129  7.006   1.00 12.18 ? 84  VAL A C   1 
ATOM   634  O  O   . VAL A 1 84  ? 12.232  -8.356  6.708   1.00 13.37 ? 84  VAL A O   1 
ATOM   635  C  CB  . VAL A 1 84  ? 10.733  -6.044  5.330   1.00 12.52 ? 84  VAL A CB  1 
ATOM   636  C  CG1 . VAL A 1 84  ? 9.733   -5.678  6.411   1.00 12.11 ? 84  VAL A CG1 1 
ATOM   637  C  CG2 . VAL A 1 84  ? 10.705  -5.063  4.184   1.00 12.55 ? 84  VAL A CG2 1 
ATOM   638  N  N   . GLU A 1 85  ? 12.490  -6.709  8.240   1.00 12.30 ? 85  GLU A N   1 
ATOM   639  C  CA  . GLU A 1 85  ? 12.629  -7.652  9.347   1.00 12.80 ? 85  GLU A CA  1 
ATOM   640  C  C   . GLU A 1 85  ? 11.288  -8.360  9.543   1.00 13.08 ? 85  GLU A C   1 
ATOM   641  O  O   . GLU A 1 85  ? 10.205  -7.896  9.061   1.00 12.64 ? 85  GLU A O   1 
ATOM   642  C  CB  . GLU A 1 85  ? 13.029  -6.943  10.639  1.00 13.10 ? 85  GLU A CB  1 
ATOM   643  C  CG  . GLU A 1 85  ? 14.392  -6.292  10.565  1.00 14.56 ? 85  GLU A CG  1 
ATOM   644  C  CD  . GLU A 1 85  ? 15.547  -7.258  10.452  1.00 16.34 ? 85  GLU A CD  1 
ATOM   645  O  OE1 . GLU A 1 85  ? 15.409  -8.486  10.663  1.00 17.95 ? 85  GLU A OE1 1 
ATOM   646  O  OE2 . GLU A 1 85  ? 16.613  -6.805  10.038  1.00 17.59 ? 85  GLU A OE2 1 
ATOM   647  N  N   . ALA A 1 86  ? 11.307  -9.473  10.239  1.00 14.07 ? 86  ALA A N   1 
ATOM   648  C  CA  . ALA A 1 86  ? 10.094  -10.264 10.485  1.00 14.57 ? 86  ALA A CA  1 
ATOM   649  C  C   . ALA A 1 86  ? 9.053   -9.395  11.168  1.00 13.67 ? 86  ALA A C   1 
ATOM   650  O  O   . ALA A 1 86  ? 9.376   -8.603  12.067  1.00 14.97 ? 86  ALA A O   1 
ATOM   651  C  CB  . ALA A 1 86  ? 10.459  -11.456 11.327  1.00 14.53 ? 86  ALA A CB  1 
ATOM   652  N  N   . SER A 1 87  ? 7.789   -9.637  10.813  1.00 14.51 ? 87  SER A N   1 
ATOM   653  C  CA  . SER A 1 87  ? 6.620   -8.967  11.412  1.00 14.46 ? 87  SER A CA  1 
ATOM   654  C  C   . SER A 1 87  ? 5.692   -10.053 11.908  1.00 14.48 ? 87  SER A C   1 
ATOM   655  O  O   . SER A 1 87  ? 5.962   -11.266 11.683  1.00 15.56 ? 87  SER A O   1 
ATOM   656  C  CB  . SER A 1 87  ? 5.928   -8.055  10.428  1.00 14.62 ? 87  SER A CB  1 
ATOM   657  O  OG  . SER A 1 87  ? 5.338   -8.846  9.418   1.00 13.94 ? 87  SER A OG  1 
ATOM   658  N  N   . GLU A 1 88  ? 4.535   -9.658  12.418  1.00 15.72 ? 88  GLU A N   1 
ATOM   659  C  CA  . GLU A 1 88  ? 3.533   -10.652 12.848  1.00 16.72 ? 88  GLU A CA  1 
ATOM   660  C  C   . GLU A 1 88  ? 2.955   -11.378 11.632  1.00 16.37 ? 88  GLU A C   1 
ATOM   661  O  O   . GLU A 1 88  ? 2.381   -12.468 11.832  1.00 19.02 ? 88  GLU A O   1 
ATOM   662  C  CB  . GLU A 1 88  ? 2.503   -10.018 13.786  1.00 20.43 ? 88  GLU A CB  1 
ATOM   663  C  CG  . GLU A 1 88  ? 1.408   -9.231  13.150  1.00 27.51 ? 88  GLU A CG  1 
ATOM   664  C  CD  . GLU A 1 88  ? 0.358   -8.795  14.164  1.00 28.83 ? 88  GLU A CD  1 
ATOM   665  O  OE1 . GLU A 1 88  ? 0.732   -8.546  15.342  1.00 31.68 ? 88  GLU A OE1 1 
ATOM   666  O  OE2 . GLU A 1 88  ? -0.823  -8.694  13.759  1.00 35.16 ? 88  GLU A OE2 1 
ATOM   667  N  N   . TYR A 1 89  ? 3.108   -10.872 10.418  1.00 14.68 ? 89  TYR A N   1 
ATOM   668  C  CA  . TYR A 1 89  ? 2.423   -11.417 9.228   1.00 14.49 ? 89  TYR A CA  1 
ATOM   669  C  C   . TYR A 1 89  ? 3.353   -11.802 8.081   1.00 15.67 ? 89  TYR A C   1 
ATOM   670  O  O   . TYR A 1 89  ? 2.858   -12.402 7.135   1.00 17.32 ? 89  TYR A O   1 
ATOM   671  C  CB  . TYR A 1 89  ? 1.361   -10.427 8.739   1.00 12.75 ? 89  TYR A CB  1 
ATOM   672  C  CG  . TYR A 1 89  ? 1.888   -9.027  8.538   1.00 12.78 ? 89  TYR A CG  1 
ATOM   673  C  CD1 . TYR A 1 89  ? 1.846   -8.114  9.579   1.00 12.96 ? 89  TYR A CD1 1 
ATOM   674  C  CD2 . TYR A 1 89  ? 2.386   -8.591  7.333   1.00 13.85 ? 89  TYR A CD2 1 
ATOM   675  C  CE1 . TYR A 1 89  ? 2.361   -6.835  9.441   1.00 13.43 ? 89  TYR A CE1 1 
ATOM   676  C  CE2 . TYR A 1 89  ? 2.923   -7.323  7.178   1.00 13.63 ? 89  TYR A CE2 1 
ATOM   677  C  CZ  . TYR A 1 89  ? 2.860   -6.418  8.215   1.00 12.36 ? 89  TYR A CZ  1 
ATOM   678  O  OH  . TYR A 1 89  ? 3.368   -5.150  8.117   1.00 12.91 ? 89  TYR A OH  1 
ATOM   679  N  N   . TYR A 1 90  ? 4.659   -11.547 8.160   1.00 14.84 ? 90  TYR A N   1 
ATOM   680  C  CA  . TYR A 1 90  ? 5.652   -12.119 7.221   1.00 14.60 ? 90  TYR A CA  1 
ATOM   681  C  C   . TYR A 1 90  ? 6.927   -12.442 7.967   1.00 13.50 ? 90  TYR A C   1 
ATOM   682  O  O   . TYR A 1 90  ? 7.287   -11.738 8.911   1.00 13.99 ? 90  TYR A O   1 
ATOM   683  C  CB  . TYR A 1 90  ? 6.020   -11.116 6.139   1.00 14.81 ? 90  TYR A CB  1 
ATOM   684  C  CG  . TYR A 1 90  ? 4.972   -10.912 5.068   1.00 14.48 ? 90  TYR A CG  1 
ATOM   685  C  CD1 . TYR A 1 90  ? 4.598   -11.956 4.218   1.00 17.54 ? 90  TYR A CD1 1 
ATOM   686  C  CD2 . TYR A 1 90  ? 4.444   -9.665  4.785   1.00 13.75 ? 90  TYR A CD2 1 
ATOM   687  C  CE1 . TYR A 1 90  ? 3.706   -11.751 3.176   1.00 17.14 ? 90  TYR A CE1 1 
ATOM   688  C  CE2 . TYR A 1 90  ? 3.535   -9.455  3.759   1.00 13.57 ? 90  TYR A CE2 1 
ATOM   689  C  CZ  . TYR A 1 90  ? 3.129   -10.509 2.966   1.00 15.49 ? 90  TYR A CZ  1 
ATOM   690  O  OH  . TYR A 1 90  ? 2.246   -10.319 1.922   1.00 13.93 ? 90  TYR A OH  1 
ATOM   691  N  N   . PRO A 1 91  ? 7.680   -13.446 7.493   1.00 13.86 ? 91  PRO A N   1 
ATOM   692  C  CA  . PRO A 1 91  ? 9.045   -13.614 7.975   1.00 13.69 ? 91  PRO A CA  1 
ATOM   693  C  C   . PRO A 1 91  ? 9.911   -12.432 7.507   1.00 14.10 ? 91  PRO A C   1 
ATOM   694  O  O   . PRO A 1 91  ? 9.509   -11.610 6.651   1.00 13.77 ? 91  PRO A O   1 
ATOM   695  C  CB  . PRO A 1 91  ? 9.460   -14.935 7.337   1.00 14.92 ? 91  PRO A CB  1 
ATOM   696  C  CG  . PRO A 1 91  ? 8.646   -15.016 6.069   1.00 16.57 ? 91  PRO A CG  1 
ATOM   697  C  CD  . PRO A 1 91  ? 7.326   -14.314 6.364   1.00 14.87 ? 91  PRO A CD  1 
ATOM   698  N  N   . ALA A 1 92  ? 11.151  -12.399 7.948   1.00 14.96 ? 92  ALA A N   1 
ATOM   699  C  CA  . ALA A 1 92  ? 12.152  -11.475 7.392   1.00 15.16 ? 92  ALA A CA  1 
ATOM   700  C  C   . ALA A 1 92  ? 12.311  -11.805 5.921   1.00 15.63 ? 92  ALA A C   1 
ATOM   701  O  O   . ALA A 1 92  ? 12.444  -13.014 5.596   1.00 18.99 ? 92  ALA A O   1 
ATOM   702  C  CB  . ALA A 1 92  ? 13.460  -11.634 8.148   1.00 16.30 ? 92  ALA A CB  1 
ATOM   703  N  N   . ARG A 1 93  ? 12.275  -10.835 5.032   1.00 14.91 ? 93  ARG A N   1 
ATOM   704  C  CA  . ARG A 1 93  ? 12.362  -11.091 3.590   1.00 16.03 ? 93  ARG A CA  1 
ATOM   705  C  C   . ARG A 1 93  ? 12.611  -9.782  2.847   1.00 13.34 ? 93  ARG A C   1 
ATOM   706  O  O   . ARG A 1 93  ? 12.514  -8.680  3.448   1.00 13.89 ? 93  ARG A O   1 
ATOM   707  C  CB  . ARG A 1 93  ? 11.063  -11.775 3.180   1.00 18.09 ? 93  ARG A CB  1 
ATOM   708  C  CG  . ARG A 1 93  ? 9.921   -10.791 3.150   1.00 16.55 ? 93  ARG A CG  1 
ATOM   709  C  CD  . ARG A 1 93  ? 8.543   -11.415 2.920   1.00 17.42 ? 93  ARG A CD  1 
ATOM   710  N  NE  . ARG A 1 93  ? 7.646   -10.331 2.539   1.00 15.50 ? 93  ARG A NE  1 
ATOM   711  C  CZ  . ARG A 1 93  ? 6.796   -10.287 1.529   1.00 13.88 ? 93  ARG A CZ  1 
ATOM   712  N  NH1 . ARG A 1 93  ? 6.537   -11.359 0.787   1.00 15.04 ? 93  ARG A NH1 1 
ATOM   713  N  NH2 . ARG A 1 93  ? 6.215   -9.137  1.268   1.00 16.07 ? 93  ARG A NH2 1 
ATOM   714  N  N   . TYR A 1 94  ? 12.879  -9.891  1.580   1.00 14.13 ? 94  TYR A N   1 
ATOM   715  C  CA  . TYR A 1 94  ? 12.962  -8.765  0.647   1.00 15.33 ? 94  TYR A CA  1 
ATOM   716  C  C   . TYR A 1 94  ? 11.555  -8.498  0.153   1.00 14.24 ? 94  TYR A C   1 
ATOM   717  O  O   . TYR A 1 94  ? 10.788  -9.443  -0.199  1.00 18.62 ? 94  TYR A O   1 
ATOM   718  C  CB  . TYR A 1 94  ? 13.925  -9.064  -0.479  1.00 15.74 ? 94  TYR A CB  1 
ATOM   719  C  CG  . TYR A 1 94  ? 15.356  -8.858  -0.054  1.00 17.34 ? 94  TYR A CG  1 
ATOM   720  C  CD1 . TYR A 1 94  ? 15.852  -7.577  -0.033  1.00 20.15 ? 94  TYR A CD1 1 
ATOM   721  C  CD2 . TYR A 1 94  ? 16.132  -9.873  0.454   1.00 20.34 ? 94  TYR A CD2 1 
ATOM   722  C  CE1 . TYR A 1 94  ? 17.136  -7.293  0.366   1.00 23.19 ? 94  TYR A CE1 1 
ATOM   723  C  CE2 . TYR A 1 94  ? 17.439  -9.616  0.879   1.00 21.54 ? 94  TYR A CE2 1 
ATOM   724  C  CZ  . TYR A 1 94  ? 17.925  -8.314  0.837   1.00 19.47 ? 94  TYR A CZ  1 
ATOM   725  O  OH  . TYR A 1 94  ? 19.195  -7.949  1.217   1.00 24.68 ? 94  TYR A OH  1 
ATOM   726  N  N   . GLN A 1 95  ? 11.156  -7.243  0.221   1.00 12.84 ? 95  GLN A N   1 
ATOM   727  C  CA  . GLN A 1 95  ? 9.880   -6.750  -0.340  1.00 12.86 ? 95  GLN A CA  1 
ATOM   728  C  C   . GLN A 1 95  ? 10.192  -5.764  -1.454  1.00 12.80 ? 95  GLN A C   1 
ATOM   729  O  O   . GLN A 1 95  ? 11.063  -4.862  -1.242  1.00 13.23 ? 95  GLN A O   1 
ATOM   730  C  CB  . GLN A 1 95  ? 9.050   -6.143  0.779   1.00 12.14 ? 95  GLN A CB  1 
ATOM   731  C  CG  . GLN A 1 95  ? 7.712   -5.630  0.316   1.00 12.61 ? 95  GLN A CG  1 
ATOM   732  C  CD  . GLN A 1 95  ? 6.627   -5.512  1.363   1.00 12.55 ? 95  GLN A CD  1 
ATOM   733  O  OE1 . GLN A 1 95  ? 6.598   -6.308  2.289   1.00 13.49 ? 95  GLN A OE1 1 
ATOM   734  N  NE2 . GLN A 1 95  ? 5.771   -4.531  1.164   1.00 12.05 ? 95  GLN A NE2 1 
ATOM   735  N  N   . SER A 1 96  ? 9.547   -5.875  -2.600  1.00 11.81 ? 96  SER A N   1 
ATOM   736  C  CA  . SER A 1 96  ? 9.755   -5.009  -3.756  1.00 12.24 ? 96  SER A CA  1 
ATOM   737  C  C   . SER A 1 96  ? 8.763   -3.855  -3.745  1.00 11.09 ? 96  SER A C   1 
ATOM   738  O  O   . SER A 1 96  ? 7.689   -3.940  -3.107  1.00 11.55 ? 96  SER A O   1 
ATOM   739  C  CB  . SER A 1 96  ? 9.686   -5.787  -5.056  1.00 13.32 ? 96  SER A CB  1 
ATOM   740  O  OG  . SER A 1 96  ? 8.367   -6.318  -5.215  1.00 14.43 ? 96  SER A OG  1 
ATOM   741  N  N   . HIS A 1 97  ? 9.064   -2.847  -4.547  1.00 11.59 ? 97  HIS A N   1 
ATOM   742  C  CA  . HIS A 1 97  ? 8.183   -1.665  -4.737  1.00 10.88 ? 97  HIS A CA  1 
ATOM   743  C  C   . HIS A 1 97  ? 7.807   -1.034  -3.376  1.00 9.89  ? 97  HIS A C   1 
ATOM   744  O  O   . HIS A 1 97  ? 6.694   -0.517  -3.251  1.00 10.87 ? 97  HIS A O   1 
ATOM   745  C  CB  . HIS A 1 97  ? 6.959   -2.103  -5.561  1.00 12.29 ? 97  HIS A CB  1 
ATOM   746  C  CG  . HIS A 1 97  ? 7.336   -2.612  -6.910  1.00 12.66 ? 97  HIS A CG  1 
ATOM   747  N  ND1 . HIS A 1 97  ? 7.318   -1.803  -8.005  1.00 12.69 ? 97  HIS A ND1 1 
ATOM   748  C  CD2 . HIS A 1 97  ? 7.706   -3.833  -7.341  1.00 13.01 ? 97  HIS A CD2 1 
ATOM   749  C  CE1 . HIS A 1 97  ? 7.639   -2.524  -9.079  1.00 13.21 ? 97  HIS A CE1 1 
ATOM   750  N  NE2 . HIS A 1 97  ? 7.917   -3.719  -8.697  1.00 13.77 ? 97  HIS A NE2 1 
ATOM   751  N  N   . LEU A 1 98  ? 8.730   -1.010  -2.454  1.00 10.51 ? 98  LEU A N   1 
ATOM   752  C  CA  . LEU A 1 98  ? 8.506   -0.508  -1.093  1.00 10.41 ? 98  LEU A CA  1 
ATOM   753  C  C   . LEU A 1 98  ? 9.159   0.852   -0.898  1.00 9.99  ? 98  LEU A C   1 
ATOM   754  O  O   . LEU A 1 98  ? 10.298  1.047   -1.309  1.00 10.90 ? 98  LEU A O   1 
ATOM   755  C  CB  . LEU A 1 98  ? 9.086   -1.503  -0.102  1.00 11.17 ? 98  LEU A CB  1 
ATOM   756  C  CG  . LEU A 1 98  ? 8.868   -1.184  1.375   1.00 11.66 ? 98  LEU A CG  1 
ATOM   757  C  CD1 . LEU A 1 98  ? 7.407   -1.304  1.723   1.00 12.15 ? 98  LEU A CD1 1 
ATOM   758  C  CD2 . LEU A 1 98  ? 9.692   -2.085  2.288   1.00 13.63 ? 98  LEU A CD2 1 
ATOM   759  N  N   . MET A 1 99  ? 8.425   1.763   -0.310  1.00 9.36  ? 99  MET A N   1 
ATOM   760  C  CA  . MET A 1 99  ? 8.862   3.126   0.034   1.00 9.87  ? 99  MET A CA  1 
ATOM   761  C  C   . MET A 1 99  ? 8.978   3.205   1.543   1.00 9.73  ? 99  MET A C   1 
ATOM   762  O  O   . MET A 1 99  ? 8.061   2.723   2.194   1.00 10.87 ? 99  MET A O   1 
ATOM   763  C  CB  . MET A 1 99  ? 7.859   4.138   -0.490  1.00 9.73  ? 99  MET A CB  1 
ATOM   764  C  CG  . MET A 1 99  ? 7.711   4.082   -1.986  1.00 11.65 ? 99  MET A CG  1 
ATOM   765  S  SD  . MET A 1 99  ? 6.370   5.040   -2.679  1.00 11.98 ? 99  MET A SD  1 
ATOM   766  C  CE  . MET A 1 99  ? 4.946   4.139   -2.080  1.00 11.07 ? 99  MET A CE  1 
ATOM   767  N  N   . LEU A 1 100 ? 10.006  3.866   2.057   1.00 9.32  ? 100 LEU A N   1 
ATOM   768  C  CA  . LEU A 1 100 ? 10.140  4.025   3.520   1.00 9.09  ? 100 LEU A CA  1 
ATOM   769  C  C   . LEU A 1 100 ? 10.054  5.482   3.909   1.00 8.81  ? 100 LEU A C   1 
ATOM   770  O  O   . LEU A 1 100 ? 10.595  6.361   3.222   1.00 10.24 ? 100 LEU A O   1 
ATOM   771  C  CB  . LEU A 1 100 ? 11.476  3.467   3.982   1.00 9.93  ? 100 LEU A CB  1 
ATOM   772  C  CG  . LEU A 1 100 ? 11.644  1.968   3.868   1.00 11.21 ? 100 LEU A CG  1 
ATOM   773  C  CD1 . LEU A 1 100 ? 13.080  1.570   4.143   1.00 12.48 ? 100 LEU A CD1 1 
ATOM   774  C  CD2 . LEU A 1 100 ? 10.677  1.226   4.796   1.00 12.90 ? 100 LEU A CD2 1 
ATOM   775  N  N   . ALA A 1 101 ? 9.464   5.752   5.063   1.00 9.15  ? 101 ALA A N   1 
ATOM   776  C  CA  . ALA A 1 101 ? 9.473   7.056   5.737   1.00 8.98  ? 101 ALA A CA  1 
ATOM   777  C  C   . ALA A 1 101 ? 9.744   6.857   7.217   1.00 9.29  ? 101 ALA A C   1 
ATOM   778  O  O   . ALA A 1 101 ? 9.542   5.742   7.743   1.00 10.23 ? 101 ALA A O   1 
ATOM   779  C  CB  . ALA A 1 101 ? 8.147   7.757   5.578   1.00 9.30  ? 101 ALA A CB  1 
ATOM   780  N  N   . VAL A 1 102 ? 10.170  7.918   7.867   1.00 9.37  ? 102 VAL A N   1 
ATOM   781  C  CA  . VAL A 1 102 ? 10.303  7.943   9.348   1.00 9.26  ? 102 VAL A CA  1 
ATOM   782  C  C   . VAL A 1 102 ? 8.904   8.202   9.901   1.00 10.23 ? 102 VAL A C   1 
ATOM   783  O  O   . VAL A 1 102 ? 8.296   9.240   9.624   1.00 11.09 ? 102 VAL A O   1 
ATOM   784  C  CB  . VAL A 1 102 ? 11.356  8.972   9.788   1.00 9.74  ? 102 VAL A CB  1 
ATOM   785  C  CG1 . VAL A 1 102 ? 11.418  9.008   11.303  1.00 10.60 ? 102 VAL A CG1 1 
ATOM   786  C  CG2 . VAL A 1 102 ? 12.687  8.606   9.186   1.00 10.09 ? 102 VAL A CG2 1 
ATOM   787  N  N   . GLY A 1 103 ? 8.422   7.274   10.711  1.00 10.48 ? 103 GLY A N   1 
ATOM   788  C  CA  . GLY A 1 103 ? 7.066   7.409   11.235  1.00 11.10 ? 103 GLY A CA  1 
ATOM   789  C  C   . GLY A 1 103 ? 6.656   6.147   11.955  1.00 11.11 ? 103 GLY A C   1 
ATOM   790  O  O   . GLY A 1 103 ? 7.398   5.142   11.967  1.00 12.39 ? 103 GLY A O   1 
ATOM   791  N  N   . HIS A 1 104 ? 5.465   6.199   12.545  1.00 11.52 ? 104 HIS A N   1 
ATOM   792  C  CA  . HIS A 1 104 ? 4.934   5.083   13.334  1.00 11.48 ? 104 HIS A CA  1 
ATOM   793  C  C   . HIS A 1 104 ? 4.110   4.144   12.477  1.00 10.17 ? 104 HIS A C   1 
ATOM   794  O  O   . HIS A 1 104 ? 3.191   4.588   11.786  1.00 10.72 ? 104 HIS A O   1 
ATOM   795  C  CB  . HIS A 1 104 ? 4.117   5.650   14.492  1.00 11.10 ? 104 HIS A CB  1 
ATOM   796  C  CG  . HIS A 1 104 ? 3.701   4.582   15.440  1.00 12.12 ? 104 HIS A CG  1 
ATOM   797  N  ND1 . HIS A 1 104 ? 4.618   3.852   16.162  1.00 13.38 ? 104 HIS A ND1 1 
ATOM   798  C  CD2 . HIS A 1 104 ? 2.498   4.012   15.640  1.00 12.73 ? 104 HIS A CD2 1 
ATOM   799  C  CE1 . HIS A 1 104 ? 3.950   2.905   16.839  1.00 13.50 ? 104 HIS A CE1 1 
ATOM   800  N  NE2 . HIS A 1 104 ? 2.697   3.007   16.535  1.00 13.85 ? 104 HIS A NE2 1 
ATOM   801  N  N   . SER A 1 105 ? 4.342   2.852   12.647  1.00 10.09 ? 105 SER A N   1 
ATOM   802  C  CA  . SER A 1 105 ? 3.573   1.824   11.949  1.00 10.25 ? 105 SER A CA  1 
ATOM   803  C  C   . SER A 1 105 ? 3.631   0.548   12.757  1.00 10.62 ? 105 SER A C   1 
ATOM   804  O  O   . SER A 1 105 ? 4.739   0.003   12.967  1.00 13.44 ? 105 SER A O   1 
ATOM   805  C  CB  . SER A 1 105 ? 4.102   1.653   10.515  1.00 10.22 ? 105 SER A CB  1 
ATOM   806  O  OG  . SER A 1 105 ? 3.468   0.550   9.882   1.00 12.20 ? 105 SER A OG  1 
ATOM   807  N  N   . GLU A 1 106 ? 2.470   0.058   13.083  1.00 10.99 ? 106 GLU A N   1 
ATOM   808  C  CA  . GLU A 1 106 ? 2.230   -1.280  13.708  1.00 12.40 ? 106 GLU A CA  1 
ATOM   809  C  C   . GLU A 1 106 ? 1.510   -2.160  12.713  1.00 13.33 ? 106 GLU A C   1 
ATOM   810  O  O   . GLU A 1 106 ? 0.972   -1.646  11.724  1.00 12.26 ? 106 GLU A O   1 
ATOM   811  C  CB  . GLU A 1 106 ? 1.365   -1.134  14.962  1.00 14.60 ? 106 GLU A CB  1 
ATOM   812  C  CG  . GLU A 1 106 ? 2.000   -0.273  16.032  1.00 17.92 ? 106 GLU A CG  1 
ATOM   813  C  CD  . GLU A 1 106 ? 1.131   0.052   17.254  1.00 17.72 ? 106 GLU A CD  1 
ATOM   814  O  OE1 . GLU A 1 106 ? 0.126   -0.668  17.516  1.00 24.64 ? 106 GLU A OE1 1 
ATOM   815  O  OE2 . GLU A 1 106 ? 1.351   1.056   17.857  1.00 17.60 ? 106 GLU A OE2 1 
ATOM   816  N  N   . PRO A 1 107 ? 1.438   -3.495  12.913  1.00 13.71 ? 107 PRO A N   1 
ATOM   817  C  CA  . PRO A 1 107 ? 0.830   -4.359  11.914  1.00 13.32 ? 107 PRO A CA  1 
ATOM   818  C  C   . PRO A 1 107 ? -0.578  -3.911  11.489  1.00 12.97 ? 107 PRO A C   1 
ATOM   819  O  O   . PRO A 1 107 ? -0.920  -3.936  10.280  1.00 14.00 ? 107 PRO A O   1 
ATOM   820  C  CB  . PRO A 1 107 ? 0.865   -5.692  12.666  1.00 14.48 ? 107 PRO A CB  1 
ATOM   821  C  CG  . PRO A 1 107 ? 2.141   -5.666  13.430  1.00 15.14 ? 107 PRO A CG  1 
ATOM   822  C  CD  . PRO A 1 107 ? 2.126   -4.249  13.989  1.00 14.41 ? 107 PRO A CD  1 
ATOM   823  N  N   . GLY A 1 108 ? -1.423  -3.529  12.445  1.00 13.81 ? 108 GLY A N   1 
ATOM   824  C  CA  . GLY A 1 108 ? -2.799  -3.172  12.111  1.00 13.31 ? 108 GLY A CA  1 
ATOM   825  C  C   . GLY A 1 108 ? -2.902  -1.861  11.332  1.00 12.10 ? 108 GLY A C   1 
ATOM   826  O  O   . GLY A 1 108 ? -4.003  -1.510  10.878  1.00 12.49 ? 108 GLY A O   1 
ATOM   827  N  N   . ASP A 1 109 ? -1.799  -1.111  11.206  1.00 11.59 ? 109 ASP A N   1 
ATOM   828  C  CA  . ASP A 1 109 ? -1.810  0.105   10.372  1.00 10.45 ? 109 ASP A CA  1 
ATOM   829  C  C   . ASP A 1 109 ? -1.766  -0.232  8.881   1.00 10.07 ? 109 ASP A C   1 
ATOM   830  O  O   . ASP A 1 109 ? -1.989  0.663   8.073   1.00 10.25 ? 109 ASP A O   1 
ATOM   831  C  CB  . ASP A 1 109 ? -0.608  0.982   10.742  1.00 10.29 ? 109 ASP A CB  1 
ATOM   832  C  CG  . ASP A 1 109 ? -0.761  1.591   12.135  1.00 10.20 ? 109 ASP A CG  1 
ATOM   833  O  OD1 . ASP A 1 109 ? -1.924  1.962   12.425  1.00 11.91 ? 109 ASP A OD1 1 
ATOM   834  O  OD2 . ASP A 1 109 ? 0.224   1.750   12.872  1.00 11.22 ? 109 ASP A OD2 1 
ATOM   835  N  N   . CYS A 1 110 ? -1.458  -1.462  8.524   1.00 9.86  ? 110 CYS A N   1 
ATOM   836  C  CA  . CYS A 1 110 ? -1.432  -1.859  7.108   1.00 9.63  ? 110 CYS A CA  1 
ATOM   837  C  C   . CYS A 1 110 ? -2.768  -1.486  6.486   1.00 10.36 ? 110 CYS A C   1 
ATOM   838  O  O   . CYS A 1 110 ? -3.846  -1.724  7.050   1.00 11.03 ? 110 CYS A O   1 
ATOM   839  C  CB  . CYS A 1 110 ? -1.174  -3.350  6.959   1.00 9.84  ? 110 CYS A CB  1 
ATOM   840  S  SG  . CYS A 1 110 ? 0.556   -3.778  7.234   1.00 11.25 ? 110 CYS A SG  1 
ATOM   841  N  N   . GLY A 1 111 ? -2.691  -0.955  5.272   1.00 9.89  ? 111 GLY A N   1 
ATOM   842  C  CA  . GLY A 1 111 ? -3.837  -0.522  4.493   1.00 9.80  ? 111 GLY A CA  1 
ATOM   843  C  C   . GLY A 1 111 ? -4.140  0.966   4.569   1.00 10.33 ? 111 GLY A C   1 
ATOM   844  O  O   . GLY A 1 111 ? -4.950  1.448   3.780   1.00 10.63 ? 111 GLY A O   1 
ATOM   845  N  N   . GLY A 1 112 ? -3.568  1.691   5.500   1.00 10.19 ? 112 GLY A N   1 
ATOM   846  C  CA  . GLY A 1 112 ? -3.671  3.149   5.552   1.00 9.46  ? 112 GLY A CA  1 
ATOM   847  C  C   . GLY A 1 112 ? -3.143  3.745   4.260   1.00 9.46  ? 112 GLY A C   1 
ATOM   848  O  O   . GLY A 1 112 ? -2.091  3.328   3.782   1.00 9.50  ? 112 GLY A O   1 
ATOM   849  N  N   . ILE A 1 113 ? -3.801  4.763   3.774   1.00 9.70  ? 113 ILE A N   1 
ATOM   850  C  CA  . ILE A 1 113 ? -3.405  5.403   2.494   1.00 9.51  ? 113 ILE A CA  1 
ATOM   851  C  C   . ILE A 1 113 ? -2.268  6.377   2.740   1.00 9.11  ? 113 ILE A C   1 
ATOM   852  O  O   . ILE A 1 113 ? -2.336  7.221   3.645   1.00 9.84  ? 113 ILE A O   1 
ATOM   853  C  CB  . ILE A 1 113 ? -4.626  6.082   1.861   1.00 11.43 ? 113 ILE A CB  1 
ATOM   854  C  CG1 . ILE A 1 113 ? -5.468  4.981   1.206   1.00 13.37 ? 113 ILE A CG1 1 
ATOM   855  C  CG2 . ILE A 1 113 ? -4.281  7.189   0.847   1.00 10.87 ? 113 ILE A CG2 1 
ATOM   856  C  CD1 . ILE A 1 113 ? -6.785  5.464   0.662   1.00 15.50 ? 113 ILE A CD1 1 
ATOM   857  N  N   . LEU A 1 114 ? -1.321  6.368   1.819   1.00 9.21  ? 114 LEU A N   1 
ATOM   858  C  CA  . LEU A 1 114 ? -0.341  7.464   1.579   1.00 9.34  ? 114 LEU A CA  1 
ATOM   859  C  C   . LEU A 1 114 ? -0.846  8.198   0.327   1.00 8.92  ? 114 LEU A C   1 
ATOM   860  O  O   . LEU A 1 114 ? -1.082  7.536   -0.694  1.00 9.65  ? 114 LEU A O   1 
ATOM   861  C  CB  . LEU A 1 114 ? 1.031   6.828   1.354   1.00 9.62  ? 114 LEU A CB  1 
ATOM   862  C  CG  . LEU A 1 114 ? 2.113   7.812   0.892   1.00 9.30  ? 114 LEU A CG  1 
ATOM   863  C  CD1 . LEU A 1 114 ? 2.499   8.817   1.976   1.00 10.19 ? 114 LEU A CD1 1 
ATOM   864  C  CD2 . LEU A 1 114 ? 3.369   7.038   0.459   1.00 9.93  ? 114 LEU A CD2 1 
ATOM   865  N  N   . ARG A 1 115 ? -0.952  9.520   0.428   1.00 8.90  ? 115 ARG A N   1 
ATOM   866  C  CA  . ARG A 1 115 ? -1.421  10.358  -0.691  1.00 9.47  ? 115 ARG A CA  1 
ATOM   867  C  C   . ARG A 1 115 ? -0.502  11.519  -0.900  1.00 9.94  ? 115 ARG A C   1 
ATOM   868  O  O   . ARG A 1 115 ? 0.087   12.035  0.070   1.00 9.81  ? 115 ARG A O   1 
ATOM   869  C  CB  . ARG A 1 115 ? -2.842  10.824  -0.469  1.00 10.48 ? 115 ARG A CB  1 
ATOM   870  C  CG  . ARG A 1 115 ? -2.960  11.708  0.760   1.00 11.01 ? 115 ARG A CG  1 
ATOM   871  C  CD  . ARG A 1 115 ? -4.361  12.153  1.076   1.00 13.27 ? 115 ARG A CD  1 
ATOM   872  N  NE  . ARG A 1 115 ? -5.105  11.052  1.638   1.00 17.02 ? 115 ARG A NE  1 
ATOM   873  C  CZ  . ARG A 1 115 ? -6.238  10.536  1.165   1.00 18.03 ? 115 ARG A CZ  1 
ATOM   874  N  NH1 . ARG A 1 115 ? -6.768  10.977  0.043   1.00 21.31 ? 115 ARG A NH1 1 
ATOM   875  N  NH2 . ARG A 1 115 ? -6.853  9.576   1.825   1.00 20.69 ? 115 ARG A NH2 1 
ATOM   876  N  N   . CYS A 1 116 ? -0.407  11.938  -2.153  1.00 9.49  ? 116 CYS A N   1 
ATOM   877  C  CA  . CYS A 1 116 ? 0.299   13.181  -2.529  1.00 10.85 ? 116 CYS A CA  1 
ATOM   878  C  C   . CYS A 1 116 ? -0.704  14.095  -3.211  1.00 10.57 ? 116 CYS A C   1 
ATOM   879  O  O   . CYS A 1 116 ? -1.876  13.782  -3.340  1.00 11.32 ? 116 CYS A O   1 
ATOM   880  C  CB  . CYS A 1 116 ? 1.510   12.839  -3.414  1.00 10.04 ? 116 CYS A CB  1 
ATOM   881  S  SG  . CYS A 1 116 ? 0.971   12.185  -5.025  1.00 10.12 ? 116 CYS A SG  1 
ATOM   882  N  N   . GLN A 1 117 ? -0.190  15.197  -3.743  1.00 12.66 ? 117 GLN A N   1 
ATOM   883  C  CA  . GLN A 1 117 ? -1.017  16.132  -4.511  1.00 13.61 ? 117 GLN A CA  1 
ATOM   884  C  C   . GLN A 1 117 ? -1.664  15.465  -5.709  1.00 13.62 ? 117 GLN A C   1 
ATOM   885  O  O   . GLN A 1 117 ? -2.689  15.987  -6.174  1.00 15.49 ? 117 GLN A O   1 
ATOM   886  C  CB  . GLN A 1 117 ? -0.175  17.344  -4.897  1.00 16.16 ? 117 GLN A CB  1 
ATOM   887  C  CG  . GLN A 1 117 ? 0.858   17.014  -5.953  1.00 16.56 ? 117 GLN A CG  1 
ATOM   888  C  CD  . GLN A 1 117 ? 1.682   18.185  -6.419  1.00 22.09 ? 117 GLN A CD  1 
ATOM   889  O  OE1 . GLN A 1 117 ? 2.789   18.416  -5.939  1.00 26.35 ? 117 GLN A OE1 1 
ATOM   890  N  NE2 . GLN A 1 117 ? 1.122   18.923  -7.357  1.00 24.55 ? 117 GLN A NE2 1 
ATOM   891  N  N   . HIS A 1 118 ? -1.177  14.343  -6.220  1.00 12.51 ? 118 HIS A N   1 
ATOM   892  C  CA  . HIS A 1 118 ? -1.788  13.702  -7.403  1.00 12.60 ? 118 HIS A CA  1 
ATOM   893  C  C   . HIS A 1 118 ? -2.807  12.599  -7.075  1.00 12.56 ? 118 HIS A C   1 
ATOM   894  O  O   . HIS A 1 118 ? -3.408  12.043  -8.026  1.00 14.84 ? 118 HIS A O   1 
ATOM   895  C  CB  . HIS A 1 118 ? -0.669  13.131  -8.284  1.00 12.02 ? 118 HIS A CB  1 
ATOM   896  C  CG  . HIS A 1 118 ? 0.374   14.130  -8.616  1.00 11.10 ? 118 HIS A CG  1 
ATOM   897  N  ND1 . HIS A 1 118 ? 1.587   14.195  -8.011  1.00 10.78 ? 118 HIS A ND1 1 
ATOM   898  C  CD2 . HIS A 1 118 ? 0.346   15.112  -9.562  1.00 12.94 ? 118 HIS A CD2 1 
ATOM   899  C  CE1 . HIS A 1 118 ? 2.252   15.232  -8.499  1.00 11.89 ? 118 HIS A CE1 1 
ATOM   900  N  NE2 . HIS A 1 118 ? 1.538   15.742  -9.502  1.00 13.90 ? 118 HIS A NE2 1 
ATOM   901  N  N   . GLY A 1 119 ? -2.928  12.206  -5.800  1.00 11.49 ? 119 GLY A N   1 
ATOM   902  C  CA  . GLY A 1 119 ? -3.842  11.144  -5.375  1.00 11.96 ? 119 GLY A CA  1 
ATOM   903  C  C   . GLY A 1 119 ? -3.131  10.099  -4.548  1.00 10.74 ? 119 GLY A C   1 
ATOM   904  O  O   . GLY A 1 119 ? -2.171  10.407  -3.867  1.00 11.00 ? 119 GLY A O   1 
ATOM   905  N  N   . VAL A 1 120 ? -3.648  8.882   -4.620  1.00 10.25 ? 120 VAL A N   1 
ATOM   906  C  CA  . VAL A 1 120 ? -3.176  7.784   -3.742  1.00 10.17 ? 120 VAL A CA  1 
ATOM   907  C  C   . VAL A 1 120 ? -1.868  7.237   -4.284  1.00 9.61  ? 120 VAL A C   1 
ATOM   908  O  O   . VAL A 1 120 ? -1.784  6.855   -5.489  1.00 11.21 ? 120 VAL A O   1 
ATOM   909  C  CB  . VAL A 1 120 ? -4.229  6.688   -3.637  1.00 10.87 ? 120 VAL A CB  1 
ATOM   910  C  CG1 . VAL A 1 120 ? -3.689  5.482   -2.899  1.00 11.34 ? 120 VAL A CG1 1 
ATOM   911  C  CG2 . VAL A 1 120 ? -5.523  7.222   -3.046  1.00 11.91 ? 120 VAL A CG2 1 
ATOM   912  N  N   . VAL A 1 121 ? -0.848  7.202   -3.473  1.00 8.80  ? 121 VAL A N   1 
ATOM   913  C  CA  . VAL A 1 121 ? 0.501   6.704   -3.812  1.00 9.23  ? 121 VAL A CA  1 
ATOM   914  C  C   . VAL A 1 121 ? 0.624   5.243   -3.488  1.00 9.28  ? 121 VAL A C   1 
ATOM   915  O  O   . VAL A 1 121 ? 1.294   4.475   -4.207  1.00 10.28 ? 121 VAL A O   1 
ATOM   916  C  CB  . VAL A 1 121 ? 1.520   7.556   -3.047  1.00 9.69  ? 121 VAL A CB  1 
ATOM   917  C  CG1 . VAL A 1 121 ? 2.958   7.032   -3.216  1.00 9.84  ? 121 VAL A CG1 1 
ATOM   918  C  CG2 . VAL A 1 121 ? 1.442   9.018   -3.437  1.00 10.90 ? 121 VAL A CG2 1 
ATOM   919  N  N   . GLY A 1 122 ? 0.065   4.808   -2.361  1.00 9.70  ? 122 GLY A N   1 
ATOM   920  C  CA  . GLY A 1 122 ? 0.217   3.428   -1.902  1.00 10.52 ? 122 GLY A CA  1 
ATOM   921  C  C   . GLY A 1 122 ? -0.445  3.223   -0.564  1.00 9.42  ? 122 GLY A C   1 
ATOM   922  O  O   . GLY A 1 122 ? -1.213  4.092   -0.108  1.00 9.90  ? 122 GLY A O   1 
ATOM   923  N  N   . ILE A 1 123 ? -0.185  2.074   0.028   1.00 9.50  ? 123 ILE A N   1 
ATOM   924  C  CA  . ILE A 1 123 ? -0.795  1.719   1.346   1.00 9.31  ? 123 ILE A CA  1 
ATOM   925  C  C   . ILE A 1 123 ? 0.292   1.251   2.299   1.00 9.09  ? 123 ILE A C   1 
ATOM   926  O  O   . ILE A 1 123 ? 1.302   0.646   1.869   1.00 9.16  ? 123 ILE A O   1 
ATOM   927  C  CB  . ILE A 1 123 ? -1.915  0.652   1.223   1.00 9.29  ? 123 ILE A CB  1 
ATOM   928  C  CG1 . ILE A 1 123 ? -1.471  -0.590  0.412   1.00 10.20 ? 123 ILE A CG1 1 
ATOM   929  C  CG2 . ILE A 1 123 ? -3.169  1.280   0.671   1.00 9.83  ? 123 ILE A CG2 1 
ATOM   930  C  CD1 . ILE A 1 123 ? -2.471  -1.717  0.428   1.00 10.70 ? 123 ILE A CD1 1 
ATOM   931  N  N   . VAL A 1 124 ? 0.080   1.486   3.574   1.00 8.40  ? 124 VAL A N   1 
ATOM   932  C  CA  . VAL A 1 124 ? 1.005   0.989   4.595   1.00 8.38  ? 124 VAL A CA  1 
ATOM   933  C  C   . VAL A 1 124 ? 1.131   -0.521  4.467   1.00 8.97  ? 124 VAL A C   1 
ATOM   934  O  O   . VAL A 1 124 ? 0.111   -1.225  4.334   1.00 8.79  ? 124 VAL A O   1 
ATOM   935  C  CB  . VAL A 1 124 ? 0.538   1.379   6.001   1.00 8.86  ? 124 VAL A CB  1 
ATOM   936  C  CG1 . VAL A 1 124 ? 1.402   0.718   7.037   1.00 8.36  ? 124 VAL A CG1 1 
ATOM   937  C  CG2 . VAL A 1 124 ? 0.484   2.882   6.230   1.00 9.04  ? 124 VAL A CG2 1 
ATOM   938  N  N   . SER A 1 125 ? 2.363   -0.999  4.506   1.00 9.02  ? 125 SER A N   1 
ATOM   939  C  CA  . SER A 1 125 ? 2.704   -2.417  4.400   1.00 9.02  ? 125 SER A CA  1 
ATOM   940  C  C   . SER A 1 125 ? 3.730   -2.912  5.392   1.00 9.64  ? 125 SER A C   1 
ATOM   941  O  O   . SER A 1 125 ? 3.730   -4.120  5.701   1.00 10.53 ? 125 SER A O   1 
ATOM   942  C  CB  . SER A 1 125 ? 3.127   -2.720  2.960   1.00 9.88  ? 125 SER A CB  1 
ATOM   943  O  OG  . SER A 1 125 ? 3.487   -4.094  2.790   1.00 11.53 ? 125 SER A OG  1 
ATOM   944  N  N   . THR A 1 126 ? 4.594   -2.031  5.879   1.00 9.62  ? 126 THR A N   1 
ATOM   945  C  CA  . THR A 1 126 ? 5.639   -2.492  6.842   1.00 10.24 ? 126 THR A CA  1 
ATOM   946  C  C   . THR A 1 126 ? 5.752   -1.481  7.995   1.00 9.63  ? 126 THR A C   1 
ATOM   947  O  O   . THR A 1 126 ? 5.234   -0.320  7.879   1.00 9.82  ? 126 THR A O   1 
ATOM   948  C  CB  . THR A 1 126 ? 7.055   -2.686  6.245   1.00 10.38 ? 126 THR A CB  1 
ATOM   949  O  OG1 . THR A 1 126 ? 7.655   -1.413  6.005   1.00 10.67 ? 126 THR A OG1 1 
ATOM   950  C  CG2 . THR A 1 126 ? 6.994   -3.485  4.960   1.00 10.58 ? 126 THR A CG2 1 
ATOM   951  N  N   . GLY A 1 127 ? 6.375   -1.895  9.097   1.00 10.24 ? 127 GLY A N   1 
ATOM   952  C  CA  . GLY A 1 127 ? 6.645   -0.992  10.220  1.00 10.70 ? 127 GLY A CA  1 
ATOM   953  C  C   . GLY A 1 127 ? 7.763   -1.513  11.074  1.00 11.81 ? 127 GLY A C   1 
ATOM   954  O  O   . GLY A 1 127 ? 8.525   -2.381  10.659  1.00 13.94 ? 127 GLY A O   1 
ATOM   955  N  N   . GLY A 1 128 ? 7.884   -0.930  12.258  1.00 13.27 ? 128 GLY A N   1 
ATOM   956  C  CA  . GLY A 1 128 ? 8.967   -1.283  13.198  1.00 13.81 ? 128 GLY A CA  1 
ATOM   957  C  C   . GLY A 1 128 ? 10.177  -0.378  13.039  1.00 15.02 ? 128 GLY A C   1 
ATOM   958  O  O   . GLY A 1 128 ? 10.440  0.243   11.992  1.00 14.41 ? 128 GLY A O   1 
ATOM   959  N  N   . ASN A 1 129 ? 10.931  -0.270  14.117  1.00 16.24 ? 129 ASN A N   1 
ATOM   960  C  CA  . ASN A 1 129 ? 12.221  0.474   14.153  1.00 15.04 ? 129 ASN A CA  1 
ATOM   961  C  C   . ASN A 1 129 ? 12.045  1.896   13.655  1.00 13.51 ? 129 ASN A C   1 
ATOM   962  O  O   . ASN A 1 129 ? 12.981  2.466   13.035  1.00 14.10 ? 129 ASN A O   1 
ATOM   963  C  CB  . ASN A 1 129 ? 13.342  -0.183  13.360  1.00 18.15 ? 129 ASN A CB  1 
ATOM   964  C  CG  . ASN A 1 129 ? 13.965  -1.356  14.079  1.00 22.39 ? 129 ASN A CG  1 
ATOM   965  O  OD1 . ASN A 1 129 ? 14.039  -1.353  15.307  1.00 23.45 ? 129 ASN A OD1 1 
ATOM   966  N  ND2 . ASN A 1 129 ? 14.361  -2.359  13.315  1.00 25.93 ? 129 ASN A ND2 1 
ATOM   967  N  N   . GLY A 1 130 ? 10.919  2.496   13.982  1.00 12.64 ? 130 GLY A N   1 
ATOM   968  C  CA  . GLY A 1 130 ? 10.669  3.916   13.726  1.00 11.13 ? 130 GLY A CA  1 
ATOM   969  C  C   . GLY A 1 130 ? 10.444  4.281   12.269  1.00 10.60 ? 130 GLY A C   1 
ATOM   970  O  O   . GLY A 1 130 ? 10.470  5.434   11.991  1.00 10.52 ? 130 GLY A O   1 
ATOM   971  N  N   . LEU A 1 131 ? 10.262  3.291   11.395  1.00 10.83 ? 131 LEU A N   1 
ATOM   972  C  CA  . LEU A 1 131 ? 9.913   3.523   9.984   1.00 10.28 ? 131 LEU A CA  1 
ATOM   973  C  C   . LEU A 1 131 ? 8.494   3.033   9.715   1.00 10.20 ? 131 LEU A C   1 
ATOM   974  O  O   . LEU A 1 131 ? 7.971   2.100   10.342  1.00 11.64 ? 131 LEU A O   1 
ATOM   975  C  CB  . LEU A 1 131 ? 10.875  2.848   9.033   1.00 11.49 ? 131 LEU A CB  1 
ATOM   976  C  CG  . LEU A 1 131 ? 12.359  3.153   9.217   1.00 12.20 ? 131 LEU A CG  1 
ATOM   977  C  CD1 . LEU A 1 131 ? 13.134  2.523   8.042   1.00 13.28 ? 131 LEU A CD1 1 
ATOM   978  C  CD2 . LEU A 1 131 ? 12.601  4.646   9.289   1.00 12.57 ? 131 LEU A CD2 1 
ATOM   979  N  N   . VAL A 1 132 ? 7.932   3.596   8.662   1.00 9.88  ? 132 VAL A N   1 
ATOM   980  C  CA  . VAL A 1 132 ? 6.679   3.097   8.041   1.00 9.85  ? 132 VAL A CA  1 
ATOM   981  C  C   . VAL A 1 132 ? 7.026   2.801   6.599   1.00 10.02 ? 132 VAL A C   1 
ATOM   982  O  O   . VAL A 1 132 ? 7.644   3.671   5.918   1.00 10.34 ? 132 VAL A O   1 
ATOM   983  C  CB  . VAL A 1 132 ? 5.521   4.089   8.206   1.00 10.24 ? 132 VAL A CB  1 
ATOM   984  C  CG1 . VAL A 1 132 ? 5.842   5.522   7.819   1.00 11.58 ? 132 VAL A CG1 1 
ATOM   985  C  CG2 . VAL A 1 132 ? 4.266   3.556   7.541   1.00 11.15 ? 132 VAL A CG2 1 
ATOM   986  N  N   . GLY A 1 133 ? 6.644   1.644   6.106   1.00 9.30  ? 133 GLY A N   1 
ATOM   987  C  CA  . GLY A 1 133 ? 6.851   1.241   4.722   1.00 9.19  ? 133 GLY A CA  1 
ATOM   988  C  C   . GLY A 1 133 ? 5.538   1.213   4.014   1.00 8.90  ? 133 GLY A C   1 
ATOM   989  O  O   . GLY A 1 133 ? 4.532   0.744   4.562   1.00 9.72  ? 133 GLY A O   1 
ATOM   990  N  N   . PHE A 1 134 ? 5.546   1.633   2.758   1.00 8.50  ? 134 PHE A N   1 
ATOM   991  C  CA  . PHE A 1 134 ? 4.351   1.726   1.895   1.00 8.84  ? 134 PHE A CA  1 
ATOM   992  C  C   . PHE A 1 134 ? 4.553   0.952   0.603   1.00 9.27  ? 134 PHE A C   1 
ATOM   993  O  O   . PHE A 1 134 ? 5.619   1.079   -0.037  1.00 9.81  ? 134 PHE A O   1 
ATOM   994  C  CB  . PHE A 1 134 ? 4.066   3.162   1.515   1.00 8.66  ? 134 PHE A CB  1 
ATOM   995  C  CG  . PHE A 1 134 ? 4.013   4.129   2.659   1.00 9.19  ? 134 PHE A CG  1 
ATOM   996  C  CD1 . PHE A 1 134 ? 2.845   4.285   3.397   1.00 9.42  ? 134 PHE A CD1 1 
ATOM   997  C  CD2 . PHE A 1 134 ? 5.131   4.878   2.993   1.00 9.02  ? 134 PHE A CD2 1 
ATOM   998  C  CE1 . PHE A 1 134 ? 2.823   5.187   4.456   1.00 9.66  ? 134 PHE A CE1 1 
ATOM   999  C  CE2 . PHE A 1 134 ? 5.068   5.799   4.033   1.00 9.87  ? 134 PHE A CE2 1 
ATOM   1000 C  CZ  . PHE A 1 134 ? 3.906   5.961   4.760   1.00 9.84  ? 134 PHE A CZ  1 
ATOM   1001 N  N   . ALA A 1 135 ? 3.571   0.122   0.282   1.00 8.84  ? 135 ALA A N   1 
ATOM   1002 C  CA  . ALA A 1 135 ? 3.555   -0.582  -1.012  1.00 8.89  ? 135 ALA A CA  1 
ATOM   1003 C  C   . ALA A 1 135 ? 3.076   0.417   -2.059  1.00 9.24  ? 135 ALA A C   1 
ATOM   1004 O  O   . ALA A 1 135 ? 1.945   0.890   -2.010  1.00 9.58  ? 135 ALA A O   1 
ATOM   1005 C  CB  . ALA A 1 135 ? 2.657   -1.770  -0.887  1.00 9.41  ? 135 ALA A CB  1 
ATOM   1006 N  N   . ASP A 1 136 ? 3.933   0.725   -3.044  1.00 9.00  ? 136 ASP A N   1 
ATOM   1007 C  CA  . ASP A 1 136 ? 3.576   1.640   -4.118  1.00 9.61  ? 136 ASP A CA  1 
ATOM   1008 C  C   . ASP A 1 136 ? 2.530   1.020   -5.022  1.00 9.11  ? 136 ASP A C   1 
ATOM   1009 O  O   . ASP A 1 136 ? 2.551   -0.207  -5.266  1.00 10.24 ? 136 ASP A O   1 
ATOM   1010 C  CB  . ASP A 1 136 ? 4.823   1.949   -4.955  1.00 9.90  ? 136 ASP A CB  1 
ATOM   1011 C  CG  . ASP A 1 136 ? 4.603   2.986   -6.035  1.00 10.06 ? 136 ASP A CG  1 
ATOM   1012 O  OD1 . ASP A 1 136 ? 4.106   4.066   -5.731  1.00 10.73 ? 136 ASP A OD1 1 
ATOM   1013 O  OD2 . ASP A 1 136 ? 4.876   2.655   -7.229  1.00 12.18 ? 136 ASP A OD2 1 
ATOM   1014 N  N   . VAL A 1 137 ? 1.662   1.854   -5.550  1.00 8.98  ? 137 VAL A N   1 
ATOM   1015 C  CA  . VAL A 1 137 ? 0.728   1.404   -6.626  1.00 10.00 ? 137 VAL A CA  1 
ATOM   1016 C  C   . VAL A 1 137 ? 0.802   2.308   -7.858  1.00 10.25 ? 137 VAL A C   1 
ATOM   1017 O  O   . VAL A 1 137 ? 0.058   2.097   -8.796  1.00 10.21 ? 137 VAL A O   1 
ATOM   1018 C  CB  . VAL A 1 137 ? -0.743  1.375   -6.118  1.00 10.50 ? 137 VAL A CB  1 
ATOM   1019 C  CG1 . VAL A 1 137 ? -0.868  0.365   -4.985  1.00 11.70 ? 137 VAL A CG1 1 
ATOM   1020 C  CG2 . VAL A 1 137 ? -1.283  2.717   -5.682  1.00 10.76 ? 137 VAL A CG2 1 
ATOM   1021 N  N   . ARG A 1 138 ? 1.673   3.320   -7.854  1.00 10.28 ? 138 ARG A N   1 
ATOM   1022 C  CA  . ARG A 1 138 ? 1.665   4.332   -8.935  1.00 10.15 ? 138 ARG A CA  1 
ATOM   1023 C  C   . ARG A 1 138 ? 2.159   3.735   -10.251 1.00 10.11 ? 138 ARG A C   1 
ATOM   1024 O  O   . ARG A 1 138 ? 1.855   4.330   -11.307 1.00 11.08 ? 138 ARG A O   1 
ATOM   1025 C  CB  . ARG A 1 138 ? 2.531   5.531   -8.593  1.00 9.84  ? 138 ARG A CB  1 
ATOM   1026 C  CG  . ARG A 1 138 ? 2.040   6.320   -7.393  1.00 9.47  ? 138 ARG A CG  1 
ATOM   1027 C  CD  . ARG A 1 138 ? 3.029   7.407   -7.050  1.00 10.06 ? 138 ARG A CD  1 
ATOM   1028 N  NE  . ARG A 1 138 ? 4.230   6.804   -6.523  1.00 9.51  ? 138 ARG A NE  1 
ATOM   1029 C  CZ  . ARG A 1 138 ? 5.270   7.472   -6.057  1.00 9.53  ? 138 ARG A CZ  1 
ATOM   1030 N  NH1 . ARG A 1 138 ? 5.315   8.795   -6.178  1.00 9.71  ? 138 ARG A NH1 1 
ATOM   1031 N  NH2 . ARG A 1 138 ? 6.221   6.832   -5.402  1.00 9.60  ? 138 ARG A NH2 1 
ATOM   1032 N  N   . ASP A 1 139 ? 2.854   2.624   -10.231 1.00 9.41  ? 139 ASP A N   1 
ATOM   1033 C  CA  . ASP A 1 139 ? 3.294   1.950   -11.469 1.00 10.41 ? 139 ASP A CA  1 
ATOM   1034 C  C   . ASP A 1 139 ? 2.193   1.054   -12.031 1.00 11.79 ? 139 ASP A C   1 
ATOM   1035 O  O   . ASP A 1 139 ? 2.405   0.556   -13.147 1.00 13.93 ? 139 ASP A O   1 
ATOM   1036 C  CB  . ASP A 1 139 ? 4.564   1.134   -11.207 1.00 12.50 ? 139 ASP A CB  1 
ATOM   1037 C  CG  . ASP A 1 139 ? 4.342   -0.046  -10.279 1.00 13.54 ? 139 ASP A CG  1 
ATOM   1038 O  OD1 . ASP A 1 139 ? 3.603   0.128   -9.280  1.00 13.07 ? 139 ASP A OD1 1 
ATOM   1039 O  OD2 . ASP A 1 139 ? 4.932   -1.119  -10.526 1.00 15.68 ? 139 ASP A OD2 1 
ATOM   1040 N  N   . LEU A 1 140 ? 1.082   0.843   -11.336 1.00 11.74 ? 140 LEU A N   1 
ATOM   1041 C  CA  . LEU A 1 140 ? 0.068   -0.114  -11.814 1.00 11.40 ? 140 LEU A CA  1 
ATOM   1042 C  C   . LEU A 1 140 ? -0.904  0.690   -12.662 1.00 11.79 ? 140 LEU A C   1 
ATOM   1043 O  O   . LEU A 1 140 ? -2.027  1.024   -12.269 1.00 12.15 ? 140 LEU A O   1 
ATOM   1044 C  CB  . LEU A 1 140 ? -0.594  -0.787  -10.610 1.00 12.01 ? 140 LEU A CB  1 
ATOM   1045 C  CG  . LEU A 1 140 ? 0.342   -1.553  -9.681  1.00 13.60 ? 140 LEU A CG  1 
ATOM   1046 C  CD1 . LEU A 1 140 ? -0.425  -2.064  -8.440  1.00 13.23 ? 140 LEU A CD1 1 
ATOM   1047 C  CD2 . LEU A 1 140 ? 1.079   -2.683  -10.374 1.00 13.31 ? 140 LEU A CD2 1 
ATOM   1048 N  N   . LEU A 1 141 ? -0.503  0.943   -13.924 1.00 11.65 ? 141 LEU A N   1 
ATOM   1049 C  CA  . LEU A 1 141 ? -1.262  1.866   -14.771 1.00 13.10 ? 141 LEU A CA  1 
ATOM   1050 C  C   . LEU A 1 141 ? -2.611  1.274   -15.127 1.00 12.63 ? 141 LEU A C   1 
ATOM   1051 O  O   . LEU A 1 141 ? -3.540  2.010   -15.352 1.00 15.12 ? 141 LEU A O   1 
ATOM   1052 C  CB  . LEU A 1 141 ? -0.476  2.215   -16.045 1.00 13.94 ? 141 LEU A CB  1 
ATOM   1053 C  CG  . LEU A 1 141 ? 0.922   2.775   -15.806 1.00 15.03 ? 141 LEU A CG  1 
ATOM   1054 C  CD1 . LEU A 1 141 ? 1.497   3.266   -17.120 1.00 17.12 ? 141 LEU A CD1 1 
ATOM   1055 C  CD2 . LEU A 1 141 ? 1.017   3.883   -14.777 1.00 14.16 ? 141 LEU A CD2 1 
ATOM   1056 N  N   . TRP A 1 142 ? -2.662  -0.059  -15.208 1.00 12.75 ? 142 TRP A N   1 
ATOM   1057 C  CA  . TRP A 1 142 ? -3.897  -0.783  -15.593 1.00 13.71 ? 142 TRP A CA  1 
ATOM   1058 C  C   . TRP A 1 142 ? -5.014  -0.572  -14.575 1.00 13.85 ? 142 TRP A C   1 
ATOM   1059 O  O   . TRP A 1 142 ? -6.201  -0.809  -14.921 1.00 15.56 ? 142 TRP A O   1 
ATOM   1060 C  CB  . TRP A 1 142 ? -3.556  -2.250  -15.812 1.00 12.93 ? 142 TRP A CB  1 
ATOM   1061 C  CG  . TRP A 1 142 ? -2.935  -2.943  -14.638 1.00 12.68 ? 142 TRP A CG  1 
ATOM   1062 C  CD1 . TRP A 1 142 ? -1.608  -3.170  -14.442 1.00 14.21 ? 142 TRP A CD1 1 
ATOM   1063 C  CD2 . TRP A 1 142 ? -3.622  -3.423  -13.462 1.00 13.91 ? 142 TRP A CD2 1 
ATOM   1064 N  NE1 . TRP A 1 142 ? -1.420  -3.833  -13.264 1.00 13.84 ? 142 TRP A NE1 1 
ATOM   1065 C  CE2 . TRP A 1 142 ? -2.627  -4.030  -12.677 1.00 13.65 ? 142 TRP A CE2 1 
ATOM   1066 C  CE3 . TRP A 1 142 ? -4.976  -3.609  -13.131 1.00 14.03 ? 142 TRP A CE3 1 
ATOM   1067 C  CZ2 . TRP A 1 142 ? -2.938  -4.694  -11.486 1.00 14.48 ? 142 TRP A CZ2 1 
ATOM   1068 C  CZ3 . TRP A 1 142 ? -5.271  -4.215  -11.921 1.00 15.34 ? 142 TRP A CZ3 1 
ATOM   1069 C  CH2 . TRP A 1 142 ? -4.264  -4.754  -11.128 1.00 14.83 ? 142 TRP A CH2 1 
ATOM   1070 N  N   . LEU A 1 143 ? -4.737  -0.085  -13.362 1.00 13.49 ? 143 LEU A N   1 
ATOM   1071 C  CA  . LEU A 1 143 ? -5.802  0.177   -12.361 1.00 14.34 ? 143 LEU A CA  1 
ATOM   1072 C  C   . LEU A 1 143 ? -6.778  1.229   -12.906 1.00 16.29 ? 143 LEU A C   1 
ATOM   1073 O  O   . LEU A 1 143 ? -7.900  1.273   -12.431 1.00 18.77 ? 143 LEU A O   1 
ATOM   1074 C  CB  . LEU A 1 143 ? -5.214  0.689   -11.049 1.00 13.86 ? 143 LEU A CB  1 
ATOM   1075 C  CG  . LEU A 1 143 ? -4.515  -0.352  -10.182 1.00 12.86 ? 143 LEU A CG  1 
ATOM   1076 C  CD1 . LEU A 1 143 ? -3.833  0.346   -9.029  1.00 13.99 ? 143 LEU A CD1 1 
ATOM   1077 C  CD2 . LEU A 1 143 ? -5.511  -1.379  -9.655  1.00 14.51 ? 143 LEU A CD2 1 
ATOM   1078 N  N   . ASP A 1 144 ? -6.320  2.097   -13.825 1.00 18.65 ? 144 ASP A N   1 
ATOM   1079 C  CA  . ASP A 1 144 ? -7.030  3.337   -14.249 1.00 22.36 ? 144 ASP A CA  1 
ATOM   1080 C  C   . ASP A 1 144 ? -8.008  3.049   -15.371 1.00 26.09 ? 144 ASP A C   1 
ATOM   1081 O  O   . ASP A 1 144 ? -8.765  4.005   -15.684 1.00 27.08 ? 144 ASP A O   1 
ATOM   1082 C  CB  . ASP A 1 144 ? -6.058  4.407   -14.771 1.00 23.13 ? 144 ASP A CB  1 
ATOM   1083 C  CG  . ASP A 1 144 ? -5.238  5.120   -13.711 1.00 21.31 ? 144 ASP A CG  1 
ATOM   1084 O  OD1 . ASP A 1 144 ? -5.490  4.900   -12.533 1.00 28.98 ? 144 ASP A OD1 1 
ATOM   1085 O  OD2 . ASP A 1 144 ? -4.236  5.781   -14.078 1.00 26.46 ? 144 ASP A OD2 1 
ATOM   1086 N  N   . GLU A 1 145 ? -8.004  1.833   -15.935 1.00 31.54 ? 145 GLU A N   1 
ATOM   1087 C  CA  . GLU A 1 145 ? -8.894  1.453   -17.069 1.00 41.21 ? 145 GLU A CA  1 
ATOM   1088 C  C   . GLU A 1 145 ? -9.537  0.071   -16.881 1.00 45.42 ? 145 GLU A C   1 
ATOM   1089 O  O   . GLU A 1 145 ? -9.208  -0.633  -15.902 1.00 41.59 ? 145 GLU A O   1 
ATOM   1090 C  CB  . GLU A 1 145 ? -8.062  1.431   -18.342 1.00 44.89 ? 145 GLU A CB  1 
ATOM   1091 C  CG  . GLU A 1 145 ? -7.027  0.312   -18.352 1.00 47.17 ? 145 GLU A CG  1 
ATOM   1092 C  CD  . GLU A 1 145 ? -5.665  0.692   -18.911 1.00 53.81 ? 145 GLU A CD  1 
ATOM   1093 O  OE1 . GLU A 1 145 ? -4.789  -0.200  -19.020 1.00 55.97 ? 145 GLU A OE1 1 
ATOM   1094 O  OE2 . GLU A 1 145 ? -5.478  1.874   -19.236 1.00 62.32 ? 145 GLU A OE2 1 
ATOM   1095 N  N   . GLU A 1 146 ? -10.425 -0.285  -17.816 1.00 57.29 ? 146 GLU A N   1 
ATOM   1096 C  CA  . GLU A 1 146 ? -10.911 -1.667  -18.074 1.00 60.46 ? 146 GLU A CA  1 
ATOM   1097 C  C   . GLU A 1 146 ? -11.387 -2.298  -16.762 1.00 66.02 ? 146 GLU A C   1 
ATOM   1098 O  O   . GLU A 1 146 ? -12.409 -2.983  -16.769 1.00 74.80 ? 146 GLU A O   1 
ATOM   1099 C  CB  . GLU A 1 146 ? -9.799  -2.455  -18.770 1.00 59.09 ? 146 GLU A CB  1 
ATOM   1100 C  CG  . GLU A 1 146 ? -9.568  -3.853  -18.226 1.00 62.95 ? 146 GLU A CG  1 
ATOM   1101 C  CD  . GLU A 1 146 ? -10.608 -4.897  -18.593 1.00 67.18 ? 146 GLU A CD  1 
ATOM   1102 O  OE1 . GLU A 1 146 ? -10.404 -6.074  -18.230 1.00 64.09 ? 146 GLU A OE1 1 
ATOM   1103 O  OE2 . GLU A 1 146 ? -11.611 -4.539  -19.244 1.00 70.29 ? 146 GLU A OE2 1 
HETATM 1104 N  N1  . LPU B 2 .   ? 4.810   -14.955 10.096  0.50 20.00 ? 201 LPU A N1  1 
HETATM 1105 C  C4  . LPU B 2 .   ? 6.689   -14.534 12.227  0.50 20.00 ? 201 LPU A C4  1 
HETATM 1106 C  C5  . LPU B 2 .   ? 7.151   -14.650 10.796  0.50 20.00 ? 201 LPU A C5  1 
HETATM 1107 C  C6  . LPU B 2 .   ? 6.175   -15.435 9.941   0.50 20.00 ? 201 LPU A C6  1 
HETATM 1108 C  C1  . LPU B 2 .   ? 3.614   -17.139 9.051   0.50 20.00 ? 201 LPU A C1  1 
HETATM 1109 S  S1  . LPU B 2 .   ? 3.823   -15.405 8.930   0.50 20.00 ? 201 LPU A S1  1 
HETATM 1110 O  O1  . LPU B 2 .   ? 2.577   -14.770 9.205   0.50 20.00 ? 201 LPU A O1  1 
HETATM 1111 O  O2  . LPU B 2 .   ? 4.500   -15.108 7.712   0.50 20.00 ? 201 LPU A O2  1 
HETATM 1112 C  C2  . LPU B 2 .   ? 4.339   -15.107 11.485  0.50 20.00 ? 201 LPU A C2  1 
HETATM 1113 C  C3  . LPU B 2 .   ? 5.210   -14.206 12.372  0.50 20.00 ? 201 LPU A C3  1 
HETATM 1114 O  O3  . LPU B 2 .   ? 7.491   -13.499 12.772  0.50 20.00 ? 201 LPU A O3  1 
HETATM 1115 ZN ZN  . ZN  C 3 .   ? 2.416   12.946  -6.617  1.00 10.46 ? 202 ZN  A ZN  1 
HETATM 1116 S  S   . DMS D 4 .   ? -7.024  13.224  -5.899  1.00 27.30 ? 203 DMS A S   1 
HETATM 1117 O  O   . DMS D 4 .   ? -8.435  13.861  -6.026  1.00 31.16 ? 203 DMS A O   1 
HETATM 1118 C  C1  . DMS D 4 .   ? -5.949  14.620  -5.525  1.00 25.23 ? 203 DMS A C1  1 
HETATM 1119 C  C2  . DMS D 4 .   ? -7.025  12.405  -4.359  1.00 22.00 ? 203 DMS A C2  1 
HETATM 1120 S  S   . DMS E 4 .   ? 5.447   -12.536 -6.736  1.00 28.87 ? 204 DMS A S   1 
HETATM 1121 O  O   . DMS E 4 .   ? 6.005   -12.500 -5.361  1.00 23.14 ? 204 DMS A O   1 
HETATM 1122 C  C1  . DMS E 4 .   ? 6.712   -11.854 -7.797  1.00 31.16 ? 204 DMS A C1  1 
HETATM 1123 C  C2  . DMS E 4 .   ? 5.584   -14.249 -7.247  1.00 27.84 ? 204 DMS A C2  1 
HETATM 1124 S  S   . DMS F 4 .   ? -9.872  6.573   8.197   1.00 61.68 ? 205 DMS A S   1 
HETATM 1125 O  O   . DMS F 4 .   ? -10.489 7.095   9.470   1.00 55.97 ? 205 DMS A O   1 
HETATM 1126 C  C1  . DMS F 4 .   ? -11.056 6.908   6.906   1.00 60.74 ? 205 DMS A C1  1 
HETATM 1127 C  C2  . DMS F 4 .   ? -8.676  7.781   7.719   1.00 56.75 ? 205 DMS A C2  1 
HETATM 1128 S  S   . DMS G 4 .   ? 8.687   11.086  13.098  1.00 34.47 ? 206 DMS A S   1 
HETATM 1129 O  O   . DMS G 4 .   ? 8.694   9.719   13.706  1.00 33.49 ? 206 DMS A O   1 
HETATM 1130 C  C1  . DMS G 4 .   ? 7.204   11.870  13.672  1.00 32.78 ? 206 DMS A C1  1 
HETATM 1131 C  C2  . DMS G 4 .   ? 9.837   12.045  14.068  1.00 34.36 ? 206 DMS A C2  1 
HETATM 1132 S  S   . SO4 H 5 .   ? 19.681  -11.039 4.388   1.00 46.04 ? 207 SO4 A S   1 
HETATM 1133 O  O1  . SO4 H 5 .   ? 19.543  -10.545 3.045   1.00 48.82 ? 207 SO4 A O1  1 
HETATM 1134 O  O2  . SO4 H 5 .   ? 21.023  -11.511 4.587   1.00 47.02 ? 207 SO4 A O2  1 
HETATM 1135 O  O3  . SO4 H 5 .   ? 19.437  -9.963  5.355   0.50 44.00 ? 207 SO4 A O3  1 
HETATM 1136 O  O4  . SO4 H 5 .   ? 18.752  -12.113 4.606   1.00 45.94 ? 207 SO4 A O4  1 
HETATM 1137 O  O   . HOH I 6 .   ? -1.391  -1.751  16.763  1.00 23.97 ? 301 HOH A O   1 
HETATM 1138 O  O   . HOH I 6 .   ? 21.116  -8.382  0.550   1.00 30.04 ? 302 HOH A O   1 
HETATM 1139 O  O   . HOH I 6 .   ? -20.645 -3.656  -11.368 1.00 72.25 ? 303 HOH A O   1 
HETATM 1140 O  O   . HOH I 6 .   ? 10.587  -3.151  9.806   1.00 11.41 ? 304 HOH A O   1 
HETATM 1141 O  O   . HOH I 6 .   ? -15.254 6.063   -9.577  1.00 42.46 ? 305 HOH A O   1 
HETATM 1142 O  O   . HOH I 6 .   ? -12.062 5.719   -8.657  1.00 27.31 ? 306 HOH A O   1 
HETATM 1143 O  O   . HOH I 6 .   ? -7.357  -5.690  -15.285 1.00 44.24 ? 307 HOH A O   1 
HETATM 1144 O  O   . HOH I 6 .   ? -9.108  8.038   12.885  1.00 39.98 ? 308 HOH A O   1 
HETATM 1145 O  O   . HOH I 6 .   ? 3.731   -14.683 0.742   1.00 25.89 ? 309 HOH A O   1 
HETATM 1146 O  O   . HOH I 6 .   ? 9.948   -11.708 -0.911  1.00 40.43 ? 310 HOH A O   1 
HETATM 1147 O  O   . HOH I 6 .   ? -10.130 3.793   -0.200  1.00 17.71 ? 311 HOH A O   1 
HETATM 1148 O  O   . HOH I 6 .   ? -12.394 -3.397  -14.247 1.00 39.03 ? 312 HOH A O   1 
HETATM 1149 O  O   . HOH I 6 .   ? -8.709  4.091   12.248  1.00 20.32 ? 313 HOH A O   1 
HETATM 1150 O  O   . HOH I 6 .   ? 15.164  4.070   -3.690  1.00 44.28 ? 314 HOH A O   1 
HETATM 1151 O  O   . HOH I 6 .   ? -6.938  11.623  16.496  1.00 33.29 ? 315 HOH A O   1 
HETATM 1152 O  O   . HOH I 6 .   ? -1.211  -14.876 -9.389  1.00 22.43 ? 316 HOH A O   1 
HETATM 1153 O  O   . HOH I 6 .   ? -14.507 5.123   -12.042 1.00 40.10 ? 317 HOH A O   1 
HETATM 1154 O  O   . HOH I 6 .   ? -2.693  9.817   18.860  1.00 22.88 ? 318 HOH A O   1 
HETATM 1155 O  O   . HOH I 6 .   ? 11.689  -15.061 4.182   1.00 33.01 ? 319 HOH A O   1 
HETATM 1156 O  O   . HOH I 6 .   ? -12.525 -0.923  2.906   1.00 26.93 ? 320 HOH A O   1 
HETATM 1157 O  O   . HOH I 6 .   ? -9.029  -7.162  4.015   1.00 31.50 ? 321 HOH A O   1 
HETATM 1158 O  O   . HOH I 6 .   ? -10.261 0.856   -14.004 1.00 31.06 ? 322 HOH A O   1 
HETATM 1159 O  O   . HOH I 6 .   ? 2.635   -13.968 13.985  1.00 39.50 ? 323 HOH A O   1 
HETATM 1160 O  O   . HOH I 6 .   ? -9.046  -8.273  5.834   1.00 24.99 ? 324 HOH A O   1 
HETATM 1161 O  O   . HOH I 6 .   ? -4.563  13.308  -10.048 1.00 24.61 ? 325 HOH A O   1 
HETATM 1162 O  O   . HOH I 6 .   ? -3.256  -2.328  -19.441 1.00 46.27 ? 326 HOH A O   1 
HETATM 1163 O  O   . HOH I 6 .   ? -4.755  7.865   -15.668 1.00 27.35 ? 327 HOH A O   1 
HETATM 1164 O  O   . HOH I 6 .   ? 9.280   7.548   -7.673  1.00 16.98 ? 328 HOH A O   1 
HETATM 1165 O  O   . HOH I 6 .   ? 13.698  -10.319 11.606  1.00 18.09 ? 329 HOH A O   1 
HETATM 1166 O  O   . HOH I 6 .   ? 10.186  13.854  -6.528  1.00 42.09 ? 330 HOH A O   1 
HETATM 1167 O  O   . HOH I 6 .   ? 1.344   11.927  17.362  1.00 24.20 ? 331 HOH A O   1 
HETATM 1168 O  O   . HOH I 6 .   ? -13.810 -9.048  1.368   1.00 23.50 ? 332 HOH A O   1 
HETATM 1169 O  O   . HOH I 6 .   ? -5.180  -4.033  3.402   1.00 12.20 ? 333 HOH A O   1 
HETATM 1170 O  O   . HOH I 6 .   ? 5.589   13.064  10.238  1.00 23.34 ? 334 HOH A O   1 
HETATM 1171 O  O   . HOH I 6 .   ? -13.711 -8.469  -1.461  1.00 26.53 ? 335 HOH A O   1 
HETATM 1172 O  O   . HOH I 6 .   ? 16.917  -4.221  9.348   1.00 15.63 ? 336 HOH A O   1 
HETATM 1173 O  O   . HOH I 6 .   ? 2.604   -13.964 -5.465  1.00 17.90 ? 337 HOH A O   1 
HETATM 1174 O  O   . HOH I 6 .   ? 12.658  2.527   -0.847  1.00 14.18 ? 338 HOH A O   1 
HETATM 1175 O  O   . HOH I 6 .   ? 6.769   0.843   -7.938  1.00 15.17 ? 339 HOH A O   1 
HETATM 1176 O  O   . HOH I 6 .   ? 8.767   11.908  9.694   1.00 20.11 ? 340 HOH A O   1 
HETATM 1177 O  O   . HOH I 6 .   ? 6.072   4.354   -8.973  1.00 12.27 ? 341 HOH A O   1 
HETATM 1178 O  O   . HOH I 6 .   ? 7.350   -8.163  -8.188  1.00 47.23 ? 342 HOH A O   1 
HETATM 1179 O  O   . HOH I 6 .   ? -1.525  -6.380  9.095   1.00 14.70 ? 343 HOH A O   1 
HETATM 1180 O  O   . HOH I 6 .   ? -10.670 10.570  -6.203  1.00 16.49 ? 344 HOH A O   1 
HETATM 1181 O  O   . HOH I 6 .   ? -5.272  -13.010 4.255   1.00 24.42 ? 345 HOH A O   1 
HETATM 1182 O  O   . HOH I 6 .   ? -7.791  3.492   14.730  1.00 22.93 ? 346 HOH A O   1 
HETATM 1183 O  O   . HOH I 6 .   ? 11.535  -8.673  13.743  1.00 32.39 ? 347 HOH A O   1 
HETATM 1184 O  O   . HOH I 6 .   ? -9.588  9.355   -2.207  1.00 42.81 ? 348 HOH A O   1 
HETATM 1185 O  O   . HOH I 6 .   ? 7.416   -0.738  -11.618 1.00 24.02 ? 349 HOH A O   1 
HETATM 1186 O  O   . HOH I 6 .   ? -4.167  17.773  -4.706  1.00 21.86 ? 350 HOH A O   1 
HETATM 1187 O  O   . HOH I 6 .   ? 6.949   6.881   -9.005  1.00 12.80 ? 351 HOH A O   1 
HETATM 1188 O  O   . HOH I 6 .   ? -7.849  -15.048 2.899   1.00 21.40 ? 352 HOH A O   1 
HETATM 1189 O  O   . HOH I 6 .   ? 5.439   -3.239  -1.602  1.00 13.81 ? 353 HOH A O   1 
HETATM 1190 O  O   . HOH I 6 .   ? 10.703  10.390  6.478   1.00 10.89 ? 354 HOH A O   1 
HETATM 1191 O  O   . HOH I 6 .   ? 16.065  -3.444  6.722   1.00 18.71 ? 355 HOH A O   1 
HETATM 1192 O  O   . HOH I 6 .   ? -13.393 5.866   -2.554  1.00 12.60 ? 356 HOH A O   1 
HETATM 1193 O  O   . HOH I 6 .   ? 11.410  -0.797  9.628   1.00 14.62 ? 357 HOH A O   1 
HETATM 1194 O  O   . HOH I 6 .   ? -3.132  2.989   9.140   1.00 10.64 ? 358 HOH A O   1 
HETATM 1195 O  O   . HOH I 6 .   ? -10.513 -16.119 -8.279  1.00 21.98 ? 359 HOH A O   1 
HETATM 1196 O  O   . HOH I 6 .   ? 0.420   -13.563 6.542   1.00 16.02 ? 360 HOH A O   1 
HETATM 1197 O  O   . HOH I 6 .   ? 12.464  3.624   -7.908  1.00 25.58 ? 361 HOH A O   1 
HETATM 1198 O  O   . HOH I 6 .   ? -10.488 -0.744  7.125   1.00 34.88 ? 362 HOH A O   1 
HETATM 1199 O  O   . HOH I 6 .   ? 6.199   -0.386  15.294  1.00 25.57 ? 363 HOH A O   1 
HETATM 1200 O  O   . HOH I 6 .   ? -5.755  2.190   8.385   1.00 15.83 ? 364 HOH A O   1 
HETATM 1201 O  O   . HOH I 6 .   ? 4.267   -2.565  -12.799 1.00 21.93 ? 365 HOH A O   1 
HETATM 1202 O  O   . HOH I 6 .   ? 0.222   -16.724 -5.052  1.00 21.44 ? 366 HOH A O   1 
HETATM 1203 O  O   . HOH I 6 .   ? -9.288  8.257   1.622   1.00 23.60 ? 367 HOH A O   1 
HETATM 1204 O  O   . HOH I 6 .   ? 7.249   2.301   13.016  1.00 16.27 ? 368 HOH A O   1 
HETATM 1205 O  O   . HOH I 6 .   ? 10.729  10.659  -13.043 1.00 26.51 ? 369 HOH A O   1 
HETATM 1206 O  O   . HOH I 6 .   ? -13.395 0.181   -6.610  1.00 25.10 ? 370 HOH A O   1 
HETATM 1207 O  O   . HOH I 6 .   ? -13.579 -7.019  -4.298  1.00 27.71 ? 371 HOH A O   1 
HETATM 1208 O  O   . HOH I 6 .   ? 10.104  7.259   14.057  1.00 15.11 ? 372 HOH A O   1 
HETATM 1209 O  O   . HOH I 6 .   ? -9.981  -18.618 -0.224  1.00 17.82 ? 373 HOH A O   1 
HETATM 1210 O  O   . HOH I 6 .   ? 7.383   4.180   16.068  1.00 31.38 ? 374 HOH A O   1 
HETATM 1211 O  O   . HOH I 6 .   ? -7.341  2.724   3.127   1.00 19.03 ? 375 HOH A O   1 
HETATM 1212 O  O   . HOH I 6 .   ? -6.861  -10.873 -14.158 1.00 32.32 ? 376 HOH A O   1 
HETATM 1213 O  O   . HOH I 6 .   ? -2.127  2.780   19.831  1.00 11.02 ? 377 HOH A O   1 
HETATM 1214 O  O   . HOH I 6 .   ? 10.121  -1.571  16.453  1.00 26.67 ? 378 HOH A O   1 
HETATM 1215 O  O   . HOH I 6 .   ? 9.395   -5.337  9.853   1.00 14.66 ? 379 HOH A O   1 
HETATM 1216 O  O   . HOH I 6 .   ? 15.738  -1.776  -5.481  1.00 31.01 ? 380 HOH A O   1 
HETATM 1217 O  O   . HOH I 6 .   ? 15.067  2.052   11.208  1.00 14.91 ? 381 HOH A O   1 
HETATM 1218 O  O   . HOH I 6 .   ? -4.208  -13.674 1.780   1.00 19.34 ? 382 HOH A O   1 
HETATM 1219 O  O   . HOH I 6 .   ? -12.637 -5.483  -12.353 1.00 27.40 ? 383 HOH A O   1 
HETATM 1220 O  O   . HOH I 6 .   ? 8.672   8.162   -5.088  1.00 14.37 ? 384 HOH A O   1 
HETATM 1221 O  O   . HOH I 6 .   ? 7.186   15.718  7.640   1.00 40.07 ? 385 HOH A O   1 
HETATM 1222 O  O   . HOH I 6 .   ? -6.893  6.706   -10.901 1.00 15.88 ? 386 HOH A O   1 
HETATM 1223 O  O   . HOH I 6 .   ? 5.092   -6.398  4.664   1.00 13.07 ? 387 HOH A O   1 
HETATM 1224 O  O   . HOH I 6 .   ? 6.136   13.717  -10.749 1.00 16.79 ? 388 HOH A O   1 
HETATM 1225 O  O   . HOH I 6 .   ? 3.908   -2.407  -4.143  1.00 11.52 ? 389 HOH A O   1 
HETATM 1226 O  O   . HOH I 6 .   ? 10.165  -1.769  7.241   1.00 15.43 ? 390 HOH A O   1 
HETATM 1227 O  O   . HOH I 6 .   ? 8.345   15.176  -3.991  1.00 22.95 ? 391 HOH A O   1 
HETATM 1228 O  O   . HOH I 6 .   ? 4.567   15.856  3.272   1.00 28.30 ? 392 HOH A O   1 
HETATM 1229 O  O   . HOH I 6 .   ? -1.434  -4.075  15.227  1.00 17.31 ? 393 HOH A O   1 
HETATM 1230 O  O   . HOH I 6 .   ? -4.584  13.859  11.509  1.00 22.67 ? 394 HOH A O   1 
HETATM 1231 O  O   . HOH I 6 .   ? 2.331   2.685   20.061  1.00 17.21 ? 395 HOH A O   1 
HETATM 1232 O  O   . HOH I 6 .   ? 0.383   -12.428 1.502   1.00 14.35 ? 396 HOH A O   1 
HETATM 1233 O  O   . HOH I 6 .   ? -16.212 -16.023 -7.374  1.00 24.28 ? 397 HOH A O   1 
HETATM 1234 O  O   . HOH I 6 .   ? 7.007   -14.629 -1.249  1.00 37.08 ? 398 HOH A O   1 
HETATM 1235 O  O   . HOH I 6 .   ? -5.690  -4.582  10.233  1.00 19.30 ? 399 HOH A O   1 
HETATM 1236 O  O   . HOH I 6 .   ? -3.796  9.666   3.883   1.00 16.87 ? 400 HOH A O   1 
HETATM 1237 O  O   . HOH I 6 .   ? 12.867  -2.323  6.232   1.00 14.58 ? 401 HOH A O   1 
HETATM 1238 O  O   . HOH I 6 .   ? -20.710 2.622   -8.793  1.00 21.93 ? 402 HOH A O   1 
HETATM 1239 O  O   . HOH I 6 .   ? 3.774   8.530   17.437  1.00 22.84 ? 403 HOH A O   1 
HETATM 1240 O  O   . HOH I 6 .   ? 8.648   -8.850  6.855   1.00 13.35 ? 404 HOH A O   1 
HETATM 1241 O  O   . HOH I 6 .   ? 14.762  -2.741  10.504  1.00 15.99 ? 405 HOH A O   1 
HETATM 1242 O  O   . HOH I 6 .   ? -12.613 -15.749 -10.003 1.00 23.91 ? 406 HOH A O   1 
HETATM 1243 O  O   . HOH I 6 .   ? -0.211  0.750   20.244  1.00 14.99 ? 407 HOH A O   1 
HETATM 1244 O  O   . HOH I 6 .   ? -15.750 0.061   -5.035  1.00 24.10 ? 408 HOH A O   1 
HETATM 1245 O  O   . HOH I 6 .   ? 8.795   -5.830  12.524  1.00 21.06 ? 409 HOH A O   1 
HETATM 1246 O  O   . HOH I 6 .   ? 5.130   -7.270  13.898  1.00 24.75 ? 410 HOH A O   1 
HETATM 1247 O  O   . HOH I 6 .   ? -18.793 -2.795  -4.651  1.00 36.73 ? 411 HOH A O   1 
HETATM 1248 O  O   . HOH I 6 .   ? -8.089  9.941   -4.482  1.00 20.90 ? 412 HOH A O   1 
HETATM 1249 O  O   . HOH I 6 .   ? -9.558  -14.963 -10.712 1.00 32.13 ? 413 HOH A O   1 
HETATM 1250 O  O   . HOH I 6 .   ? -0.477  -12.550 11.501  1.00 37.44 ? 414 HOH A O   1 
HETATM 1251 O  O   . HOH I 6 .   ? -12.140 -0.879  -13.539 1.00 33.17 ? 415 HOH A O   1 
HETATM 1252 O  O   . HOH I 6 .   ? 0.920   -5.485  -12.890 1.00 27.38 ? 416 HOH A O   1 
HETATM 1253 O  O   . HOH I 6 .   ? -14.567 -13.335 2.309   1.00 18.96 ? 417 HOH A O   1 
HETATM 1254 O  O   . HOH I 6 .   ? -9.181  13.017  -9.281  1.00 35.93 ? 418 HOH A O   1 
HETATM 1255 O  O   . HOH I 6 .   ? 11.317  -2.544  -6.336  1.00 20.53 ? 419 HOH A O   1 
HETATM 1256 O  O   . HOH I 6 .   ? 0.276   15.253  11.908  1.00 24.05 ? 420 HOH A O   1 
HETATM 1257 O  O   . HOH I 6 .   ? 14.666  7.396   -3.210  1.00 17.24 ? 421 HOH A O   1 
HETATM 1258 O  O   . HOH I 6 .   ? 14.721  -14.717 6.188   1.00 46.45 ? 422 HOH A O   1 
HETATM 1259 O  O   . HOH I 6 .   ? -15.042 -3.919  0.685   1.00 35.11 ? 423 HOH A O   1 
HETATM 1260 O  O   . HOH I 6 .   ? -2.499  -11.455 8.115   1.00 39.94 ? 424 HOH A O   1 
HETATM 1261 O  O   . HOH I 6 .   ? 8.068   -7.970  4.194   1.00 19.95 ? 425 HOH A O   1 
HETATM 1262 O  O   . HOH I 6 .   ? 15.488  10.042  -4.478  1.00 31.63 ? 426 HOH A O   1 
HETATM 1263 O  O   . HOH I 6 .   ? 5.152   -5.990  -10.067 1.00 27.44 ? 427 HOH A O   1 
HETATM 1264 O  O   . HOH I 6 .   ? -6.666  -0.148  10.890  1.00 27.65 ? 428 HOH A O   1 
HETATM 1265 O  O   . HOH I 6 .   ? 5.782   10.312  10.685  1.00 15.78 ? 429 HOH A O   1 
HETATM 1266 O  O   . HOH I 6 .   ? 6.239   -7.217  7.153   1.00 13.12 ? 430 HOH A O   1 
HETATM 1267 O  O   . HOH I 6 .   ? 8.313   14.246  -12.285 1.00 26.86 ? 431 HOH A O   1 
HETATM 1268 O  O   . HOH I 6 .   ? -3.031  4.406   -16.972 1.00 26.20 ? 432 HOH A O   1 
HETATM 1269 O  O   . HOH I 6 .   ? -3.015  15.247  -1.063  1.00 24.23 ? 433 HOH A O   1 
HETATM 1270 O  O   . HOH I 6 .   ? 4.351   8.922   12.575  1.00 12.66 ? 434 HOH A O   1 
HETATM 1271 O  O   . HOH I 6 .   ? -6.421  8.156   20.081  1.00 15.81 ? 435 HOH A O   1 
HETATM 1272 O  O   . HOH I 6 .   ? 9.234   12.658  7.016   1.00 17.05 ? 436 HOH A O   1 
HETATM 1273 O  O   . HOH I 6 .   ? -6.357  5.661   4.951   1.00 16.96 ? 437 HOH A O   1 
HETATM 1274 O  O   . HOH I 6 .   ? -9.956  -3.776  3.714   1.00 20.90 ? 438 HOH A O   1 
HETATM 1275 O  O   . HOH I 6 .   ? 3.138   -2.388  9.748   1.00 16.29 ? 439 HOH A O   1 
HETATM 1276 O  O   . HOH I 6 .   ? 8.391   1.677   15.291  1.00 20.32 ? 440 HOH A O   1 
HETATM 1277 O  O   . HOH I 6 .   ? 12.093  -14.479 9.840   1.00 17.43 ? 441 HOH A O   1 
HETATM 1278 O  O   . HOH I 6 .   ? 13.164  -12.660 0.551   1.00 26.72 ? 442 HOH A O   1 
HETATM 1279 O  O   . HOH I 6 .   ? 3.369   17.485  -11.058 1.00 29.59 ? 443 HOH A O   1 
HETATM 1280 O  O   . HOH I 6 .   ? -7.482  -4.441  4.963   1.00 15.70 ? 444 HOH A O   1 
HETATM 1281 O  O   . HOH I 6 .   ? 12.661  -3.773  8.716   1.00 14.48 ? 445 HOH A O   1 
HETATM 1282 O  O   . HOH I 6 .   ? -5.675  12.930  -1.934  1.00 28.67 ? 446 HOH A O   1 
HETATM 1283 O  O   . HOH I 6 .   ? -0.599  11.235  19.362  1.00 23.13 ? 447 HOH A O   1 
HETATM 1284 O  O   . HOH I 6 .   ? -11.751 -14.259 4.650   1.00 23.75 ? 448 HOH A O   1 
HETATM 1285 O  O   . HOH I 6 .   ? -1.433  -12.255 -10.411 1.00 17.37 ? 449 HOH A O   1 
HETATM 1286 O  O   . HOH I 6 .   ? -10.620 1.089   3.250   1.00 22.64 ? 450 HOH A O   1 
HETATM 1287 O  O   . HOH I 6 .   ? -1.381  -8.696  10.776  1.00 37.73 ? 451 HOH A O   1 
HETATM 1288 O  O   . HOH I 6 .   ? 0.283   -5.817  16.604  1.00 24.18 ? 452 HOH A O   1 
HETATM 1289 O  O   . HOH I 6 .   ? 6.804   -4.910  8.889   1.00 12.59 ? 453 HOH A O   1 
HETATM 1290 O  O   . HOH I 6 .   ? -11.099 -6.663  4.382   1.00 28.90 ? 454 HOH A O   1 
HETATM 1291 O  O   . HOH I 6 .   ? -14.171 0.891   -14.166 1.00 42.08 ? 455 HOH A O   1 
HETATM 1292 O  O   . HOH I 6 .   ? 7.717   16.088  4.292   1.00 30.24 ? 456 HOH A O   1 
HETATM 1293 O  O   . HOH I 6 .   ? 2.444   15.883  -2.260  1.00 22.67 ? 457 HOH A O   1 
HETATM 1294 O  O   . HOH I 6 .   ? -12.463 4.222   17.533  1.00 41.47 ? 458 HOH A O   1 
HETATM 1295 O  O   . HOH I 6 .   ? 1.378   -0.843  -15.701 1.00 18.60 ? 459 HOH A O   1 
HETATM 1296 O  O   . HOH I 6 .   ? -17.963 -5.520  -4.647  1.00 39.33 ? 460 HOH A O   1 
HETATM 1297 O  O   . HOH I 6 .   ? -19.570 -0.193  -11.826 1.00 33.77 ? 461 HOH A O   1 
HETATM 1298 O  O   . HOH I 6 .   ? -2.731  -11.652 -12.644 1.00 42.22 ? 462 HOH A O   1 
HETATM 1299 O  O   . HOH I 6 .   ? 2.513   -13.514 -8.681  1.00 37.33 ? 463 HOH A O   1 
HETATM 1300 O  O   . HOH I 6 .   ? -16.490 -18.849 -3.513  1.00 28.29 ? 464 HOH A O   1 
HETATM 1301 O  O   . HOH I 6 .   ? -6.856  8.540   4.794   1.00 20.06 ? 465 HOH A O   1 
HETATM 1302 O  O   . HOH I 6 .   ? -9.240  6.956   -14.664 1.00 38.04 ? 466 HOH A O   1 
HETATM 1303 O  O   . HOH I 6 .   ? 14.666  -5.438  14.045  1.00 36.93 ? 467 HOH A O   1 
HETATM 1304 O  O   . HOH I 6 .   ? -3.001  -6.419  13.182  1.00 26.25 ? 468 HOH A O   1 
HETATM 1305 O  O   . HOH I 6 .   ? -14.763 4.341   -2.280  1.00 35.78 ? 469 HOH A O   1 
HETATM 1306 O  O   . HOH I 6 .   ? -17.207 -8.692  -7.546  1.00 48.51 ? 470 HOH A O   1 
HETATM 1307 O  O   . HOH I 6 .   ? 11.653  -3.453  11.862  1.00 22.97 ? 471 HOH A O   1 
HETATM 1308 O  O   . HOH I 6 .   ? 10.513  -0.675  -7.586  1.00 32.79 ? 472 HOH A O   1 
HETATM 1309 O  O   . HOH I 6 .   ? 4.916   -4.320  10.929  1.00 18.96 ? 473 HOH A O   1 
HETATM 1310 O  O   . HOH I 6 .   ? -1.540  0.451   -19.170 1.00 25.34 ? 474 HOH A O   1 
HETATM 1311 O  O   . HOH I 6 .   ? 3.117   18.612  -2.638  1.00 42.92 ? 475 HOH A O   1 
HETATM 1312 O  O   . HOH I 6 .   ? -12.603 6.883   18.467  1.00 43.18 ? 476 HOH A O   1 
HETATM 1313 O  O   . HOH I 6 .   ? 11.518  -10.150 -3.432  1.00 37.87 ? 477 HOH A O   1 
HETATM 1314 O  O   . HOH I 6 .   ? -7.090  12.887  12.268  1.00 29.40 ? 478 HOH A O   1 
HETATM 1315 O  O   . HOH I 6 .   ? 7.961   6.875   15.551  1.00 25.68 ? 479 HOH A O   1 
HETATM 1316 O  O   . HOH I 6 .   ? 8.884   -13.942 0.593   1.00 29.74 ? 480 HOH A O   1 
HETATM 1317 O  O   . HOH I 6 .   ? -11.436 8.775   19.475  1.00 32.33 ? 481 HOH A O   1 
HETATM 1318 O  O   . HOH I 6 .   ? -13.535 -7.228  3.377   1.00 31.20 ? 482 HOH A O   1 
HETATM 1319 O  O   . HOH I 6 .   ? 6.160   15.142  -8.323  1.00 19.06 ? 483 HOH A O   1 
HETATM 1320 O  O   . HOH I 6 .   ? 2.054   -2.917  -14.070 1.00 22.91 ? 484 HOH A O   1 
HETATM 1321 O  O   . HOH I 6 .   ? 1.962   -3.790  17.718  1.00 24.63 ? 485 HOH A O   1 
HETATM 1322 O  O   . HOH I 6 .   ? 8.689   15.579  -7.439  1.00 36.40 ? 486 HOH A O   1 
HETATM 1323 O  O   . HOH I 6 .   ? 13.485  -14.758 2.555   1.00 31.61 ? 487 HOH A O   1 
HETATM 1324 O  O   . HOH I 6 .   ? 11.080  -9.164  -5.838  1.00 31.27 ? 488 HOH A O   1 
HETATM 1325 O  O   . HOH I 6 .   ? -0.233  -1.578  -17.559 1.00 22.94 ? 489 HOH A O   1 
HETATM 1326 O  O   . HOH I 6 .   ? 4.625   9.671   15.199  1.00 23.19 ? 490 HOH A O   1 
HETATM 1327 O  O   . HOH I 6 .   ? -11.453 14.233  -8.239  1.00 28.24 ? 491 HOH A O   1 
HETATM 1328 O  O   . HOH I 6 .   ? -7.551  -12.693 6.562   1.00 47.29 ? 492 HOH A O   1 
HETATM 1329 O  O   . HOH I 6 .   ? -6.201  -4.320  -17.242 1.00 41.81 ? 493 HOH A O   1 
HETATM 1330 O  O   . HOH I 6 .   ? -21.430 0.895   -10.701 1.00 34.66 ? 494 HOH A O   1 
HETATM 1331 O  O   . HOH I 6 .   ? 12.223  2.979   17.572  1.00 45.24 ? 495 HOH A O   1 
HETATM 1332 O  O   . HOH I 6 .   ? 0.110   -7.104  -14.622 1.00 35.56 ? 496 HOH A O   1 
HETATM 1333 O  O   . HOH I 6 .   ? -3.935  -6.314  10.695  1.00 31.50 ? 497 HOH A O   1 
HETATM 1334 O  O   . HOH I 6 .   ? 3.312   -6.087  -11.861 1.00 39.42 ? 498 HOH A O   1 
HETATM 1335 O  O   . HOH I 6 .   ? 5.424   17.619  -8.969  1.00 31.71 ? 499 HOH A O   1 
HETATM 1336 O  O   . HOH I 6 .   ? 8.415   3.076   -9.278  1.00 22.28 ? 500 HOH A O   1 
HETATM 1337 O  O   . HOH I 6 .   ? 6.205   -4.877  13.082  1.00 22.46 ? 501 HOH A O   1 
HETATM 1338 O  O   . HOH I 6 .   ? 6.328   -3.262  15.372  1.00 28.99 ? 502 HOH A O   1 
HETATM 1339 O  O   . HOH I 6 .   ? -23.265 -0.537  -7.504  1.00 55.08 ? 503 HOH A O   1 
HETATM 1340 O  O   . HOH I 6 .   ? -16.053 2.242   -2.676  1.00 37.21 ? 504 HOH A O   1 
HETATM 1341 O  O   . HOH I 6 .   ? -11.571 12.751  -3.321  1.00 17.58 ? 505 HOH A O   1 
HETATM 1342 O  O   . HOH I 6 .   ? 14.267  -0.170  9.620   1.00 14.75 ? 506 HOH A O   1 
HETATM 1343 O  O   . HOH I 6 .   ? -15.264 -4.136  -2.330  1.00 35.94 ? 507 HOH A O   1 
HETATM 1344 O  O   . HOH I 6 .   ? 4.599   12.438  15.983  1.00 31.07 ? 508 HOH A O   1 
HETATM 1345 O  O   . HOH I 6 .   ? 15.074  -0.730  6.978   1.00 13.99 ? 509 HOH A O   1 
HETATM 1346 O  O   . HOH I 6 .   ? 23.342  -9.910  1.031   1.00 32.95 ? 510 HOH A O   1 
HETATM 1347 O  O   . HOH I 6 .   ? 10.790  5.287   -8.807  1.00 26.43 ? 511 HOH A O   1 
HETATM 1348 O  O   . HOH I 6 .   ? -8.183  -6.161  7.031   1.00 21.12 ? 512 HOH A O   1 
HETATM 1349 O  O   . HOH I 6 .   ? -9.862  11.018  16.551  1.00 38.18 ? 513 HOH A O   1 
HETATM 1350 O  O   . HOH I 6 .   ? -4.981  -9.792  14.735  1.00 36.96 ? 514 HOH A O   1 
HETATM 1351 O  O   . HOH I 6 .   ? 4.857   14.838  11.993  1.00 36.64 ? 515 HOH A O   1 
HETATM 1352 O  O   . HOH I 6 .   ? -16.616 -1.892  -3.347  1.00 31.56 ? 516 HOH A O   1 
HETATM 1353 O  O   . HOH I 6 .   ? -7.143  10.524  19.161  1.00 28.43 ? 517 HOH A O   1 
HETATM 1354 O  O   . HOH I 6 .   ? 10.614  -4.778  14.029  1.00 33.01 ? 518 HOH A O   1 
HETATM 1355 O  O   . HOH I 6 .   ? -10.312 -10.376 7.208   1.00 38.36 ? 519 HOH A O   1 
HETATM 1356 O  O   . HOH I 6 .   ? 13.284  -10.307 14.188  1.00 33.68 ? 520 HOH A O   1 
HETATM 1357 O  O   . HOH I 6 .   ? 14.250  -13.088 11.153  1.00 27.24 ? 521 HOH A O   1 
HETATM 1358 O  O   . HOH I 6 .   ? -3.625  -4.553  -18.703 1.00 37.65 ? 522 HOH A O   1 
HETATM 1359 O  O   . HOH I 6 .   ? 8.935   -3.753  16.192  1.00 28.77 ? 523 HOH A O   1 
HETATM 1360 O  O   . HOH I 6 .   ? -2.984  20.496  -8.456  1.00 41.49 ? 524 HOH A O   1 
HETATM 1361 O  O   . HOH I 6 .   ? -11.934 -7.730  -13.204 1.00 42.83 ? 525 HOH A O   1 
HETATM 1362 O  O   . HOH I 6 .   ? -7.305  -6.495  9.661   1.00 27.41 ? 526 HOH A O   1 
HETATM 1363 O  O   . HOH I 6 .   ? -17.176 -17.712 -5.821  1.00 31.89 ? 527 HOH A O   1 
HETATM 1364 O  O   . HOH I 6 .   ? 12.655  -6.570  14.873  1.00 29.06 ? 528 HOH A O   1 
HETATM 1365 O  O   . HOH I 6 .   ? 2.883   15.914  12.274  1.00 39.38 ? 529 HOH A O   1 
HETATM 1366 O  O   . HOH I 6 .   ? 17.109  -9.482  -2.974  1.00 51.66 ? 530 HOH A O   1 
HETATM 1367 O  O   . HOH I 6 .   ? -0.973  -4.057  -18.186 1.00 28.56 ? 531 HOH A O   1 
HETATM 1368 O  O   . HOH I 6 .   ? 1.801   15.285  14.464  1.00 39.48 ? 532 HOH A O   1 
HETATM 1369 O  O   . HOH I 6 .   ? 14.937  -10.655 -3.545  1.00 37.70 ? 533 HOH A O   1 
HETATM 1370 O  O   . HOH I 6 .   ? -23.258 4.490   -13.773 1.00 50.54 ? 534 HOH A O   1 
HETATM 1371 O  O   . HOH I 6 .   ? -5.616  -8.381  10.807  1.00 28.98 ? 535 HOH A O   1 
HETATM 1372 O  O   . HOH I 6 .   ? 17.320  -9.608  -6.276  1.00 45.98 ? 536 HOH A O   1 
# 
